data_5W7N
# 
_entry.id   5W7N 
# 
_audit_conform.dict_name       mmcif_pdbx.dic 
_audit_conform.dict_version    5.379 
_audit_conform.dict_location   http://mmcif.pdb.org/dictionaries/ascii/mmcif_pdbx.dic 
# 
loop_
_database_2.database_id 
_database_2.database_code 
_database_2.pdbx_database_accession 
_database_2.pdbx_DOI 
PDB   5W7N         pdb_00005w7n 10.2210/pdb5w7n/pdb 
WWPDB D_1000228371 ?            ?                   
# 
_pdbx_database_status.status_code                     REL 
_pdbx_database_status.status_code_sf                  REL 
_pdbx_database_status.status_code_mr                  ? 
_pdbx_database_status.entry_id                        5W7N 
_pdbx_database_status.recvd_initial_deposition_date   2017-06-20 
_pdbx_database_status.SG_entry                        N 
_pdbx_database_status.deposit_site                    RCSB 
_pdbx_database_status.process_site                    RCSB 
_pdbx_database_status.status_code_cs                  ? 
_pdbx_database_status.methods_development_category    ? 
_pdbx_database_status.pdb_format_compatible           Y 
_pdbx_database_status.status_code_nmr_data            ? 
# 
loop_
_audit_author.name 
_audit_author.pdbx_ordinal 
_audit_author.identifier_ORCID 
'Fang, Z.'  1 ? 
'Yang, F.'  2 ? 
'Huang, Z.' 3 ? 
# 
_citation.abstract                  ? 
_citation.abstract_id_CAS           ? 
_citation.book_id_ISBN              ? 
_citation.book_publisher            ? 
_citation.book_publisher_city       ? 
_citation.book_title                ? 
_citation.coordinate_linkage        ? 
_citation.country                   ? 
_citation.database_id_Medline       ? 
_citation.details                   ? 
_citation.id                        primary 
_citation.journal_abbrev            'To Be Published' 
_citation.journal_id_ASTM           ? 
_citation.journal_id_CSD            0353 
_citation.journal_id_ISSN           ? 
_citation.journal_full              ? 
_citation.journal_issue             ? 
_citation.journal_volume            ? 
_citation.language                  ? 
_citation.page_first                ? 
_citation.page_last                 ? 
_citation.title                     
'2-Se-T2/4-modified-DNA and native RNA hybrid in complex with RNase H catalytic domain D132N mutant' 
_citation.year                      ? 
_citation.database_id_CSD           ? 
_citation.pdbx_database_id_DOI      ? 
_citation.pdbx_database_id_PubMed   ? 
_citation.unpublished_flag          ? 
# 
loop_
_citation_author.citation_id 
_citation_author.name 
_citation_author.ordinal 
_citation_author.identifier_ORCID 
primary 'Fang, Z.'  1 ? 
primary 'Yang, F.'  2 ? 
primary 'Huang, Z.' 3 ? 
# 
_cell.angle_alpha                  90.00 
_cell.angle_alpha_esd              ? 
_cell.angle_beta                   95.95 
_cell.angle_beta_esd               ? 
_cell.angle_gamma                  90.00 
_cell.angle_gamma_esd              ? 
_cell.entry_id                     5W7N 
_cell.details                      ? 
_cell.formula_units_Z              ? 
_cell.length_a                     80.686 
_cell.length_a_esd                 ? 
_cell.length_b                     37.690 
_cell.length_b_esd                 ? 
_cell.length_c                     62.180 
_cell.length_c_esd                 ? 
_cell.volume                       ? 
_cell.volume_esd                   ? 
_cell.Z_PDB                        4 
_cell.reciprocal_angle_alpha       ? 
_cell.reciprocal_angle_beta        ? 
_cell.reciprocal_angle_gamma       ? 
_cell.reciprocal_angle_alpha_esd   ? 
_cell.reciprocal_angle_beta_esd    ? 
_cell.reciprocal_angle_gamma_esd   ? 
_cell.reciprocal_length_a          ? 
_cell.reciprocal_length_b          ? 
_cell.reciprocal_length_c          ? 
_cell.reciprocal_length_a_esd      ? 
_cell.reciprocal_length_b_esd      ? 
_cell.reciprocal_length_c_esd      ? 
_cell.pdbx_unique_axis             ? 
# 
_symmetry.entry_id                         5W7N 
_symmetry.cell_setting                     ? 
_symmetry.Int_Tables_number                5 
_symmetry.space_group_name_Hall            ? 
_symmetry.space_group_name_H-M             'C 1 2 1' 
_symmetry.pdbx_full_space_group_name_H-M   ? 
# 
loop_
_entity.id 
_entity.type 
_entity.src_method 
_entity.pdbx_description 
_entity.formula_weight 
_entity.pdbx_number_of_molecules 
_entity.pdbx_ec 
_entity.pdbx_mutation 
_entity.pdbx_fragment 
_entity.details 
1 polymer     syn 
;RNA (5'-R(*UP*CP*GP*AP*CP*A)-3')
;
1875.189  1  ?        ?     ?                 ? 
2 polymer     syn 
;DNA (5'-D(*AP*(US3)P*GP*(US3)P*CP*G)-3')
;
1950.150  1  ?        ?     ?                 ? 
3 polymer     man 'Ribonuclease H'                           15243.206 1  3.1.26.4 D132N 'residues 62-193' ? 
4 non-polymer syn 'MAGNESIUM ION'                            24.305    2  ?        ?     ?                 ? 
5 water       nat water                                      18.015    48 ?        ?     ?                 ? 
# 
_entity_name_com.entity_id   3 
_entity_name_com.name        'RNase H' 
# 
loop_
_entity_poly.entity_id 
_entity_poly.type 
_entity_poly.nstd_linkage 
_entity_poly.nstd_monomer 
_entity_poly.pdbx_seq_one_letter_code 
_entity_poly.pdbx_seq_one_letter_code_can 
_entity_poly.pdbx_strand_id 
_entity_poly.pdbx_target_identifier 
1 polyribonucleotide      no no  UCGACA UCGACA B ? 
2 polydeoxyribonucleotide no yes '(DA)(US3)(DG)(US3)(DC)(DG)' ATGTCG C ? 
3 'polypeptide(L)'        no no  
;EIIWESLSVDVGSQGNPGIVEYKGVDTKTGEVLFEREPIPIGTNNMGEFLAIVHGLRYLKERNSRKPIYSNSQTAIKWVK
DKKAKSTLVRNEETALIWKLVDEAEEWLNTHTYETPILKWQTDKWGEIKADY
;
;EIIWESLSVDVGSQGNPGIVEYKGVDTKTGEVLFEREPIPIGTNNMGEFLAIVHGLRYLKERNSRKPIYSNSQTAIKWVK
DKKAKSTLVRNEETALIWKLVDEAEEWLNTHTYETPILKWQTDKWGEIKADY
;
A ? 
# 
loop_
_entity_poly_seq.entity_id 
_entity_poly_seq.num 
_entity_poly_seq.mon_id 
_entity_poly_seq.hetero 
1 1   U   n 
1 2   C   n 
1 3   G   n 
1 4   A   n 
1 5   C   n 
1 6   A   n 
2 1   DA  n 
2 2   US3 n 
2 3   DG  n 
2 4   US3 n 
2 5   DC  n 
2 6   DG  n 
3 1   GLU n 
3 2   ILE n 
3 3   ILE n 
3 4   TRP n 
3 5   GLU n 
3 6   SER n 
3 7   LEU n 
3 8   SER n 
3 9   VAL n 
3 10  ASP n 
3 11  VAL n 
3 12  GLY n 
3 13  SER n 
3 14  GLN n 
3 15  GLY n 
3 16  ASN n 
3 17  PRO n 
3 18  GLY n 
3 19  ILE n 
3 20  VAL n 
3 21  GLU n 
3 22  TYR n 
3 23  LYS n 
3 24  GLY n 
3 25  VAL n 
3 26  ASP n 
3 27  THR n 
3 28  LYS n 
3 29  THR n 
3 30  GLY n 
3 31  GLU n 
3 32  VAL n 
3 33  LEU n 
3 34  PHE n 
3 35  GLU n 
3 36  ARG n 
3 37  GLU n 
3 38  PRO n 
3 39  ILE n 
3 40  PRO n 
3 41  ILE n 
3 42  GLY n 
3 43  THR n 
3 44  ASN n 
3 45  ASN n 
3 46  MET n 
3 47  GLY n 
3 48  GLU n 
3 49  PHE n 
3 50  LEU n 
3 51  ALA n 
3 52  ILE n 
3 53  VAL n 
3 54  HIS n 
3 55  GLY n 
3 56  LEU n 
3 57  ARG n 
3 58  TYR n 
3 59  LEU n 
3 60  LYS n 
3 61  GLU n 
3 62  ARG n 
3 63  ASN n 
3 64  SER n 
3 65  ARG n 
3 66  LYS n 
3 67  PRO n 
3 68  ILE n 
3 69  TYR n 
3 70  SER n 
3 71  ASN n 
3 72  SER n 
3 73  GLN n 
3 74  THR n 
3 75  ALA n 
3 76  ILE n 
3 77  LYS n 
3 78  TRP n 
3 79  VAL n 
3 80  LYS n 
3 81  ASP n 
3 82  LYS n 
3 83  LYS n 
3 84  ALA n 
3 85  LYS n 
3 86  SER n 
3 87  THR n 
3 88  LEU n 
3 89  VAL n 
3 90  ARG n 
3 91  ASN n 
3 92  GLU n 
3 93  GLU n 
3 94  THR n 
3 95  ALA n 
3 96  LEU n 
3 97  ILE n 
3 98  TRP n 
3 99  LYS n 
3 100 LEU n 
3 101 VAL n 
3 102 ASP n 
3 103 GLU n 
3 104 ALA n 
3 105 GLU n 
3 106 GLU n 
3 107 TRP n 
3 108 LEU n 
3 109 ASN n 
3 110 THR n 
3 111 HIS n 
3 112 THR n 
3 113 TYR n 
3 114 GLU n 
3 115 THR n 
3 116 PRO n 
3 117 ILE n 
3 118 LEU n 
3 119 LYS n 
3 120 TRP n 
3 121 GLN n 
3 122 THR n 
3 123 ASP n 
3 124 LYS n 
3 125 TRP n 
3 126 GLY n 
3 127 GLU n 
3 128 ILE n 
3 129 LYS n 
3 130 ALA n 
3 131 ASP n 
3 132 TYR n 
# 
_entity_src_gen.entity_id                          3 
_entity_src_gen.pdbx_src_id                        1 
_entity_src_gen.pdbx_alt_source_flag               sample 
_entity_src_gen.pdbx_seq_type                      'Biological sequence' 
_entity_src_gen.pdbx_beg_seq_num                   1 
_entity_src_gen.pdbx_end_seq_num                   132 
_entity_src_gen.gene_src_common_name               ? 
_entity_src_gen.gene_src_genus                     ? 
_entity_src_gen.pdbx_gene_src_gene                 'rnhA, BH0863' 
_entity_src_gen.gene_src_species                   ? 
_entity_src_gen.gene_src_strain                    'ATCC BAA-125 / DSM 18197 / FERM 7344 / JCM 9153 / C-125' 
_entity_src_gen.gene_src_tissue                    ? 
_entity_src_gen.gene_src_tissue_fraction           ? 
_entity_src_gen.gene_src_details                   ? 
_entity_src_gen.pdbx_gene_src_fragment             ? 
_entity_src_gen.pdbx_gene_src_scientific_name      
'Bacillus halodurans (strain ATCC BAA-125 / DSM 18197 / FERM 7344 / JCM 9153 / C-125)' 
_entity_src_gen.pdbx_gene_src_ncbi_taxonomy_id     272558 
_entity_src_gen.pdbx_gene_src_variant              ? 
_entity_src_gen.pdbx_gene_src_cell_line            ? 
_entity_src_gen.pdbx_gene_src_atcc                 ? 
_entity_src_gen.pdbx_gene_src_organ                ? 
_entity_src_gen.pdbx_gene_src_organelle            ? 
_entity_src_gen.pdbx_gene_src_cell                 ? 
_entity_src_gen.pdbx_gene_src_cellular_location    ? 
_entity_src_gen.host_org_common_name               ? 
_entity_src_gen.pdbx_host_org_scientific_name      'Escherichia coli K-12' 
_entity_src_gen.pdbx_host_org_ncbi_taxonomy_id     83333 
_entity_src_gen.host_org_genus                     ? 
_entity_src_gen.pdbx_host_org_gene                 ? 
_entity_src_gen.pdbx_host_org_organ                ? 
_entity_src_gen.host_org_species                   ? 
_entity_src_gen.pdbx_host_org_tissue               ? 
_entity_src_gen.pdbx_host_org_tissue_fraction      ? 
_entity_src_gen.pdbx_host_org_strain               ? 
_entity_src_gen.pdbx_host_org_variant              ? 
_entity_src_gen.pdbx_host_org_cell_line            ? 
_entity_src_gen.pdbx_host_org_atcc                 ? 
_entity_src_gen.pdbx_host_org_culture_collection   ? 
_entity_src_gen.pdbx_host_org_cell                 ? 
_entity_src_gen.pdbx_host_org_organelle            ? 
_entity_src_gen.pdbx_host_org_cellular_location    ? 
_entity_src_gen.pdbx_host_org_vector_type          ? 
_entity_src_gen.pdbx_host_org_vector               ? 
_entity_src_gen.host_org_details                   ? 
_entity_src_gen.expression_system_id               ? 
_entity_src_gen.plasmid_name                       ? 
_entity_src_gen.plasmid_details                    ? 
_entity_src_gen.pdbx_description                   ? 
# 
loop_
_pdbx_entity_src_syn.entity_id 
_pdbx_entity_src_syn.pdbx_src_id 
_pdbx_entity_src_syn.pdbx_alt_source_flag 
_pdbx_entity_src_syn.pdbx_beg_seq_num 
_pdbx_entity_src_syn.pdbx_end_seq_num 
_pdbx_entity_src_syn.organism_scientific 
_pdbx_entity_src_syn.organism_common_name 
_pdbx_entity_src_syn.ncbi_taxonomy_id 
_pdbx_entity_src_syn.details 
1 1 sample 1 6 'synthetic construct' ? 32630 ? 
2 1 sample 1 6 'synthetic construct' ? 32630 ? 
# 
loop_
_struct_ref.id 
_struct_ref.db_name 
_struct_ref.db_code 
_struct_ref.pdbx_db_accession 
_struct_ref.pdbx_db_isoform 
_struct_ref.entity_id 
_struct_ref.pdbx_seq_one_letter_code 
_struct_ref.pdbx_align_begin 
1 PDB 5W7N       5W7N   ? 1 ? 1  
2 PDB 5W7N       5W7N   ? 2 ? 1  
3 UNP RNH1_BACHD Q9KEI9 ? 3 
;EIIWESLSVDVGSQGNPGIVEYKGVDTKTGEVLFEREPIPIGTNNMGEFLAIVHGLRYLKERNSRKPIYSDSQTAIKWVK
DKKAKSTLVRNEETALIWKLVDEAEEWLNTHTYETPILKWQTDKWGEIKADY
;
62 
# 
loop_
_struct_ref_seq.align_id 
_struct_ref_seq.ref_id 
_struct_ref_seq.pdbx_PDB_id_code 
_struct_ref_seq.pdbx_strand_id 
_struct_ref_seq.seq_align_beg 
_struct_ref_seq.pdbx_seq_align_beg_ins_code 
_struct_ref_seq.seq_align_end 
_struct_ref_seq.pdbx_seq_align_end_ins_code 
_struct_ref_seq.pdbx_db_accession 
_struct_ref_seq.db_align_beg 
_struct_ref_seq.pdbx_db_align_beg_ins_code 
_struct_ref_seq.db_align_end 
_struct_ref_seq.pdbx_db_align_end_ins_code 
_struct_ref_seq.pdbx_auth_seq_align_beg 
_struct_ref_seq.pdbx_auth_seq_align_end 
1 1 5W7N B 1 ? 6   ? 5W7N   1  ? 6   ? 1  6   
2 2 5W7N C 1 ? 4   ? 5W7N   1  ? 4   ? 1  4   
3 3 5W7N A 1 ? 132 ? Q9KEI9 62 ? 193 ? 62 193 
# 
_struct_ref_seq_dif.align_id                     3 
_struct_ref_seq_dif.pdbx_pdb_id_code             5W7N 
_struct_ref_seq_dif.mon_id                       ASN 
_struct_ref_seq_dif.pdbx_pdb_strand_id           A 
_struct_ref_seq_dif.seq_num                      71 
_struct_ref_seq_dif.pdbx_pdb_ins_code            ? 
_struct_ref_seq_dif.pdbx_seq_db_name             UNP 
_struct_ref_seq_dif.pdbx_seq_db_accession_code   Q9KEI9 
_struct_ref_seq_dif.db_mon_id                    ASP 
_struct_ref_seq_dif.pdbx_seq_db_seq_num          132 
_struct_ref_seq_dif.details                      'engineered mutation' 
_struct_ref_seq_dif.pdbx_auth_seq_num            132 
_struct_ref_seq_dif.pdbx_ordinal                 1 
# 
loop_
_chem_comp.id 
_chem_comp.type 
_chem_comp.mon_nstd_flag 
_chem_comp.name 
_chem_comp.pdbx_synonyms 
_chem_comp.formula 
_chem_comp.formula_weight 
A   'RNA linking'       y "ADENOSINE-5'-MONOPHOSPHATE"                                                                    ? 
'C10 H14 N5 O7 P'    347.221 
ALA 'L-peptide linking' y ALANINE                                                                                         ? 
'C3 H7 N O2'         89.093  
ARG 'L-peptide linking' y ARGININE                                                                                        ? 
'C6 H15 N4 O2 1'     175.209 
ASN 'L-peptide linking' y ASPARAGINE                                                                                      ? 
'C4 H8 N2 O3'        132.118 
ASP 'L-peptide linking' y 'ASPARTIC ACID'                                                                                 ? 
'C4 H7 N O4'         133.103 
C   'RNA linking'       y "CYTIDINE-5'-MONOPHOSPHATE"                                                                     ? 
'C9 H14 N3 O8 P'     323.197 
DA  'DNA linking'       y "2'-DEOXYADENOSINE-5'-MONOPHOSPHATE"                                                            ? 
'C10 H14 N5 O6 P'    331.222 
DC  'DNA linking'       y "2'-DEOXYCYTIDINE-5'-MONOPHOSPHATE"                                                             ? 
'C9 H14 N3 O7 P'     307.197 
DG  'DNA linking'       y "2'-DEOXYGUANOSINE-5'-MONOPHOSPHATE"                                                            ? 
'C10 H14 N5 O7 P'    347.221 
G   'RNA linking'       y "GUANOSINE-5'-MONOPHOSPHATE"                                                                    ? 
'C10 H14 N5 O8 P'    363.221 
GLN 'L-peptide linking' y GLUTAMINE                                                                                       ? 
'C5 H10 N2 O3'       146.144 
GLU 'L-peptide linking' y 'GLUTAMIC ACID'                                                                                 ? 
'C5 H9 N O4'         147.129 
GLY 'peptide linking'   y GLYCINE                                                                                         ? 
'C2 H5 N O2'         75.067  
HIS 'L-peptide linking' y HISTIDINE                                                                                       ? 
'C6 H10 N3 O2 1'     156.162 
HOH non-polymer         . WATER                                                                                           ? 'H2 O' 
18.015  
ILE 'L-peptide linking' y ISOLEUCINE                                                                                      ? 
'C6 H13 N O2'        131.173 
LEU 'L-peptide linking' y LEUCINE                                                                                         ? 
'C6 H13 N O2'        131.173 
LYS 'L-peptide linking' y LYSINE                                                                                          ? 
'C6 H15 N2 O2 1'     147.195 
MET 'L-peptide linking' y METHIONINE                                                                                      ? 
'C5 H11 N O2 S'      149.211 
MG  non-polymer         . 'MAGNESIUM ION'                                                                                 ? 'Mg 2' 
24.305  
PHE 'L-peptide linking' y PHENYLALANINE                                                                                   ? 
'C9 H11 N O2'        165.189 
PRO 'L-peptide linking' y PROLINE                                                                                         ? 
'C5 H9 N O2'         115.130 
SER 'L-peptide linking' y SERINE                                                                                          ? 
'C3 H7 N O3'         105.093 
THR 'L-peptide linking' y THREONINE                                                                                       ? 
'C4 H9 N O3'         119.119 
TRP 'L-peptide linking' y TRYPTOPHAN                                                                                      ? 
'C11 H12 N2 O2'      204.225 
TYR 'L-peptide linking' y TYROSINE                                                                                        ? 
'C9 H11 N O3'        181.189 
U   'RNA linking'       y "URIDINE-5'-MONOPHOSPHATE"                                                                      ? 
'C9 H13 N2 O9 P'     324.181 
US3 'DNA linking'       n '1-(2-deoxy-5-O-phosphono-beta-D-erythro-pentofuranosyl)-5-methyl-2-selanylpyrimidin-4(1H)-one' 
"2-Se-Thymidine-5'-phosphate" 'C10 H15 N2 O7 P Se' 385.169 
VAL 'L-peptide linking' y VALINE                                                                                          ? 
'C5 H11 N O2'        117.146 
# 
_exptl.absorpt_coefficient_mu     ? 
_exptl.absorpt_correction_T_max   ? 
_exptl.absorpt_correction_T_min   ? 
_exptl.absorpt_correction_type    ? 
_exptl.absorpt_process_details    ? 
_exptl.entry_id                   5W7N 
_exptl.crystals_number            1 
_exptl.details                    ? 
_exptl.method                     'X-RAY DIFFRACTION' 
_exptl.method_details             ? 
# 
_exptl_crystal.colour                      ? 
_exptl_crystal.density_diffrn              ? 
_exptl_crystal.density_Matthews            2.47 
_exptl_crystal.density_method              ? 
_exptl_crystal.density_percent_sol         50.28 
_exptl_crystal.description                 ? 
_exptl_crystal.F_000                       ? 
_exptl_crystal.id                          1 
_exptl_crystal.preparation                 ? 
_exptl_crystal.size_max                    ? 
_exptl_crystal.size_mid                    ? 
_exptl_crystal.size_min                    ? 
_exptl_crystal.size_rad                    ? 
_exptl_crystal.colour_lustre               ? 
_exptl_crystal.colour_modifier             ? 
_exptl_crystal.colour_primary              ? 
_exptl_crystal.density_meas                ? 
_exptl_crystal.density_meas_esd            ? 
_exptl_crystal.density_meas_gt             ? 
_exptl_crystal.density_meas_lt             ? 
_exptl_crystal.density_meas_temp           ? 
_exptl_crystal.density_meas_temp_esd       ? 
_exptl_crystal.density_meas_temp_gt        ? 
_exptl_crystal.density_meas_temp_lt        ? 
_exptl_crystal.pdbx_crystal_image_url      ? 
_exptl_crystal.pdbx_crystal_image_format   ? 
_exptl_crystal.pdbx_mosaicity              ? 
_exptl_crystal.pdbx_mosaicity_esd          ? 
# 
_exptl_crystal_grow.apparatus       ? 
_exptl_crystal_grow.atmosphere      ? 
_exptl_crystal_grow.crystal_id      1 
_exptl_crystal_grow.details         ? 
_exptl_crystal_grow.method          'VAPOR DIFFUSION, HANGING DROP' 
_exptl_crystal_grow.method_ref      ? 
_exptl_crystal_grow.pH              6.5 
_exptl_crystal_grow.pressure        ? 
_exptl_crystal_grow.pressure_esd    ? 
_exptl_crystal_grow.seeding         ? 
_exptl_crystal_grow.seeding_ref     ? 
_exptl_crystal_grow.temp            293 
_exptl_crystal_grow.temp_details    ? 
_exptl_crystal_grow.temp_esd        ? 
_exptl_crystal_grow.time            ? 
_exptl_crystal_grow.pdbx_details    '0.1M MES pH 6.5, 12%(w/v) PEG 20000' 
_exptl_crystal_grow.pdbx_pH_range   ? 
# 
_diffrn.ambient_environment    ? 
_diffrn.ambient_temp           100 
_diffrn.ambient_temp_details   ? 
_diffrn.ambient_temp_esd       ? 
_diffrn.crystal_id             1 
_diffrn.crystal_support        ? 
_diffrn.crystal_treatment      ? 
_diffrn.details                ? 
_diffrn.id                     1 
_diffrn.ambient_pressure       ? 
_diffrn.ambient_pressure_esd   ? 
_diffrn.ambient_pressure_gt    ? 
_diffrn.ambient_pressure_lt    ? 
_diffrn.ambient_temp_gt        ? 
_diffrn.ambient_temp_lt        ? 
# 
_diffrn_detector.details                      ? 
_diffrn_detector.detector                     PIXEL 
_diffrn_detector.diffrn_id                    1 
_diffrn_detector.type                         'DECTRIS PILATUS3 6M' 
_diffrn_detector.area_resol_mean              ? 
_diffrn_detector.dtime                        ? 
_diffrn_detector.pdbx_frames_total            ? 
_diffrn_detector.pdbx_collection_time_total   ? 
_diffrn_detector.pdbx_collection_date         2017-05-14 
# 
_diffrn_radiation.collimation                      ? 
_diffrn_radiation.diffrn_id                        1 
_diffrn_radiation.filter_edge                      ? 
_diffrn_radiation.inhomogeneity                    ? 
_diffrn_radiation.monochromator                    ? 
_diffrn_radiation.polarisn_norm                    ? 
_diffrn_radiation.polarisn_ratio                   ? 
_diffrn_radiation.probe                            ? 
_diffrn_radiation.type                             ? 
_diffrn_radiation.xray_symbol                      ? 
_diffrn_radiation.wavelength_id                    1 
_diffrn_radiation.pdbx_monochromatic_or_laue_m_l   M 
_diffrn_radiation.pdbx_wavelength_list             ? 
_diffrn_radiation.pdbx_wavelength                  ? 
_diffrn_radiation.pdbx_diffrn_protocol             'SINGLE WAVELENGTH' 
_diffrn_radiation.pdbx_analyzer                    ? 
_diffrn_radiation.pdbx_scattering_type             x-ray 
# 
_diffrn_radiation_wavelength.id           1 
_diffrn_radiation_wavelength.wavelength   1 
_diffrn_radiation_wavelength.wt           1.0 
# 
_diffrn_source.current                     ? 
_diffrn_source.details                     ? 
_diffrn_source.diffrn_id                   1 
_diffrn_source.power                       ? 
_diffrn_source.size                        ? 
_diffrn_source.source                      SYNCHROTRON 
_diffrn_source.target                      ? 
_diffrn_source.type                        'ALS BEAMLINE 5.0.1' 
_diffrn_source.voltage                     ? 
_diffrn_source.take-off_angle              ? 
_diffrn_source.pdbx_wavelength_list        1 
_diffrn_source.pdbx_wavelength             ? 
_diffrn_source.pdbx_synchrotron_beamline   5.0.1 
_diffrn_source.pdbx_synchrotron_site       ALS 
# 
_reflns.B_iso_Wilson_estimate            ? 
_reflns.entry_id                         5W7N 
_reflns.data_reduction_details           ? 
_reflns.data_reduction_method            ? 
_reflns.d_resolution_high                1.80 
_reflns.d_resolution_low                 61.85 
_reflns.details                          ? 
_reflns.limit_h_max                      ? 
_reflns.limit_h_min                      ? 
_reflns.limit_k_max                      ? 
_reflns.limit_k_min                      ? 
_reflns.limit_l_max                      ? 
_reflns.limit_l_min                      ? 
_reflns.number_all                       ? 
_reflns.number_obs                       17561 
_reflns.observed_criterion               ? 
_reflns.observed_criterion_F_max         ? 
_reflns.observed_criterion_F_min         ? 
_reflns.observed_criterion_I_max         ? 
_reflns.observed_criterion_I_min         ? 
_reflns.observed_criterion_sigma_F       ? 
_reflns.observed_criterion_sigma_I       ? 
_reflns.percent_possible_obs             88.9 
_reflns.R_free_details                   ? 
_reflns.Rmerge_F_all                     ? 
_reflns.Rmerge_F_obs                     ? 
_reflns.Friedel_coverage                 ? 
_reflns.number_gt                        ? 
_reflns.threshold_expression             ? 
_reflns.pdbx_redundancy                  4.3 
_reflns.pdbx_Rmerge_I_obs                ? 
_reflns.pdbx_Rmerge_I_all                ? 
_reflns.pdbx_Rsym_value                  ? 
_reflns.pdbx_netI_over_av_sigmaI         ? 
_reflns.pdbx_netI_over_sigmaI            21.8 
_reflns.pdbx_res_netI_over_av_sigmaI_2   ? 
_reflns.pdbx_res_netI_over_sigmaI_2      ? 
_reflns.pdbx_chi_squared                 0.784 
_reflns.pdbx_scaling_rejects             ? 
_reflns.pdbx_d_res_high_opt              ? 
_reflns.pdbx_d_res_low_opt               ? 
_reflns.pdbx_d_res_opt_method            ? 
_reflns.phase_calculation_details        ? 
_reflns.pdbx_Rrim_I_all                  ? 
_reflns.pdbx_Rpim_I_all                  0.027 
_reflns.pdbx_d_opt                       ? 
_reflns.pdbx_number_measured_all         ? 
_reflns.pdbx_diffrn_id                   1 
_reflns.pdbx_ordinal                     1 
_reflns.pdbx_CC_half                     ? 
_reflns.pdbx_R_split                     ? 
# 
_reflns_shell.d_res_high                  1.80 
_reflns_shell.d_res_low                   1.86 
_reflns_shell.meanI_over_sigI_all         ? 
_reflns_shell.meanI_over_sigI_obs         5.3 
_reflns_shell.number_measured_all         ? 
_reflns_shell.number_measured_obs         ? 
_reflns_shell.number_possible             ? 
_reflns_shell.number_unique_all           ? 
_reflns_shell.number_unique_obs           913 
_reflns_shell.percent_possible_all        52.7 
_reflns_shell.percent_possible_obs        ? 
_reflns_shell.Rmerge_F_all                ? 
_reflns_shell.Rmerge_F_obs                ? 
_reflns_shell.Rmerge_I_all                ? 
_reflns_shell.Rmerge_I_obs                ? 
_reflns_shell.meanI_over_sigI_gt          ? 
_reflns_shell.meanI_over_uI_all           ? 
_reflns_shell.meanI_over_uI_gt            ? 
_reflns_shell.number_measured_gt          ? 
_reflns_shell.number_unique_gt            ? 
_reflns_shell.percent_possible_gt         ? 
_reflns_shell.Rmerge_F_gt                 ? 
_reflns_shell.Rmerge_I_gt                 ? 
_reflns_shell.pdbx_redundancy             ? 
_reflns_shell.pdbx_Rsym_value             ? 
_reflns_shell.pdbx_chi_squared            0.784 
_reflns_shell.pdbx_netI_over_sigmaI_all   ? 
_reflns_shell.pdbx_netI_over_sigmaI_obs   ? 
_reflns_shell.pdbx_Rrim_I_all             ? 
_reflns_shell.pdbx_Rpim_I_all             0.085 
_reflns_shell.pdbx_rejects                ? 
_reflns_shell.pdbx_ordinal                1 
_reflns_shell.pdbx_diffrn_id              1 
_reflns_shell.pdbx_CC_half                0.974 
_reflns_shell.pdbx_R_split                ? 
# 
_refine.aniso_B[1][1]                            -0.01 
_refine.aniso_B[1][2]                            -0.00 
_refine.aniso_B[1][3]                            0.00 
_refine.aniso_B[2][2]                            0.01 
_refine.aniso_B[2][3]                            0.00 
_refine.aniso_B[3][3]                            0.01 
_refine.B_iso_max                                ? 
_refine.B_iso_mean                               21.240 
_refine.B_iso_min                                ? 
_refine.correlation_coeff_Fo_to_Fc               0.945 
_refine.correlation_coeff_Fo_to_Fc_free          0.925 
_refine.details                                  'HYDROGENS HAVE BEEN ADDED IN THE RIDING POSITIONS' 
_refine.diff_density_max                         ? 
_refine.diff_density_max_esd                     ? 
_refine.diff_density_min                         ? 
_refine.diff_density_min_esd                     ? 
_refine.diff_density_rms                         ? 
_refine.diff_density_rms_esd                     ? 
_refine.entry_id                                 5W7N 
_refine.pdbx_refine_id                           'X-RAY DIFFRACTION' 
_refine.ls_abs_structure_details                 ? 
_refine.ls_abs_structure_Flack                   ? 
_refine.ls_abs_structure_Flack_esd               ? 
_refine.ls_abs_structure_Rogers                  ? 
_refine.ls_abs_structure_Rogers_esd              ? 
_refine.ls_d_res_high                            1.80 
_refine.ls_d_res_low                             50 
_refine.ls_extinction_coef                       ? 
_refine.ls_extinction_coef_esd                   ? 
_refine.ls_extinction_expression                 ? 
_refine.ls_extinction_method                     ? 
_refine.ls_goodness_of_fit_all                   ? 
_refine.ls_goodness_of_fit_all_esd               ? 
_refine.ls_goodness_of_fit_obs                   ? 
_refine.ls_goodness_of_fit_obs_esd               ? 
_refine.ls_hydrogen_treatment                    ? 
_refine.ls_matrix_type                           ? 
_refine.ls_number_constraints                    ? 
_refine.ls_number_parameters                     ? 
_refine.ls_number_reflns_all                     ? 
_refine.ls_number_reflns_obs                     14562 
_refine.ls_number_reflns_R_free                  757 
_refine.ls_number_reflns_R_work                  ? 
_refine.ls_number_restraints                     ? 
_refine.ls_percent_reflns_obs                    87.07 
_refine.ls_percent_reflns_R_free                 4.9 
_refine.ls_R_factor_all                          ? 
_refine.ls_R_factor_obs                          0.19433 
_refine.ls_R_factor_R_free                       0.23201 
_refine.ls_R_factor_R_free_error                 ? 
_refine.ls_R_factor_R_free_error_details         ? 
_refine.ls_R_factor_R_work                       0.19240 
_refine.ls_R_Fsqd_factor_obs                     ? 
_refine.ls_R_I_factor_obs                        ? 
_refine.ls_redundancy_reflns_all                 ? 
_refine.ls_redundancy_reflns_obs                 ? 
_refine.ls_restrained_S_all                      ? 
_refine.ls_restrained_S_obs                      ? 
_refine.ls_shift_over_esd_max                    ? 
_refine.ls_shift_over_esd_mean                   ? 
_refine.ls_structure_factor_coef                 ? 
_refine.ls_weighting_details                     ? 
_refine.ls_weighting_scheme                      ? 
_refine.ls_wR_factor_all                         ? 
_refine.ls_wR_factor_obs                         ? 
_refine.ls_wR_factor_R_free                      ? 
_refine.ls_wR_factor_R_work                      ? 
_refine.occupancy_max                            ? 
_refine.occupancy_min                            ? 
_refine.solvent_model_details                    MASK 
_refine.solvent_model_param_bsol                 ? 
_refine.solvent_model_param_ksol                 ? 
_refine.ls_R_factor_gt                           ? 
_refine.ls_goodness_of_fit_gt                    ? 
_refine.ls_goodness_of_fit_ref                   ? 
_refine.ls_shift_over_su_max                     ? 
_refine.ls_shift_over_su_max_lt                  ? 
_refine.ls_shift_over_su_mean                    ? 
_refine.ls_shift_over_su_mean_lt                 ? 
_refine.pdbx_ls_sigma_I                          ? 
_refine.pdbx_ls_sigma_F                          ? 
_refine.pdbx_ls_sigma_Fsqd                       ? 
_refine.pdbx_data_cutoff_high_absF               ? 
_refine.pdbx_data_cutoff_high_rms_absF           ? 
_refine.pdbx_data_cutoff_low_absF                ? 
_refine.pdbx_isotropic_thermal_model             ? 
_refine.pdbx_ls_cross_valid_method               THROUGHOUT 
_refine.pdbx_method_to_determine_struct          'MOLECULAR REPLACEMENT' 
_refine.pdbx_starting_model                      2g8u 
_refine.pdbx_stereochemistry_target_values       'MAXIMUM LIKELIHOOD' 
_refine.pdbx_R_Free_selection_details            RANDOM 
_refine.pdbx_stereochem_target_val_spec_case     ? 
_refine.pdbx_overall_ESU_R                       0.143 
_refine.pdbx_overall_ESU_R_Free                  0.136 
_refine.pdbx_solvent_vdw_probe_radii             1.20 
_refine.pdbx_solvent_ion_probe_radii             0.80 
_refine.pdbx_solvent_shrinkage_radii             0.80 
_refine.pdbx_real_space_R                        ? 
_refine.pdbx_density_correlation                 ? 
_refine.pdbx_pd_number_of_powder_patterns        ? 
_refine.pdbx_pd_number_of_points                 ? 
_refine.pdbx_pd_meas_number_of_points            ? 
_refine.pdbx_pd_proc_ls_prof_R_factor            ? 
_refine.pdbx_pd_proc_ls_prof_wR_factor           ? 
_refine.pdbx_pd_Marquardt_correlation_coeff      ? 
_refine.pdbx_pd_Fsqrd_R_factor                   ? 
_refine.pdbx_pd_ls_matrix_band_width             ? 
_refine.pdbx_overall_phase_error                 ? 
_refine.pdbx_overall_SU_R_free_Cruickshank_DPI   ? 
_refine.pdbx_overall_SU_R_free_Blow_DPI          ? 
_refine.pdbx_overall_SU_R_Blow_DPI               ? 
_refine.pdbx_TLS_residual_ADP_flag               ? 
_refine.pdbx_diffrn_id                           1 
_refine.overall_SU_B                             2.680 
_refine.overall_SU_ML                            0.084 
_refine.overall_SU_R_Cruickshank_DPI             ? 
_refine.overall_SU_R_free                        ? 
_refine.overall_FOM_free_R_set                   ? 
_refine.overall_FOM_work_R_set                   ? 
_refine.pdbx_average_fsc_overall                 ? 
_refine.pdbx_average_fsc_work                    ? 
_refine.pdbx_average_fsc_free                    ? 
# 
_refine_hist.pdbx_refine_id                   'X-RAY DIFFRACTION' 
_refine_hist.cycle_id                         1 
_refine_hist.pdbx_number_atoms_protein        1076 
_refine_hist.pdbx_number_atoms_nucleic_acid   245 
_refine_hist.pdbx_number_atoms_ligand         2 
_refine_hist.number_atoms_solvent             48 
_refine_hist.number_atoms_total               1371 
_refine_hist.d_res_high                       1.80 
_refine_hist.d_res_low                        50 
# 
loop_
_refine_ls_restr.pdbx_refine_id 
_refine_ls_restr.criterion 
_refine_ls_restr.dev_ideal 
_refine_ls_restr.dev_ideal_target 
_refine_ls_restr.number 
_refine_ls_restr.rejects 
_refine_ls_restr.type 
_refine_ls_restr.weight 
_refine_ls_restr.pdbx_restraint_function 
'X-RAY DIFFRACTION' ? 0.020  0.018  1370 ? r_bond_refined_d             ? ? 
'X-RAY DIFFRACTION' ? 0.034  0.020  1158 ? r_bond_other_d               ? ? 
'X-RAY DIFFRACTION' ? 2.238  1.844  1896 ? r_angle_refined_deg          ? ? 
'X-RAY DIFFRACTION' ? 1.442  3.011  2705 ? r_angle_other_deg            ? ? 
'X-RAY DIFFRACTION' ? 6.105  5.000  131  ? r_dihedral_angle_1_deg       ? ? 
'X-RAY DIFFRACTION' ? 34.029 25.098 51   ? r_dihedral_angle_2_deg       ? ? 
'X-RAY DIFFRACTION' ? 15.232 15.000 202  ? r_dihedral_angle_3_deg       ? ? 
'X-RAY DIFFRACTION' ? 15.779 15.000 5    ? r_dihedral_angle_4_deg       ? ? 
'X-RAY DIFFRACTION' ? 0.123  0.200  205  ? r_chiral_restr               ? ? 
'X-RAY DIFFRACTION' ? 0.013  0.020  1334 ? r_gen_planes_refined         ? ? 
'X-RAY DIFFRACTION' ? 0.002  0.020  275  ? r_gen_planes_other           ? ? 
'X-RAY DIFFRACTION' ? ?      ?      ?    ? r_nbd_refined                ? ? 
'X-RAY DIFFRACTION' ? ?      ?      ?    ? r_nbd_other                  ? ? 
'X-RAY DIFFRACTION' ? ?      ?      ?    ? r_nbtor_refined              ? ? 
'X-RAY DIFFRACTION' ? ?      ?      ?    ? r_nbtor_other                ? ? 
'X-RAY DIFFRACTION' ? ?      ?      ?    ? r_xyhbond_nbd_refined        ? ? 
'X-RAY DIFFRACTION' ? ?      ?      ?    ? r_xyhbond_nbd_other          ? ? 
'X-RAY DIFFRACTION' ? ?      ?      ?    ? r_metal_ion_refined          ? ? 
'X-RAY DIFFRACTION' ? ?      ?      ?    ? r_metal_ion_other            ? ? 
'X-RAY DIFFRACTION' ? ?      ?      ?    ? r_symmetry_vdw_refined       ? ? 
'X-RAY DIFFRACTION' ? ?      ?      ?    ? r_symmetry_vdw_other         ? ? 
'X-RAY DIFFRACTION' ? ?      ?      ?    ? r_symmetry_hbond_refined     ? ? 
'X-RAY DIFFRACTION' ? ?      ?      ?    ? r_symmetry_hbond_other       ? ? 
'X-RAY DIFFRACTION' ? ?      ?      ?    ? r_symmetry_metal_ion_refined ? ? 
'X-RAY DIFFRACTION' ? ?      ?      ?    ? r_symmetry_metal_ion_other   ? ? 
'X-RAY DIFFRACTION' ? 2.099  1.849  527  ? r_mcbond_it                  ? ? 
'X-RAY DIFFRACTION' ? 2.075  1.845  526  ? r_mcbond_other               ? ? 
'X-RAY DIFFRACTION' ? 2.934  2.758  657  ? r_mcangle_it                 ? ? 
'X-RAY DIFFRACTION' ? 2.935  2.761  658  ? r_mcangle_other              ? ? 
'X-RAY DIFFRACTION' ? 3.309  2.289  843  ? r_scbond_it                  ? ? 
'X-RAY DIFFRACTION' ? 3.308  2.289  844  ? r_scbond_other               ? ? 
'X-RAY DIFFRACTION' ? ?      ?      ?    ? r_scangle_it                 ? ? 
'X-RAY DIFFRACTION' ? 4.813  3.321  1240 ? r_scangle_other              ? ? 
'X-RAY DIFFRACTION' ? 6.141  22.452 1725 ? r_long_range_B_refined       ? ? 
'X-RAY DIFFRACTION' ? 6.135  22.390 1720 ? r_long_range_B_other         ? ? 
'X-RAY DIFFRACTION' ? ?      ?      ?    ? r_rigid_bond_restr           ? ? 
'X-RAY DIFFRACTION' ? ?      ?      ?    ? r_sphericity_free            ? ? 
'X-RAY DIFFRACTION' ? ?      ?      ?    ? r_sphericity_bonded          ? ? 
# 
_refine_ls_shell.pdbx_refine_id                   'X-RAY DIFFRACTION' 
_refine_ls_shell.d_res_high                       1.797 
_refine_ls_shell.d_res_low                        1.843 
_refine_ls_shell.number_reflns_all                ? 
_refine_ls_shell.number_reflns_obs                ? 
_refine_ls_shell.number_reflns_R_free             30 
_refine_ls_shell.number_reflns_R_work             499 
_refine_ls_shell.percent_reflns_obs               41.10 
_refine_ls_shell.percent_reflns_R_free            ? 
_refine_ls_shell.R_factor_all                     ? 
_refine_ls_shell.R_factor_obs                     ? 
_refine_ls_shell.R_factor_R_free                  0.322 
_refine_ls_shell.R_factor_R_free_error            ? 
_refine_ls_shell.R_factor_R_work                  0.217 
_refine_ls_shell.redundancy_reflns_all            ? 
_refine_ls_shell.redundancy_reflns_obs            ? 
_refine_ls_shell.wR_factor_all                    ? 
_refine_ls_shell.wR_factor_obs                    ? 
_refine_ls_shell.wR_factor_R_free                 ? 
_refine_ls_shell.wR_factor_R_work                 ? 
_refine_ls_shell.pdbx_total_number_of_bins_used   20 
_refine_ls_shell.pdbx_phase_error                 ? 
_refine_ls_shell.pdbx_fsc_work                    ? 
_refine_ls_shell.pdbx_fsc_free                    ? 
# 
_struct.entry_id                     5W7N 
_struct.title                        '2-Se-T2/4-DNA and native RNA hybrid in complex with RNase H catalytic domain D132N mutant' 
_struct.pdbx_model_details           ? 
_struct.pdbx_formula_weight          ? 
_struct.pdbx_formula_weight_method   ? 
_struct.pdbx_model_type_details      ? 
_struct.pdbx_CASP_flag               N 
# 
_struct_keywords.entry_id        5W7N 
_struct_keywords.text            'HYDROLASE-DNA-RNA complex' 
_struct_keywords.pdbx_keywords   HYDROLASE/DNA/RNA 
# 
loop_
_struct_asym.id 
_struct_asym.pdbx_blank_PDB_chainid_flag 
_struct_asym.pdbx_modified 
_struct_asym.entity_id 
_struct_asym.details 
A N N 1 ? 
B N N 2 ? 
C N N 3 ? 
D N N 4 ? 
E N N 4 ? 
F N N 5 ? 
G N N 5 ? 
H N N 5 ? 
# 
loop_
_struct_conf.conf_type_id 
_struct_conf.id 
_struct_conf.pdbx_PDB_helix_id 
_struct_conf.beg_label_comp_id 
_struct_conf.beg_label_asym_id 
_struct_conf.beg_label_seq_id 
_struct_conf.pdbx_beg_PDB_ins_code 
_struct_conf.end_label_comp_id 
_struct_conf.end_label_asym_id 
_struct_conf.end_label_seq_id 
_struct_conf.pdbx_end_PDB_ins_code 
_struct_conf.beg_auth_comp_id 
_struct_conf.beg_auth_asym_id 
_struct_conf.beg_auth_seq_id 
_struct_conf.end_auth_comp_id 
_struct_conf.end_auth_asym_id 
_struct_conf.end_auth_seq_id 
_struct_conf.pdbx_PDB_helix_class 
_struct_conf.details 
_struct_conf.pdbx_PDB_helix_length 
HELX_P HELX_P1 AA1 THR C 43  ? ARG C 62  ? THR A 104 ARG A 123 1 ? 20 
HELX_P HELX_P2 AA2 SER C 72  ? LYS C 82  ? SER A 133 LYS A 143 1 ? 11 
HELX_P HELX_P3 AA3 THR C 94  ? ASN C 109 ? THR A 155 ASN A 170 1 ? 16 
HELX_P HELX_P4 AA4 GLN C 121 ? GLY C 126 ? GLN A 182 GLY A 187 1 ? 6  
# 
_struct_conf_type.id          HELX_P 
_struct_conf_type.criteria    ? 
_struct_conf_type.reference   ? 
# 
loop_
_struct_conn.id 
_struct_conn.conn_type_id 
_struct_conn.pdbx_leaving_atom_flag 
_struct_conn.pdbx_PDB_id 
_struct_conn.ptnr1_label_asym_id 
_struct_conn.ptnr1_label_comp_id 
_struct_conn.ptnr1_label_seq_id 
_struct_conn.ptnr1_label_atom_id 
_struct_conn.pdbx_ptnr1_label_alt_id 
_struct_conn.pdbx_ptnr1_PDB_ins_code 
_struct_conn.pdbx_ptnr1_standard_comp_id 
_struct_conn.ptnr1_symmetry 
_struct_conn.ptnr2_label_asym_id 
_struct_conn.ptnr2_label_comp_id 
_struct_conn.ptnr2_label_seq_id 
_struct_conn.ptnr2_label_atom_id 
_struct_conn.pdbx_ptnr2_label_alt_id 
_struct_conn.pdbx_ptnr2_PDB_ins_code 
_struct_conn.ptnr1_auth_asym_id 
_struct_conn.ptnr1_auth_comp_id 
_struct_conn.ptnr1_auth_seq_id 
_struct_conn.ptnr2_auth_asym_id 
_struct_conn.ptnr2_auth_comp_id 
_struct_conn.ptnr2_auth_seq_id 
_struct_conn.ptnr2_symmetry 
_struct_conn.pdbx_ptnr3_label_atom_id 
_struct_conn.pdbx_ptnr3_label_seq_id 
_struct_conn.pdbx_ptnr3_label_comp_id 
_struct_conn.pdbx_ptnr3_label_asym_id 
_struct_conn.pdbx_ptnr3_label_alt_id 
_struct_conn.pdbx_ptnr3_PDB_ins_code 
_struct_conn.details 
_struct_conn.pdbx_dist_value 
_struct_conn.pdbx_value_order 
_struct_conn.pdbx_role 
covale1  covale both ? B DA  1   "O3'" ? ? ? 1_555 B US3 2 P  ? ? C DA  1   C US3 2   1_555 ? ? ? ? ? ? ?            1.602 ? ? 
covale2  covale one  ? B US3 2   "O3'" ? ? ? 1_555 B DG  3 P  ? ? C US3 2   C DG  3   1_555 ? ? ? ? ? ? ?            1.699 ? ? 
covale3  covale both ? B DG  3   "O3'" ? ? ? 1_555 B US3 4 P  ? ? C DG  3   C US3 4   1_555 ? ? ? ? ? ? ?            1.652 ? ? 
covale4  covale one  ? B US3 4   "O3'" ? ? ? 1_555 B DC  5 P  ? ? C US3 4   C DC  5   1_555 ? ? ? ? ? ? ?            1.631 ? ? 
metalc1  metalc ?    ? F HOH .   O     ? ? ? 4_546 D MG  . MG ? ? B HOH 104 A MG  201 1_555 ? ? ? ? ? ? ?            2.082 ? ? 
metalc2  metalc ?    ? C ASP 10  OD2   ? ? ? 1_555 D MG  . MG ? ? A ASP 71  A MG  201 1_555 ? ? ? ? ? ? ?            2.057 ? ? 
metalc3  metalc ?    ? C ASP 10  OD1   ? ? ? 1_555 E MG  . MG ? ? A ASP 71  A MG  202 1_555 ? ? ? ? ? ? ?            1.977 ? ? 
metalc4  metalc ?    ? C GLU 48  OE1   ? ? ? 1_555 E MG  . MG ? ? A GLU 109 A MG  202 1_555 ? ? ? ? ? ? ?            2.720 ? ? 
metalc5  metalc ?    ? C GLU 48  OE2   ? ? ? 1_555 E MG  . MG ? ? A GLU 109 A MG  202 1_555 ? ? ? ? ? ? ?            2.352 ? ? 
metalc6  metalc ?    ? C ASN 71  OD1   ? ? ? 1_555 E MG  . MG ? ? A ASN 132 A MG  202 1_555 ? ? ? ? ? ? ?            2.234 ? ? 
metalc7  metalc ?    ? C ASP 131 OD1   ? ? ? 1_555 D MG  . MG ? ? A ASP 192 A MG  201 1_555 ? ? ? ? ? ? ?            1.987 ? ? 
metalc8  metalc ?    ? D MG  .   MG    ? ? ? 1_555 H HOH . O  ? ? A MG  201 A HOH 303 1_555 ? ? ? ? ? ? ?            2.208 ? ? 
metalc9  metalc ?    ? D MG  .   MG    ? ? ? 1_555 H HOH . O  ? ? A MG  201 A HOH 308 1_555 ? ? ? ? ? ? ?            1.867 ? ? 
metalc10 metalc ?    ? D MG  .   MG    ? ? ? 1_555 H HOH . O  ? ? A MG  201 A HOH 311 1_555 ? ? ? ? ? ? ?            1.995 ? ? 
metalc11 metalc ?    ? E MG  .   MG    ? ? ? 1_555 H HOH . O  ? ? A MG  202 A HOH 305 1_555 ? ? ? ? ? ? ?            2.266 ? ? 
hydrog1  hydrog ?    ? A C   2   N3    ? ? ? 1_555 B DG  6 N1 ? ? B C   2   C DG  6   1_555 ? ? ? ? ? ? WATSON-CRICK ?     ? ? 
hydrog2  hydrog ?    ? A C   2   N4    ? ? ? 1_555 B DG  6 O6 ? ? B C   2   C DG  6   1_555 ? ? ? ? ? ? WATSON-CRICK ?     ? ? 
hydrog3  hydrog ?    ? A C   2   O2    ? ? ? 1_555 B DG  6 N2 ? ? B C   2   C DG  6   1_555 ? ? ? ? ? ? WATSON-CRICK ?     ? ? 
hydrog4  hydrog ?    ? A G   3   N1    ? ? ? 1_555 B DC  5 N3 ? ? B G   3   C DC  5   1_555 ? ? ? ? ? ? WATSON-CRICK ?     ? ? 
hydrog5  hydrog ?    ? A G   3   N2    ? ? ? 1_555 B DC  5 O2 ? ? B G   3   C DC  5   1_555 ? ? ? ? ? ? WATSON-CRICK ?     ? ? 
hydrog6  hydrog ?    ? A G   3   O6    ? ? ? 1_555 B DC  5 N4 ? ? B G   3   C DC  5   1_555 ? ? ? ? ? ? WATSON-CRICK ?     ? ? 
hydrog7  hydrog ?    ? A A   4   N1    ? ? ? 1_555 B US3 4 N3 ? ? B A   4   C US3 4   1_555 ? ? ? ? ? ? WATSON-CRICK ?     ? ? 
hydrog8  hydrog ?    ? A A   4   N6    ? ? ? 1_555 B US3 4 O4 ? ? B A   4   C US3 4   1_555 ? ? ? ? ? ? WATSON-CRICK ?     ? ? 
hydrog9  hydrog ?    ? A C   5   N3    ? ? ? 1_555 B DG  3 N1 ? ? B C   5   C DG  3   1_555 ? ? ? ? ? ? WATSON-CRICK ?     ? ? 
hydrog10 hydrog ?    ? A C   5   N4    ? ? ? 1_555 B DG  3 O6 ? ? B C   5   C DG  3   1_555 ? ? ? ? ? ? WATSON-CRICK ?     ? ? 
hydrog11 hydrog ?    ? A C   5   O2    ? ? ? 1_555 B DG  3 N2 ? ? B C   5   C DG  3   1_555 ? ? ? ? ? ? WATSON-CRICK ?     ? ? 
hydrog12 hydrog ?    ? A A   6   N1    ? ? ? 1_555 B US3 2 N3 ? ? B A   6   C US3 2   1_555 ? ? ? ? ? ? WATSON-CRICK ?     ? ? 
hydrog13 hydrog ?    ? A A   6   N6    ? ? ? 1_555 B US3 2 O4 ? ? B A   6   C US3 2   1_555 ? ? ? ? ? ? WATSON-CRICK ?     ? ? 
# 
loop_
_struct_conn_type.id 
_struct_conn_type.criteria 
_struct_conn_type.reference 
covale ? ? 
metalc ? ? 
hydrog ? ? 
# 
_struct_mon_prot_cis.pdbx_id                1 
_struct_mon_prot_cis.label_comp_id          ASN 
_struct_mon_prot_cis.label_seq_id           16 
_struct_mon_prot_cis.label_asym_id          C 
_struct_mon_prot_cis.label_alt_id           . 
_struct_mon_prot_cis.pdbx_PDB_ins_code      ? 
_struct_mon_prot_cis.auth_comp_id           ASN 
_struct_mon_prot_cis.auth_seq_id            77 
_struct_mon_prot_cis.auth_asym_id           A 
_struct_mon_prot_cis.pdbx_label_comp_id_2   PRO 
_struct_mon_prot_cis.pdbx_label_seq_id_2    17 
_struct_mon_prot_cis.pdbx_label_asym_id_2   C 
_struct_mon_prot_cis.pdbx_PDB_ins_code_2    ? 
_struct_mon_prot_cis.pdbx_auth_comp_id_2    PRO 
_struct_mon_prot_cis.pdbx_auth_seq_id_2     78 
_struct_mon_prot_cis.pdbx_auth_asym_id_2    A 
_struct_mon_prot_cis.pdbx_PDB_model_num     1 
_struct_mon_prot_cis.pdbx_omega_angle       2.35 
# 
loop_
_struct_sheet.id 
_struct_sheet.type 
_struct_sheet.number_strands 
_struct_sheet.details 
AA1 ? 3 ? 
AA2 ? 5 ? 
# 
loop_
_struct_sheet_order.sheet_id 
_struct_sheet_order.range_id_1 
_struct_sheet_order.range_id_2 
_struct_sheet_order.offset 
_struct_sheet_order.sense 
AA1 1 2 ? anti-parallel 
AA1 2 3 ? anti-parallel 
AA2 1 2 ? anti-parallel 
AA2 2 3 ? anti-parallel 
AA2 3 4 ? parallel      
AA2 4 5 ? parallel      
# 
loop_
_struct_sheet_range.sheet_id 
_struct_sheet_range.id 
_struct_sheet_range.beg_label_comp_id 
_struct_sheet_range.beg_label_asym_id 
_struct_sheet_range.beg_label_seq_id 
_struct_sheet_range.pdbx_beg_PDB_ins_code 
_struct_sheet_range.end_label_comp_id 
_struct_sheet_range.end_label_asym_id 
_struct_sheet_range.end_label_seq_id 
_struct_sheet_range.pdbx_end_PDB_ins_code 
_struct_sheet_range.beg_auth_comp_id 
_struct_sheet_range.beg_auth_asym_id 
_struct_sheet_range.beg_auth_seq_id 
_struct_sheet_range.end_auth_comp_id 
_struct_sheet_range.end_auth_asym_id 
_struct_sheet_range.end_auth_seq_id 
AA1 1 VAL C 32  ? GLU C 35  ? VAL A 93  GLU A 96  
AA1 2 GLY C 18  ? ASP C 26  ? GLY A 79  ASP A 87  
AA1 3 ILE C 39  ? GLY C 42  ? ILE A 100 GLY A 103 
AA2 1 VAL C 32  ? GLU C 35  ? VAL A 93  GLU A 96  
AA2 2 GLY C 18  ? ASP C 26  ? GLY A 79  ASP A 87  
AA2 3 LEU C 7   ? GLN C 14  ? LEU A 68  GLN A 75  
AA2 4 ILE C 68  ? SER C 70  ? ILE A 129 SER A 131 
AA2 5 ILE C 117 ? LYS C 119 ? ILE A 178 LYS A 180 
# 
loop_
_pdbx_struct_sheet_hbond.sheet_id 
_pdbx_struct_sheet_hbond.range_id_1 
_pdbx_struct_sheet_hbond.range_id_2 
_pdbx_struct_sheet_hbond.range_1_label_atom_id 
_pdbx_struct_sheet_hbond.range_1_label_comp_id 
_pdbx_struct_sheet_hbond.range_1_label_asym_id 
_pdbx_struct_sheet_hbond.range_1_label_seq_id 
_pdbx_struct_sheet_hbond.range_1_PDB_ins_code 
_pdbx_struct_sheet_hbond.range_1_auth_atom_id 
_pdbx_struct_sheet_hbond.range_1_auth_comp_id 
_pdbx_struct_sheet_hbond.range_1_auth_asym_id 
_pdbx_struct_sheet_hbond.range_1_auth_seq_id 
_pdbx_struct_sheet_hbond.range_2_label_atom_id 
_pdbx_struct_sheet_hbond.range_2_label_comp_id 
_pdbx_struct_sheet_hbond.range_2_label_asym_id 
_pdbx_struct_sheet_hbond.range_2_label_seq_id 
_pdbx_struct_sheet_hbond.range_2_PDB_ins_code 
_pdbx_struct_sheet_hbond.range_2_auth_atom_id 
_pdbx_struct_sheet_hbond.range_2_auth_comp_id 
_pdbx_struct_sheet_hbond.range_2_auth_asym_id 
_pdbx_struct_sheet_hbond.range_2_auth_seq_id 
AA1 1 2 O LEU C 33 ? O LEU A 94  N GLY C 24  ? N GLY A 85  
AA1 2 3 N VAL C 20 ? N VAL A 81  O ILE C 39  ? O ILE A 100 
AA2 1 2 O LEU C 33 ? O LEU A 94  N GLY C 24  ? N GLY A 85  
AA2 2 3 O VAL C 25 ? O VAL A 86  N SER C 8   ? N SER A 69  
AA2 3 4 N LEU C 7  ? N LEU A 68  O TYR C 69  ? O TYR A 130 
AA2 4 5 N ILE C 68 ? N ILE A 129 O LEU C 118 ? O LEU A 179 
# 
loop_
_struct_site.id 
_struct_site.pdbx_evidence_code 
_struct_site.pdbx_auth_asym_id 
_struct_site.pdbx_auth_comp_id 
_struct_site.pdbx_auth_seq_id 
_struct_site.pdbx_auth_ins_code 
_struct_site.pdbx_num_residues 
_struct_site.details 
AC1 Software A MG 201 ? 6 'binding site for residue MG A 201' 
AC2 Software A MG 202 ? 6 'binding site for residue MG A 202' 
# 
loop_
_struct_site_gen.id 
_struct_site_gen.site_id 
_struct_site_gen.pdbx_num_res 
_struct_site_gen.label_comp_id 
_struct_site_gen.label_asym_id 
_struct_site_gen.label_seq_id 
_struct_site_gen.pdbx_auth_ins_code 
_struct_site_gen.auth_comp_id 
_struct_site_gen.auth_asym_id 
_struct_site_gen.auth_seq_id 
_struct_site_gen.label_atom_id 
_struct_site_gen.label_alt_id 
_struct_site_gen.symmetry 
_struct_site_gen.details 
1  AC1 6 ASP C 10  ? ASP A 71  . ? 1_555 ? 
2  AC1 6 ASP C 131 ? ASP A 192 . ? 1_555 ? 
3  AC1 6 HOH H .   ? HOH A 303 . ? 1_555 ? 
4  AC1 6 HOH H .   ? HOH A 308 . ? 1_555 ? 
5  AC1 6 HOH H .   ? HOH A 311 . ? 1_555 ? 
6  AC1 6 HOH F .   ? HOH B 104 . ? 4_546 ? 
7  AC2 6 ASP C 10  ? ASP A 71  . ? 1_555 ? 
8  AC2 6 GLU C 48  ? GLU A 109 . ? 1_555 ? 
9  AC2 6 ASN C 71  ? ASN A 132 . ? 1_555 ? 
10 AC2 6 HOH H .   ? HOH A 303 . ? 1_555 ? 
11 AC2 6 HOH H .   ? HOH A 305 . ? 1_555 ? 
12 AC2 6 A   A 6   ? A   B 6   . ? 1_555 ? 
# 
_atom_sites.entry_id                    5W7N 
_atom_sites.fract_transf_matrix[1][1]   0.00712285 
_atom_sites.fract_transf_matrix[1][2]   0.00298534 
_atom_sites.fract_transf_matrix[1][3]   -0.00977909 
_atom_sites.fract_transf_matrix[2][1]   -0.02125250 
_atom_sites.fract_transf_matrix[2][2]   0.00982387 
_atom_sites.fract_transf_matrix[2][3]   -0.01248079 
_atom_sites.fract_transf_matrix[3][1]   0.00381815 
_atom_sites.fract_transf_matrix[3][2]   0.01483493 
_atom_sites.fract_transf_matrix[3][3]   0.00517525 
_atom_sites.fract_transf_vector[1]      0.202413 
_atom_sites.fract_transf_vector[2]      -0.180998 
_atom_sites.fract_transf_vector[3]      0.173471 
# 
loop_
_atom_type.symbol 
C  
MG 
N  
O  
P  
S  
SE 
# 
loop_
_atom_site.group_PDB 
_atom_site.id 
_atom_site.type_symbol 
_atom_site.label_atom_id 
_atom_site.label_alt_id 
_atom_site.label_comp_id 
_atom_site.label_asym_id 
_atom_site.label_entity_id 
_atom_site.label_seq_id 
_atom_site.pdbx_PDB_ins_code 
_atom_site.Cartn_x 
_atom_site.Cartn_y 
_atom_site.Cartn_z 
_atom_site.occupancy 
_atom_site.B_iso_or_equiv 
_atom_site.pdbx_formal_charge 
_atom_site.auth_seq_id 
_atom_site.auth_comp_id 
_atom_site.auth_asym_id 
_atom_site.auth_atom_id 
_atom_site.pdbx_PDB_model_num 
ATOM   1    O  "O5'" . U   A 1 1   ? -3.636  33.052  -0.194  1.00 39.17 ? 1   U   B "O5'" 1 
ATOM   2    C  "C5'" . U   A 1 1   ? -4.680  33.954  0.201   1.00 26.15 ? 1   U   B "C5'" 1 
ATOM   3    C  "C4'" . U   A 1 1   ? -5.507  33.316  1.295   1.00 23.94 ? 1   U   B "C4'" 1 
ATOM   4    O  "O4'" . U   A 1 1   ? -6.732  32.826  0.690   1.00 21.58 ? 1   U   B "O4'" 1 
ATOM   5    C  "C3'" . U   A 1 1   ? -4.998  32.110  2.068   1.00 20.49 ? 1   U   B "C3'" 1 
ATOM   6    O  "O3'" . U   A 1 1   ? -4.122  32.329  3.182   1.00 21.07 ? 1   U   B "O3'" 1 
ATOM   7    C  "C2'" . U   A 1 1   ? -6.309  31.599  2.634   1.00 20.84 ? 1   U   B "C2'" 1 
ATOM   8    O  "O2'" . U   A 1 1   ? -6.792  32.444  3.665   1.00 20.51 ? 1   U   B "O2'" 1 
ATOM   9    C  "C1'" . U   A 1 1   ? -7.206  31.719  1.416   1.00 18.77 ? 1   U   B "C1'" 1 
ATOM   10   N  N1    . U   A 1 1   ? -7.119  30.540  0.549   1.00 20.50 ? 1   U   B N1    1 
ATOM   11   C  C2    . U   A 1 1   ? -7.839  29.424  0.934   1.00 21.43 ? 1   U   B C2    1 
ATOM   12   O  O2    . U   A 1 1   ? -8.532  29.401  1.940   1.00 23.84 ? 1   U   B O2    1 
ATOM   13   N  N3    . U   A 1 1   ? -7.732  28.345  0.087   1.00 19.31 ? 1   U   B N3    1 
ATOM   14   C  C4    . U   A 1 1   ? -6.983  28.265  -1.067  1.00 20.20 ? 1   U   B C4    1 
ATOM   15   O  O4    . U   A 1 1   ? -6.954  27.204  -1.699  1.00 24.11 ? 1   U   B O4    1 
ATOM   16   C  C5    . U   A 1 1   ? -6.276  29.464  -1.405  1.00 21.17 ? 1   U   B C5    1 
ATOM   17   C  C6    . U   A 1 1   ? -6.345  30.529  -0.590  1.00 19.49 ? 1   U   B C6    1 
ATOM   18   P  P     . C   A 1 2   ? -2.729  31.563  3.221   1.00 21.56 ? 2   C   B P     1 
ATOM   19   O  OP1   . C   A 1 2   ? -1.961  31.908  4.441   1.00 18.28 ? 2   C   B OP1   1 
ATOM   20   O  OP2   . C   A 1 2   ? -2.128  31.879  1.889   1.00 24.87 ? 2   C   B OP2   1 
ATOM   21   O  "O5'" . C   A 1 2   ? -3.098  30.019  3.143   1.00 24.02 ? 2   C   B "O5'" 1 
ATOM   22   C  "C5'" . C   A 1 2   ? -3.099  29.175  4.315   1.00 20.68 ? 2   C   B "C5'" 1 
ATOM   23   C  "C4'" . C   A 1 2   ? -4.504  28.887  4.769   1.00 23.64 ? 2   C   B "C4'" 1 
ATOM   24   O  "O4'" . C   A 1 2   ? -5.387  28.769  3.603   1.00 22.20 ? 2   C   B "O4'" 1 
ATOM   25   C  "C3'" . C   A 1 2   ? -4.646  27.574  5.526   1.00 21.41 ? 2   C   B "C3'" 1 
ATOM   26   O  "O3'" . C   A 1 2   ? -4.358  27.735  6.898   1.00 21.34 ? 2   C   B "O3'" 1 
ATOM   27   C  "C2'" . C   A 1 2   ? -6.081  27.179  5.223   1.00 22.72 ? 2   C   B "C2'" 1 
ATOM   28   O  "O2'" . C   A 1 2   ? -7.016  27.826  6.048   1.00 20.05 ? 2   C   B "O2'" 1 
ATOM   29   C  "C1'" . C   A 1 2   ? -6.229  27.637  3.767   1.00 22.30 ? 2   C   B "C1'" 1 
ATOM   30   N  N1    . C   A 1 2   ? -5.868  26.673  2.718   1.00 21.55 ? 2   C   B N1    1 
ATOM   31   C  C2    . C   A 1 2   ? -6.687  25.563  2.510   1.00 20.25 ? 2   C   B C2    1 
ATOM   32   O  O2    . C   A 1 2   ? -7.621  25.353  3.295   1.00 18.80 ? 2   C   B O2    1 
ATOM   33   N  N3    . C   A 1 2   ? -6.389  24.701  1.511   1.00 20.74 ? 2   C   B N3    1 
ATOM   34   C  C4    . C   A 1 2   ? -5.357  24.947  0.708   1.00 22.08 ? 2   C   B C4    1 
ATOM   35   N  N4    . C   A 1 2   ? -5.103  24.081  -0.257  1.00 24.53 ? 2   C   B N4    1 
ATOM   36   C  C5    . C   A 1 2   ? -4.504  26.067  0.900   1.00 25.16 ? 2   C   B C5    1 
ATOM   37   C  C6    . C   A 1 2   ? -4.804  26.908  1.893   1.00 23.02 ? 2   C   B C6    1 
ATOM   38   P  P     . G   A 1 3   ? -3.509  26.590  7.656   1.00 25.41 ? 3   G   B P     1 
ATOM   39   O  OP1   . G   A 1 3   ? -3.274  27.030  9.050   1.00 21.60 ? 3   G   B OP1   1 
ATOM   40   O  OP2   . G   A 1 3   ? -2.413  26.252  6.799   1.00 22.97 ? 3   G   B OP2   1 
ATOM   41   O  "O5'" . G   A 1 3   ? -4.510  25.372  7.594   1.00 23.68 ? 3   G   B "O5'" 1 
ATOM   42   C  "C5'" . G   A 1 3   ? -5.640  25.332  8.444   1.00 22.96 ? 3   G   B "C5'" 1 
ATOM   43   C  "C4'" . G   A 1 3   ? -6.488  24.147  8.112   1.00 24.06 ? 3   G   B "C4'" 1 
ATOM   44   O  "O4'" . G   A 1 3   ? -6.896  24.181  6.723   1.00 21.90 ? 3   G   B "O4'" 1 
ATOM   45   C  "C3'" . G   A 1 3   ? -5.770  22.812  8.234   1.00 23.05 ? 3   G   B "C3'" 1 
ATOM   46   O  "O3'" . G   A 1 3   ? -5.787  22.423  9.575   1.00 25.00 ? 3   G   B "O3'" 1 
ATOM   47   C  "C2'" . G   A 1 3   ? -6.647  21.927  7.405   1.00 22.67 ? 3   G   B "C2'" 1 
ATOM   48   O  "O2'" . G   A 1 3   ? -7.865  21.627  8.056   1.00 24.51 ? 3   G   B "O2'" 1 
ATOM   49   C  "C1'" . G   A 1 3   ? -6.919  22.840  6.231   1.00 22.40 ? 3   G   B "C1'" 1 
ATOM   50   N  N9    . G   A 1 3   ? -5.935  22.697  5.176   1.00 19.39 ? 3   G   B N9    1 
ATOM   51   C  C8    . G   A 1 3   ? -4.895  23.523  4.842   1.00 16.86 ? 3   G   B C8    1 
ATOM   52   N  N7    . G   A 1 3   ? -4.279  23.153  3.749   1.00 18.76 ? 3   G   B N7    1 
ATOM   53   C  C5    . G   A 1 3   ? -4.889  21.955  3.406   1.00 18.82 ? 3   G   B C5    1 
ATOM   54   C  C6    . G   A 1 3   ? -4.617  21.053  2.348   1.00 19.09 ? 3   G   B C6    1 
ATOM   55   O  O6    . G   A 1 3   ? -3.786  21.154  1.446   1.00 19.86 ? 3   G   B O6    1 
ATOM   56   N  N1    . G   A 1 3   ? -5.531  20.008  2.322   1.00 19.58 ? 3   G   B N1    1 
ATOM   57   C  C2    . G   A 1 3   ? -6.492  19.782  3.271   1.00 20.86 ? 3   G   B C2    1 
ATOM   58   N  N2    . G   A 1 3   ? -7.225  18.678  3.113   1.00 19.28 ? 3   G   B N2    1 
ATOM   59   N  N3    . G   A 1 3   ? -6.761  20.615  4.268   1.00 21.50 ? 3   G   B N3    1 
ATOM   60   C  C4    . G   A 1 3   ? -5.925  21.671  4.271   1.00 20.18 ? 3   G   B C4    1 
ATOM   61   P  P     . A   A 1 4   ? -4.531  21.596  10.144  1.00 28.02 ? 4   A   B P     1 
ATOM   62   O  OP1   . A   A 1 4   ? -4.755  21.467  11.563  1.00 27.84 ? 4   A   B OP1   1 
ATOM   63   O  OP2   . A   A 1 4   ? -3.273  22.097  9.606   1.00 24.90 ? 4   A   B OP2   1 
ATOM   64   O  "O5'" . A   A 1 4   ? -4.686  20.189  9.388   1.00 26.74 ? 4   A   B "O5'" 1 
ATOM   65   C  "C5'" . A   A 1 4   ? -5.829  19.389  9.697   1.00 23.48 ? 4   A   B "C5'" 1 
ATOM   66   C  "C4'" . A   A 1 4   ? -5.984  18.283  8.696   1.00 23.81 ? 4   A   B "C4'" 1 
ATOM   67   O  "O4'" . A   A 1 4   ? -6.055  18.816  7.347   1.00 22.41 ? 4   A   B "O4'" 1 
ATOM   68   C  "C3'" . A   A 1 4   ? -4.839  17.267  8.623   1.00 23.49 ? 4   A   B "C3'" 1 
ATOM   69   O  "O3'" . A   A 1 4   ? -5.001  16.250  9.587   1.00 21.56 ? 4   A   B "O3'" 1 
ATOM   70   C  "C2'" . A   A 1 4   ? -5.075  16.659  7.262   1.00 20.38 ? 4   A   B "C2'" 1 
ATOM   71   O  "O2'" . A   A 1 4   ? -6.204  15.857  7.336   1.00 23.41 ? 4   A   B "O2'" 1 
ATOM   72   C  "C1'" . A   A 1 4   ? -5.477  17.885  6.452   1.00 22.05 ? 4   A   B "C1'" 1 
ATOM   73   N  N9    . A   A 1 4   ? -4.341  18.516  5.798   1.00 19.30 ? 4   A   B N9    1 
ATOM   74   C  C8    . A   A 1 4   ? -3.559  19.579  6.163   1.00 19.06 ? 4   A   B C8    1 
ATOM   75   N  N7    . A   A 1 4   ? -2.627  19.870  5.294   1.00 16.89 ? 4   A   B N7    1 
ATOM   76   C  C5    . A   A 1 4   ? -2.848  18.967  4.260   1.00 19.45 ? 4   A   B C5    1 
ATOM   77   C  C6    . A   A 1 4   ? -2.169  18.729  3.059   1.00 16.29 ? 4   A   B C6    1 
ATOM   78   N  N6    . A   A 1 4   ? -1.168  19.487  2.629   1.00 15.83 ? 4   A   B N6    1 
ATOM   79   N  N1    . A   A 1 4   ? -2.598  17.706  2.279   1.00 15.90 ? 4   A   B N1    1 
ATOM   80   C  C2    . A   A 1 4   ? -3.611  16.953  2.721   1.00 16.21 ? 4   A   B C2    1 
ATOM   81   N  N3    . A   A 1 4   ? -4.298  17.054  3.851   1.00 16.55 ? 4   A   B N3    1 
ATOM   82   C  C4    . A   A 1 4   ? -3.868  18.100  4.580   1.00 19.14 ? 4   A   B C4    1 
ATOM   83   P  P     . C   A 1 5   ? -3.749  15.421  10.085  1.00 21.19 ? 5   C   B P     1 
ATOM   84   O  OP1   . C   A 1 5   ? -4.156  14.738  11.301  1.00 19.66 ? 5   C   B OP1   1 
ATOM   85   O  OP2   . C   A 1 5   ? -2.546  16.211  10.063  1.00 21.50 ? 5   C   B OP2   1 
ATOM   86   O  "O5'" . C   A 1 5   ? -3.529  14.340  8.917   1.00 17.73 ? 5   C   B "O5'" 1 
ATOM   87   C  "C5'" . C   A 1 5   ? -4.427  13.257  8.753   1.00 17.43 ? 5   C   B "C5'" 1 
ATOM   88   C  "C4'" . C   A 1 5   ? -4.033  12.473  7.513   1.00 17.38 ? 5   C   B "C4'" 1 
ATOM   89   O  "O4'" . C   A 1 5   ? -4.119  13.243  6.278   1.00 16.36 ? 5   C   B "O4'" 1 
ATOM   90   C  "C3'" . C   A 1 5   ? -2.605  11.950  7.526   1.00 16.91 ? 5   C   B "C3'" 1 
ATOM   91   O  "O3'" . C   A 1 5   ? -2.653  10.741  8.281   1.00 17.89 ? 5   C   B "O3'" 1 
ATOM   92   C  "C2'" . C   A 1 5   ? -2.387  11.625  6.063   1.00 15.34 ? 5   C   B "C2'" 1 
ATOM   93   O  "O2'" . C   A 1 5   ? -3.120  10.509  5.672   1.00 13.19 ? 5   C   B "O2'" 1 
ATOM   94   C  "C1'" . C   A 1 5   ? -3.083  12.810  5.388   1.00 15.31 ? 5   C   B "C1'" 1 
ATOM   95   N  N1    . C   A 1 5   ? -2.174  13.911  5.164   1.00 14.88 ? 5   C   B N1    1 
ATOM   96   C  C2    . C   A 1 5   ? -1.376  13.924  4.013   1.00 14.48 ? 5   C   B C2    1 
ATOM   97   O  O2    . C   A 1 5   ? -1.462  12.979  3.207   1.00 16.92 ? 5   C   B O2    1 
ATOM   98   N  N3    . C   A 1 5   ? -0.578  14.990  3.781   1.00 15.49 ? 5   C   B N3    1 
ATOM   99   C  C4    . C   A 1 5   ? -0.483  15.970  4.694   1.00 14.30 ? 5   C   B C4    1 
ATOM   100  N  N4    . C   A 1 5   ? 0.319   16.997  4.434   1.00 14.42 ? 5   C   B N4    1 
ATOM   101  C  C5    . C   A 1 5   ? -1.273  15.972  5.880   1.00 15.49 ? 5   C   B C5    1 
ATOM   102  C  C6    . C   A 1 5   ? -2.102  14.940  6.070   1.00 15.62 ? 5   C   B C6    1 
ATOM   103  P  P     . A   A 1 6   ? -1.626  10.424  9.379   1.00 21.98 ? 6   A   B P     1 
ATOM   104  O  OP1   . A   A 1 6   ? -1.858  9.118   9.886   1.00 19.64 ? 6   A   B OP1   1 
ATOM   105  O  OP2   . A   A 1 6   ? -1.757  11.471  10.535  1.00 28.42 ? 6   A   B OP2   1 
ATOM   106  O  "O5'" . A   A 1 6   ? -0.202  10.567  8.854   1.00 33.10 ? 6   A   B "O5'" 1 
ATOM   107  C  "C5'" . A   A 1 6   ? 0.680   9.680   8.275   1.00 36.88 ? 6   A   B "C5'" 1 
ATOM   108  C  "C4'" . A   A 1 6   ? 1.156   9.990   6.876   1.00 39.90 ? 6   A   B "C4'" 1 
ATOM   109  O  "O4'" . A   A 1 6   ? 0.908   11.361  6.538   1.00 41.53 ? 6   A   B "O4'" 1 
ATOM   110  C  "C3'" . A   A 1 6   ? 2.631   9.763   6.560   1.00 44.94 ? 6   A   B "C3'" 1 
ATOM   111  O  "O3'" . A   A 1 6   ? 2.789   8.543   5.868   1.00 39.44 ? 6   A   B "O3'" 1 
ATOM   112  C  "C2'" . A   A 1 6   ? 2.986   10.859  5.558   1.00 48.67 ? 6   A   B "C2'" 1 
ATOM   113  O  "O2'" . A   A 1 6   ? 2.981   10.606  4.171   1.00 69.80 ? 6   A   B "O2'" 1 
ATOM   114  C  "C1'" . A   A 1 6   ? 1.734   11.720  5.497   1.00 41.84 ? 6   A   B "C1'" 1 
ATOM   115  N  N9    . A   A 1 6   ? 2.068   13.123  5.621   1.00 27.43 ? 6   A   B N9    1 
ATOM   116  C  C8    . A   A 1 6   ? 1.971   13.998  6.667   1.00 24.68 ? 6   A   B C8    1 
ATOM   117  N  N7    . A   A 1 6   ? 2.455   15.186  6.407   1.00 23.78 ? 6   A   B N7    1 
ATOM   118  C  C5    . A   A 1 6   ? 2.945   15.069  5.119   1.00 23.71 ? 6   A   B C5    1 
ATOM   119  C  C6    . A   A 1 6   ? 3.579   15.980  4.256   1.00 25.48 ? 6   A   B C6    1 
ATOM   120  N  N6    . A   A 1 6   ? 3.848   17.236  4.583   1.00 24.31 ? 6   A   B N6    1 
ATOM   121  N  N1    . A   A 1 6   ? 3.936   15.542  3.029   1.00 26.80 ? 6   A   B N1    1 
ATOM   122  C  C2    . A   A 1 6   ? 3.650   14.278  2.693   1.00 27.70 ? 6   A   B C2    1 
ATOM   123  N  N3    . A   A 1 6   ? 3.064   13.330  3.417   1.00 23.29 ? 6   A   B N3    1 
ATOM   124  C  C4    . A   A 1 6   ? 2.714   13.800  4.623   1.00 26.64 ? 6   A   B C4    1 
ATOM   125  O  "O5'" . DA  B 2 1   ? 9.562   24.099  0.662   1.00 49.36 ? 1   DA  C "O5'" 1 
ATOM   126  C  "C5'" . DA  B 2 1   ? 10.490  24.089  -0.419  1.00 50.14 ? 1   DA  C "C5'" 1 
ATOM   127  C  "C4'" . DA  B 2 1   ? 11.040  22.695  -0.617  1.00 51.10 ? 1   DA  C "C4'" 1 
ATOM   128  O  "O4'" . DA  B 2 1   ? 11.432  22.159  0.651   1.00 37.48 ? 1   DA  C "O4'" 1 
ATOM   129  C  "C3'" . DA  B 2 1   ? 10.081  21.665  -1.229  1.00 42.58 ? 1   DA  C "C3'" 1 
ATOM   130  O  "O3'" . DA  B 2 1   ? 10.515  21.315  -2.518  1.00 50.95 ? 1   DA  C "O3'" 1 
ATOM   131  C  "C2'" . DA  B 2 1   ? 10.544  20.361  -0.650  1.00 36.09 ? 1   DA  C "C2'" 1 
ATOM   132  C  "C1'" . DA  B 2 1   ? 11.164  20.757  0.662   1.00 39.75 ? 1   DA  C "C1'" 1 
ATOM   133  N  N9    . DA  B 2 1   ? 10.282  20.468  1.776   1.00 34.88 ? 1   DA  C N9    1 
ATOM   134  C  C8    . DA  B 2 1   ? 9.837   21.270  2.788   1.00 30.59 ? 1   DA  C C8    1 
ATOM   135  N  N7    . DA  B 2 1   ? 9.090   20.650  3.663   1.00 33.81 ? 1   DA  C N7    1 
ATOM   136  C  C5    . DA  B 2 1   ? 8.991   19.365  3.157   1.00 28.89 ? 1   DA  C C5    1 
ATOM   137  C  C6    . DA  B 2 1   ? 8.333   18.222  3.618   1.00 26.72 ? 1   DA  C C6    1 
ATOM   138  N  N6    . DA  B 2 1   ? 7.611   18.198  4.738   1.00 24.93 ? 1   DA  C N6    1 
ATOM   139  N  N1    . DA  B 2 1   ? 8.417   17.100  2.867   1.00 30.03 ? 1   DA  C N1    1 
ATOM   140  C  C2    . DA  B 2 1   ? 9.160   17.129  1.752   1.00 24.95 ? 1   DA  C C2    1 
ATOM   141  N  N3    . DA  B 2 1   ? 9.831   18.145  1.222   1.00 29.74 ? 1   DA  C N3    1 
ATOM   142  C  C4    . DA  B 2 1   ? 9.711   19.243  1.987   1.00 30.19 ? 1   DA  C C4    1 
HETATM 143  P  P     . US3 B 2 2   ? 9.508   21.223  -3.760  1.00 49.14 ? 2   US3 C P     1 
HETATM 144  N  N1    . US3 B 2 2   ? 6.460   17.701  -0.746  1.00 23.67 ? 2   US3 C N1    1 
HETATM 145  C  C2    . US3 B 2 2   ? 5.785   16.909  0.099   1.00 20.58 ? 2   US3 C C2    1 
HETATM 146  SE SE2   . US3 B 2 2   ? 5.293   15.074  -0.270  0.70 23.38 ? 2   US3 C SE2   1 
HETATM 147  N  N3    . US3 B 2 2   ? 5.270   17.288  1.271   1.00 21.21 ? 2   US3 C N3    1 
HETATM 148  C  C4    . US3 B 2 2   ? 5.496   18.606  1.609   1.00 22.10 ? 2   US3 C C4    1 
HETATM 149  O  O4    . US3 B 2 2   ? 5.027   18.886  2.688   1.00 22.19 ? 2   US3 C O4    1 
HETATM 150  C  C5    . US3 B 2 2   ? 6.140   19.492  0.749   1.00 21.16 ? 2   US3 C C5    1 
HETATM 151  C  C6    . US3 B 2 2   ? 6.667   19.078  -0.428  1.00 24.08 ? 2   US3 C C6    1 
HETATM 152  C  "C1'" . US3 B 2 2   ? 6.960   17.145  -2.002  1.00 26.58 ? 2   US3 C "C1'" 1 
HETATM 153  C  "C2'" . US3 B 2 2   ? 6.122   17.501  -3.246  1.00 26.87 ? 2   US3 C "C2'" 1 
HETATM 154  O  OP2   . US3 B 2 2   ? 8.453   22.264  -3.532  1.00 37.76 ? 2   US3 C OP2   1 
HETATM 155  C  "C3'" . US3 B 2 2   ? 7.239   17.840  -4.180  1.00 26.24 ? 2   US3 C "C3'" 1 
HETATM 156  O  "O3'" . US3 B 2 2   ? 7.349   16.988  -5.338  1.00 24.13 ? 2   US3 C "O3'" 1 
HETATM 157  C  "C4'" . US3 B 2 2   ? 8.547   17.657  -3.347  1.00 27.09 ? 2   US3 C "C4'" 1 
HETATM 158  O  "O4'" . US3 B 2 2   ? 8.119   17.887  -2.028  1.00 25.67 ? 2   US3 C "O4'" 1 
HETATM 159  C  "C5'" . US3 B 2 2   ? 9.489   18.689  -3.850  1.00 31.34 ? 2   US3 C "C5'" 1 
HETATM 160  O  "O5'" . US3 B 2 2   ? 8.717   19.846  -3.519  1.00 35.82 ? 2   US3 C "O5'" 1 
HETATM 161  C  C5A   . US3 B 2 2   ? 6.362   20.853  1.048   1.00 24.38 ? 2   US3 C C5A   1 
HETATM 162  O  OP1   . US3 B 2 2   ? 10.432  20.873  -4.839  1.00 35.14 ? 2   US3 C OP1   1 
ATOM   163  P  P     . DG  B 2 3   ? 6.029   16.918  -6.405  1.00 20.10 ? 3   DG  C P     1 
ATOM   164  O  OP1   . DG  B 2 3   ? 6.738   16.278  -7.544  1.00 16.45 ? 3   DG  C OP1   1 
ATOM   165  O  OP2   . DG  B 2 3   ? 5.249   18.158  -6.398  1.00 18.44 ? 3   DG  C OP2   1 
ATOM   166  O  "O5'" . DG  B 2 3   ? 4.995   15.846  -5.788  1.00 18.56 ? 3   DG  C "O5'" 1 
ATOM   167  C  "C5'" . DG  B 2 3   ? 5.501   14.533  -5.462  1.00 17.52 ? 3   DG  C "C5'" 1 
ATOM   168  C  "C4'" . DG  B 2 3   ? 4.388   13.738  -4.812  1.00 17.23 ? 3   DG  C "C4'" 1 
ATOM   169  O  "O4'" . DG  B 2 3   ? 4.056   14.224  -3.486  1.00 16.35 ? 3   DG  C "O4'" 1 
ATOM   170  C  "C3'" . DG  B 2 3   ? 3.080   13.798  -5.602  1.00 16.49 ? 3   DG  C "C3'" 1 
ATOM   171  O  "O3'" . DG  B 2 3   ? 2.596   12.413  -5.685  1.00 18.16 ? 3   DG  C "O3'" 1 
ATOM   172  C  "C2'" . DG  B 2 3   ? 2.182   14.721  -4.800  1.00 17.27 ? 3   DG  C "C2'" 1 
ATOM   173  C  "C1'" . DG  B 2 3   ? 2.655   14.378  -3.397  1.00 16.67 ? 3   DG  C "C1'" 1 
ATOM   174  N  N9    . DG  B 2 3   ? 2.405   15.355  -2.359  1.00 15.59 ? 3   DG  C N9    1 
ATOM   175  C  C8    . DG  B 2 3   ? 2.781   16.677  -2.307  1.00 16.98 ? 3   DG  C C8    1 
ATOM   176  N  N7    . DG  B 2 3   ? 2.407   17.265  -1.205  1.00 17.40 ? 3   DG  C N7    1 
ATOM   177  C  C5    . DG  B 2 3   ? 1.847   16.245  -0.448  1.00 16.37 ? 3   DG  C C5    1 
ATOM   178  C  C6    . DG  B 2 3   ? 1.285   16.264  0.849   1.00 15.46 ? 3   DG  C C6    1 
ATOM   179  O  O6    . DG  B 2 3   ? 1.202   17.209  1.635   1.00 18.11 ? 3   DG  C O6    1 
ATOM   180  N  N1    . DG  B 2 3   ? 0.765   15.015  1.203   1.00 16.55 ? 3   DG  C N1    1 
ATOM   181  C  C2    . DG  B 2 3   ? 0.777   13.899  0.389   1.00 14.19 ? 3   DG  C C2    1 
ATOM   182  N  N2    . DG  B 2 3   ? 0.288   12.759  0.903   1.00 12.18 ? 3   DG  C N2    1 
ATOM   183  N  N3    . DG  B 2 3   ? 1.334   13.871  -0.797  1.00 13.28 ? 3   DG  C N3    1 
ATOM   184  C  C4    . DG  B 2 3   ? 1.814   15.071  -1.163  1.00 15.39 ? 3   DG  C C4    1 
HETATM 185  P  P     . US3 B 2 4   ? 1.332   12.028  -6.677  1.00 17.11 ? 4   US3 C P     1 
HETATM 186  N  N1    . US3 B 2 4   ? -1.660  15.676  -2.202  1.00 18.58 ? 4   US3 C N1    1 
HETATM 187  C  C2    . US3 B 2 4   ? -1.968  15.888  -0.957  1.00 17.56 ? 4   US3 C C2    1 
HETATM 188  SE SE2   . US3 B 2 4   ? -3.010  14.688  0.035   0.70 18.75 ? 4   US3 C SE2   1 
HETATM 189  N  N3    . US3 B 2 4   ? -1.651  17.089  -0.341  1.00 17.58 ? 4   US3 C N3    1 
HETATM 190  C  C4    . US3 B 2 4   ? -0.943  18.086  -0.968  1.00 18.85 ? 4   US3 C C4    1 
HETATM 191  O  O4    . US3 B 2 4   ? -0.648  19.112  -0.337  1.00 19.60 ? 4   US3 C O4    1 
HETATM 192  C  C5    . US3 B 2 4   ? -0.615  17.892  -2.301  1.00 19.43 ? 4   US3 C C5    1 
HETATM 193  C  C6    . US3 B 2 4   ? -0.999  16.679  -2.885  1.00 19.54 ? 4   US3 C C6    1 
HETATM 194  C  "C1'" . US3 B 2 4   ? -2.052  14.409  -2.959  1.00 17.82 ? 4   US3 C "C1'" 1 
HETATM 195  C  "C2'" . US3 B 2 4   ? -3.396  14.563  -3.734  1.00 18.48 ? 4   US3 C "C2'" 1 
HETATM 196  O  OP2   . US3 B 2 4   ? 1.058   12.978  -7.836  1.00 18.91 ? 4   US3 C OP2   1 
HETATM 197  C  "C3'" . US3 B 2 4   ? -3.014  13.937  -5.040  1.00 17.42 ? 4   US3 C "C3'" 1 
HETATM 198  O  "O3'" . US3 B 2 4   ? -4.074  12.963  -5.268  1.00 19.72 ? 4   US3 C "O3'" 1 
HETATM 199  C  "C4'" . US3 B 2 4   ? -1.758  13.242  -4.861  1.00 15.54 ? 4   US3 C "C4'" 1 
HETATM 200  O  "O4'" . US3 B 2 4   ? -1.082  14.131  -3.894  1.00 17.91 ? 4   US3 C "O4'" 1 
HETATM 201  C  "C5'" . US3 B 2 4   ? -0.949  13.119  -6.086  1.00 15.17 ? 4   US3 C "C5'" 1 
HETATM 202  O  "O5'" . US3 B 2 4   ? 0.096   12.242  -5.762  1.00 14.56 ? 4   US3 C "O5'" 1 
HETATM 203  C  C5A   . US3 B 2 4   ? 0.098   18.836  -3.070  1.00 19.68 ? 4   US3 C C5A   1 
HETATM 204  O  OP1   . US3 B 2 4   ? 1.582   10.554  -6.901  1.00 15.81 ? 4   US3 C OP1   1 
ATOM   205  P  P     . DC  B 2 5   ? -5.653  13.238  -5.568  1.00 20.73 ? 5   DC  C P     1 
ATOM   206  O  OP1   . DC  B 2 5   ? -6.264  12.019  -6.129  1.00 22.16 ? 5   DC  C OP1   1 
ATOM   207  O  OP2   . DC  B 2 5   ? -5.553  14.456  -6.426  1.00 21.70 ? 5   DC  C OP2   1 
ATOM   208  O  "O5'" . DC  B 2 5   ? -6.373  13.642  -4.222  1.00 20.31 ? 5   DC  C "O5'" 1 
ATOM   209  C  "C5'" . DC  B 2 5   ? -6.615  12.648  -3.263  1.00 19.47 ? 5   DC  C "C5'" 1 
ATOM   210  C  "C4'" . DC  B 2 5   ? -7.339  13.258  -2.109  1.00 20.46 ? 5   DC  C "C4'" 1 
ATOM   211  O  "O4'" . DC  B 2 5   ? -6.506  14.271  -1.512  1.00 20.46 ? 5   DC  C "O4'" 1 
ATOM   212  C  "C3'" . DC  B 2 5   ? -8.674  13.940  -2.472  1.00 23.23 ? 5   DC  C "C3'" 1 
ATOM   213  O  "O3'" . DC  B 2 5   ? -9.658  13.533  -1.511  1.00 27.22 ? 5   DC  C "O3'" 1 
ATOM   214  C  "C2'" . DC  B 2 5   ? -8.348  15.417  -2.384  1.00 22.50 ? 5   DC  C "C2'" 1 
ATOM   215  C  "C1'" . DC  B 2 5   ? -7.327  15.419  -1.265  1.00 21.03 ? 5   DC  C "C1'" 1 
ATOM   216  N  N1    . DC  B 2 5   ? -6.426  16.582  -1.231  1.00 18.43 ? 5   DC  C N1    1 
ATOM   217  C  C2    . DC  B 2 5   ? -6.178  17.219  -0.012  1.00 17.70 ? 5   DC  C C2    1 
ATOM   218  O  O2    . DC  B 2 5   ? -6.769  16.821  0.999   1.00 19.67 ? 5   DC  C O2    1 
ATOM   219  N  N3    . DC  B 2 5   ? -5.305  18.248  0.032   1.00 16.88 ? 5   DC  C N3    1 
ATOM   220  C  C4    . DC  B 2 5   ? -4.668  18.620  -1.077  1.00 19.86 ? 5   DC  C C4    1 
ATOM   221  N  N4    . DC  B 2 5   ? -3.820  19.645  -1.001  1.00 20.18 ? 5   DC  C N4    1 
ATOM   222  C  C5    . DC  B 2 5   ? -4.881  17.966  -2.323  1.00 18.83 ? 5   DC  C C5    1 
ATOM   223  C  C6    . DC  B 2 5   ? -5.756  16.961  -2.354  1.00 17.86 ? 5   DC  C C6    1 
ATOM   224  P  P     . DG  B 2 6   ? -11.149 14.116  -1.597  1.00 28.65 ? 6   DG  C P     1 
ATOM   225  O  OP1   . DG  B 2 6   ? -12.056 13.019  -1.320  1.00 35.75 ? 6   DG  C OP1   1 
ATOM   226  O  OP2   . DG  B 2 6   ? -11.243 14.783  -2.881  1.00 27.40 ? 6   DG  C OP2   1 
ATOM   227  O  "O5'" . DG  B 2 6   ? -11.110 15.208  -0.428  1.00 24.49 ? 6   DG  C "O5'" 1 
ATOM   228  C  "C5'" . DG  B 2 6   ? -11.206 14.778  0.909   1.00 26.03 ? 6   DG  C "C5'" 1 
ATOM   229  C  "C4'" . DG  B 2 6   ? -11.513 15.955  1.797   1.00 31.99 ? 6   DG  C "C4'" 1 
ATOM   230  O  "O4'" . DG  B 2 6   ? -10.407 16.914  1.786   1.00 28.92 ? 6   DG  C "O4'" 1 
ATOM   231  C  "C3'" . DG  B 2 6   ? -12.770 16.716  1.359   1.00 28.13 ? 6   DG  C "C3'" 1 
ATOM   232  O  "O3'" . DG  B 2 6   ? -13.530 16.945  2.527   1.00 32.39 ? 6   DG  C "O3'" 1 
ATOM   233  C  "C2'" . DG  B 2 6   ? -12.230 17.976  0.716   1.00 30.22 ? 6   DG  C "C2'" 1 
ATOM   234  C  "C1'" . DG  B 2 6   ? -10.905 18.201  1.468   1.00 27.86 ? 6   DG  C "C1'" 1 
ATOM   235  N  N9    . DG  B 2 6   ? -9.903  18.879  0.658   1.00 23.59 ? 6   DG  C N9    1 
ATOM   236  C  C8    . DG  B 2 6   ? -9.383  18.482  -0.544  1.00 23.45 ? 6   DG  C C8    1 
ATOM   237  N  N7    . DG  B 2 6   ? -8.532  19.338  -1.042  1.00 22.01 ? 6   DG  C N7    1 
ATOM   238  C  C5    . DG  B 2 6   ? -8.471  20.350  -0.091  1.00 22.36 ? 6   DG  C C5    1 
ATOM   239  C  C6    . DG  B 2 6   ? -7.674  21.521  -0.047  1.00 20.27 ? 6   DG  C C6    1 
ATOM   240  O  O6    . DG  B 2 6   ? -6.894  21.943  -0.894  1.00 21.75 ? 6   DG  C O6    1 
ATOM   241  N  N1    . DG  B 2 6   ? -7.922  22.265  1.099   1.00 21.50 ? 6   DG  C N1    1 
ATOM   242  C  C2    . DG  B 2 6   ? -8.826  21.923  2.081   1.00 23.36 ? 6   DG  C C2    1 
ATOM   243  N  N2    . DG  B 2 6   ? -8.926  22.750  3.122   1.00 24.91 ? 6   DG  C N2    1 
ATOM   244  N  N3    . DG  B 2 6   ? -9.527  20.801  2.078   1.00 24.07 ? 6   DG  C N3    1 
ATOM   245  C  C4    . DG  B 2 6   ? -9.300  20.071  0.971   1.00 21.70 ? 6   DG  C C4    1 
ATOM   246  N  N     . GLU C 3 1   ? -9.827  -0.675  20.570  1.00 44.79 ? 62  GLU A N     1 
ATOM   247  C  CA    . GLU C 3 1   ? -10.120 0.002   19.305  1.00 37.31 ? 62  GLU A CA    1 
ATOM   248  C  C     . GLU C 3 1   ? -9.136  -0.270  18.134  1.00 29.82 ? 62  GLU A C     1 
ATOM   249  O  O     . GLU C 3 1   ? -9.584  -0.336  17.032  1.00 31.92 ? 62  GLU A O     1 
ATOM   250  C  CB    . GLU C 3 1   ? -10.341 1.487   19.521  1.00 38.41 ? 62  GLU A CB    1 
ATOM   251  C  CG    . GLU C 3 1   ? -11.511 1.918   18.689  1.00 45.16 ? 62  GLU A CG    1 
ATOM   252  C  CD    . GLU C 3 1   ? -11.874 3.350   18.908  1.00 53.16 ? 62  GLU A CD    1 
ATOM   253  O  OE1   . GLU C 3 1   ? -11.963 3.783   20.098  1.00 50.24 ? 62  GLU A OE1   1 
ATOM   254  O  OE2   . GLU C 3 1   ? -12.109 4.022   17.870  1.00 56.98 ? 62  GLU A OE2   1 
ATOM   255  N  N     . ILE C 3 2   ? -7.838  -0.440  18.359  1.00 27.28 ? 63  ILE A N     1 
ATOM   256  C  CA    . ILE C 3 2   ? -6.924  -0.955  17.336  1.00 24.14 ? 63  ILE A CA    1 
ATOM   257  C  C     . ILE C 3 2   ? -7.319  -2.372  17.063  1.00 24.10 ? 63  ILE A C     1 
ATOM   258  O  O     . ILE C 3 2   ? -7.422  -3.181  18.008  1.00 19.42 ? 63  ILE A O     1 
ATOM   259  C  CB    . ILE C 3 2   ? -5.470  -0.993  17.793  1.00 24.21 ? 63  ILE A CB    1 
ATOM   260  C  CG1   . ILE C 3 2   ? -4.962  0.456   17.877  1.00 27.13 ? 63  ILE A CG1   1 
ATOM   261  C  CG2   . ILE C 3 2   ? -4.597  -1.852  16.857  1.00 25.06 ? 63  ILE A CG2   1 
ATOM   262  C  CD1   . ILE C 3 2   ? -3.528  0.529   18.303  1.00 28.01 ? 63  ILE A CD1   1 
ATOM   263  N  N     . ILE C 3 3   ? -7.612  -2.682  15.798  1.00 19.49 ? 64  ILE A N     1 
ATOM   264  C  CA    . ILE C 3 3   ? -7.885  -4.056  15.428  1.00 18.26 ? 64  ILE A CA    1 
ATOM   265  C  C     . ILE C 3 3   ? -6.524  -4.699  15.213  1.00 20.23 ? 64  ILE A C     1 
ATOM   266  O  O     . ILE C 3 3   ? -5.866  -4.555  14.176  1.00 17.78 ? 64  ILE A O     1 
ATOM   267  C  CB    . ILE C 3 3   ? -8.775  -4.180  14.194  1.00 18.45 ? 64  ILE A CB    1 
ATOM   268  C  CG1   . ILE C 3 3   ? -10.063 -3.392  14.436  1.00 21.09 ? 64  ILE A CG1   1 
ATOM   269  C  CG2   . ILE C 3 3   ? -8.913  -5.647  13.728  1.00 16.77 ? 64  ILE A CG2   1 
ATOM   270  C  CD1   . ILE C 3 3   ? -10.818 -3.153  13.158  1.00 25.98 ? 64  ILE A CD1   1 
ATOM   271  N  N     . TRP C 3 4   ? -6.087  -5.428  16.205  1.00 18.00 ? 65  TRP A N     1 
ATOM   272  C  CA    . TRP C 3 4   ? -4.771  -6.077  16.162  1.00 20.72 ? 65  TRP A CA    1 
ATOM   273  C  C     . TRP C 3 4   ? -4.667  -7.183  15.174  1.00 17.59 ? 65  TRP A C     1 
ATOM   274  O  O     . TRP C 3 4   ? -3.581  -7.453  14.674  1.00 18.24 ? 65  TRP A O     1 
ATOM   275  C  CB    . TRP C 3 4   ? -4.379  -6.642  17.551  1.00 22.42 ? 65  TRP A CB    1 
ATOM   276  C  CG    . TRP C 3 4   ? -4.143  -5.533  18.512  1.00 27.07 ? 65  TRP A CG    1 
ATOM   277  C  CD1   . TRP C 3 4   ? -4.996  -5.100  19.480  1.00 26.64 ? 65  TRP A CD1   1 
ATOM   278  C  CD2   . TRP C 3 4   ? -3.044  -4.633  18.510  1.00 23.51 ? 65  TRP A CD2   1 
ATOM   279  N  NE1   . TRP C 3 4   ? -4.466  -4.018  20.110  1.00 29.07 ? 65  TRP A NE1   1 
ATOM   280  C  CE2   . TRP C 3 4   ? -3.258  -3.715  19.553  1.00 28.77 ? 65  TRP A CE2   1 
ATOM   281  C  CE3   . TRP C 3 4   ? -1.879  -4.546  17.777  1.00 27.40 ? 65  TRP A CE3   1 
ATOM   282  C  CZ2   . TRP C 3 4   ? -2.363  -2.699  19.858  1.00 26.54 ? 65  TRP A CZ2   1 
ATOM   283  C  CZ3   . TRP C 3 4   ? -0.967  -3.526  18.076  1.00 29.00 ? 65  TRP A CZ3   1 
ATOM   284  C  CH2   . TRP C 3 4   ? -1.209  -2.632  19.133  1.00 26.32 ? 65  TRP A CH2   1 
ATOM   285  N  N     . GLU C 3 5   ? -5.758  -7.879  14.936  1.00 18.84 ? 66  GLU A N     1 
ATOM   286  C  CA    . GLU C 3 5   ? -5.733  -8.982  13.996  1.00 19.17 ? 66  GLU A CA    1 
ATOM   287  C  C     . GLU C 3 5   ? -5.865  -8.330  12.580  1.00 18.32 ? 66  GLU A C     1 
ATOM   288  O  O     . GLU C 3 5   ? -6.929  -8.319  11.976  1.00 14.62 ? 66  GLU A O     1 
ATOM   289  C  CB    . GLU C 3 5   ? -6.902  -9.937  14.208  1.00 19.57 ? 66  GLU A CB    1 
ATOM   290  C  CG    . GLU C 3 5   ? -6.719  -11.287 13.568  1.00 21.48 ? 66  GLU A CG    1 
ATOM   291  C  CD    . GLU C 3 5   ? -7.769  -12.269 14.133  1.00 23.89 ? 66  GLU A CD    1 
ATOM   292  O  OE1   . GLU C 3 5   ? -7.814  -12.485 15.375  1.00 24.88 ? 66  GLU A OE1   1 
ATOM   293  O  OE2   . GLU C 3 5   ? -8.577  -12.772 13.358  1.00 23.06 ? 66  GLU A OE2   1 
ATOM   294  N  N     . SER C 3 6   ? -4.754  -7.796  12.104  1.00 16.58 ? 67  SER A N     1 
ATOM   295  C  CA    . SER C 3 6   ? -4.772  -6.968  10.900  1.00 14.77 ? 67  SER A CA    1 
ATOM   296  C  C     . SER C 3 6   ? -3.387  -6.981  10.245  1.00 14.18 ? 67  SER A C     1 
ATOM   297  O  O     . SER C 3 6   ? -2.441  -7.486  10.796  1.00 13.61 ? 67  SER A O     1 
ATOM   298  C  CB    . SER C 3 6   ? -5.275  -5.534  11.197  1.00 13.41 ? 67  SER A CB    1 
ATOM   299  O  OG    . SER C 3 6   ? -4.332  -4.895  12.005  1.00 14.11 ? 67  SER A OG    1 
ATOM   300  N  N     . LEU C 3 7   ? -3.330  -6.511  8.995   1.00 13.56 ? 68  LEU A N     1 
ATOM   301  C  CA    . LEU C 3 7   ? -2.113  -6.282  8.267   1.00 13.71 ? 68  LEU A CA    1 
ATOM   302  C  C     . LEU C 3 7   ? -1.924  -4.762  8.180   1.00 16.42 ? 68  LEU A C     1 
ATOM   303  O  O     . LEU C 3 7   ? -2.886  -4.069  7.786   1.00 17.01 ? 68  LEU A O     1 
ATOM   304  C  CB    . LEU C 3 7   ? -2.270  -6.853  6.844   1.00 16.23 ? 68  LEU A CB    1 
ATOM   305  C  CG    . LEU C 3 7   ? -1.149  -6.498  5.831   1.00 19.68 ? 68  LEU A CG    1 
ATOM   306  C  CD1   . LEU C 3 7   ? 0.116   -7.146  6.327   1.00 19.32 ? 68  LEU A CD1   1 
ATOM   307  C  CD2   . LEU C 3 7   ? -1.415  -6.977  4.377   1.00 22.62 ? 68  LEU A CD2   1 
ATOM   308  N  N     . SER C 3 8   ? -0.742  -4.241  8.548   1.00 12.89 ? 69  SER A N     1 
ATOM   309  C  CA    . SER C 3 8   ? -0.420  -2.829  8.364   1.00 12.19 ? 69  SER A CA    1 
ATOM   310  C  C     . SER C 3 8   ? 0.600   -2.697  7.217   1.00 13.05 ? 69  SER A C     1 
ATOM   311  O  O     . SER C 3 8   ? 1.520   -3.474  7.114   1.00 11.78 ? 69  SER A O     1 
ATOM   312  C  CB    . SER C 3 8   ? 0.151   -2.311  9.670   1.00 11.98 ? 69  SER A CB    1 
ATOM   313  O  OG    . SER C 3 8   ? -0.853  -2.332  10.673  1.00 13.89 ? 69  SER A OG    1 
ATOM   314  N  N     . VAL C 3 9   ? 0.394   -1.729  6.346   1.00 12.41 ? 70  VAL A N     1 
ATOM   315  C  CA    . VAL C 3 9   ? 1.310   -1.420  5.278   1.00 12.96 ? 70  VAL A CA    1 
ATOM   316  C  C     . VAL C 3 9   ? 1.813   -0.012  5.361   1.00 13.79 ? 70  VAL A C     1 
ATOM   317  O  O     . VAL C 3 9   ? 1.133   0.951   5.845   1.00 14.29 ? 70  VAL A O     1 
ATOM   318  C  CB    . VAL C 3 9   ? 0.628   -1.684  3.909   1.00 12.17 ? 70  VAL A CB    1 
ATOM   319  C  CG1   . VAL C 3 9   ? 0.160   -3.077  3.852   1.00 12.15 ? 70  VAL A CG1   1 
ATOM   320  C  CG2   . VAL C 3 9   ? -0.531  -0.719  3.602   1.00 12.04 ? 70  VAL A CG2   1 
ATOM   321  N  N     . ASP C 3 10  ? 3.016   0.199   4.803   1.00 13.97 ? 71  ASP A N     1 
ATOM   322  C  CA    . ASP C 3 10  ? 3.550   1.543   4.721   1.00 14.19 ? 71  ASP A CA    1 
ATOM   323  C  C     . ASP C 3 10  ? 4.557   1.619   3.598   1.00 14.65 ? 71  ASP A C     1 
ATOM   324  O  O     . ASP C 3 10  ? 5.183   0.603   3.241   1.00 10.91 ? 71  ASP A O     1 
ATOM   325  C  CB    . ASP C 3 10  ? 4.187   2.046   6.070   1.00 13.59 ? 71  ASP A CB    1 
ATOM   326  C  CG    . ASP C 3 10  ? 4.320   3.559   6.139   1.00 15.46 ? 71  ASP A CG    1 
ATOM   327  O  OD1   . ASP C 3 10  ? 3.756   4.268   5.289   1.00 15.84 ? 71  ASP A OD1   1 
ATOM   328  O  OD2   . ASP C 3 10  ? 5.057   4.069   6.974   1.00 15.80 ? 71  ASP A OD2   1 
ATOM   329  N  N     . VAL C 3 11  ? 4.665   2.792   3.029   1.00 13.85 ? 72  VAL A N     1 
ATOM   330  C  CA    . VAL C 3 11  ? 5.707   3.131   2.058   1.00 15.70 ? 72  VAL A CA    1 
ATOM   331  C  C     . VAL C 3 11  ? 7.005   3.632   2.764   1.00 17.45 ? 72  VAL A C     1 
ATOM   332  O  O     . VAL C 3 11  ? 6.988   4.217   3.841   1.00 15.26 ? 72  VAL A O     1 
ATOM   333  C  CB    . VAL C 3 11  ? 5.150   4.165   1.069   1.00 17.18 ? 72  VAL A CB    1 
ATOM   334  C  CG1   . VAL C 3 11  ? 5.082   5.565   1.741   1.00 19.70 ? 72  VAL A CG1   1 
ATOM   335  C  CG2   . VAL C 3 11  ? 5.970   4.330   -0.216  1.00 19.22 ? 72  VAL A CG2   1 
ATOM   336  N  N     . GLY C 3 12  ? 8.130   3.526   2.056   1.00 16.64 ? 73  GLY A N     1 
ATOM   337  C  CA    . GLY C 3 12  ? 9.385   4.174   2.476   1.00 15.47 ? 73  GLY A CA    1 
ATOM   338  C  C     . GLY C 3 12  ? 10.012  4.797   1.221   1.00 16.27 ? 73  GLY A C     1 
ATOM   339  O  O     . GLY C 3 12  ? 9.877   4.261   0.075   1.00 17.03 ? 73  GLY A O     1 
ATOM   340  N  N     . SER C 3 13  ? 10.608  5.961   1.326   1.00 15.33 ? 74  SER A N     1 
ATOM   341  C  CA    . SER C 3 13  ? 11.281  6.485   0.161   1.00 15.90 ? 74  SER A CA    1 
ATOM   342  C  C     . SER C 3 13  ? 12.605  7.134   0.506   1.00 17.83 ? 74  SER A C     1 
ATOM   343  O  O     . SER C 3 13  ? 12.812  7.543   1.685   1.00 18.50 ? 74  SER A O     1 
ATOM   344  C  CB    . SER C 3 13  ? 10.427  7.499   -0.646  1.00 16.43 ? 74  SER A CB    1 
ATOM   345  O  OG    . SER C 3 13  ? 10.450  8.846   -0.087  1.00 16.49 ? 74  SER A OG    1 
ATOM   346  N  N     . GLN C 3 14  ? 13.386  7.345   -0.552  1.00 17.89 ? 75  GLN A N     1 
ATOM   347  C  CA    . GLN C 3 14  ? 14.569  8.227   -0.529  1.00 20.60 ? 75  GLN A CA    1 
ATOM   348  C  C     . GLN C 3 14  ? 14.364  9.265   -1.595  1.00 20.92 ? 75  GLN A C     1 
ATOM   349  O  O     . GLN C 3 14  ? 14.578  8.999   -2.800  1.00 17.59 ? 75  GLN A O     1 
ATOM   350  C  CB    . GLN C 3 14  ? 15.815  7.406   -0.793  1.00 25.94 ? 75  GLN A CB    1 
ATOM   351  C  CG    . GLN C 3 14  ? 17.038  8.222   -1.204  1.00 34.31 ? 75  GLN A CG    1 
ATOM   352  C  CD    . GLN C 3 14  ? 18.255  7.863   -0.432  1.00 36.99 ? 75  GLN A CD    1 
ATOM   353  O  OE1   . GLN C 3 14  ? 18.737  6.757   -0.499  1.00 38.41 ? 75  GLN A OE1   1 
ATOM   354  N  NE2   . GLN C 3 14  ? 18.760  8.824   0.337   1.00 52.45 ? 75  GLN A NE2   1 
ATOM   355  N  N     . GLY C 3 15  ? 13.914  10.442  -1.140  1.00 17.53 ? 76  GLY A N     1 
ATOM   356  C  CA    . GLY C 3 15  ? 13.382  11.454  -2.009  1.00 18.40 ? 76  GLY A CA    1 
ATOM   357  C  C     . GLY C 3 15  ? 11.895  11.202  -2.354  1.00 16.85 ? 76  GLY A C     1 
ATOM   358  O  O     . GLY C 3 15  ? 11.338  10.087  -2.194  1.00 17.41 ? 76  GLY A O     1 
ATOM   359  N  N     . ASN C 3 16  ? 11.287  12.229  -2.868  1.00 17.88 ? 77  ASN A N     1 
ATOM   360  C  CA    . ASN C 3 16  ? 9.906   12.171  -3.338  1.00 18.90 ? 77  ASN A CA    1 
ATOM   361  C  C     . ASN C 3 16  ? 9.691   13.234  -4.389  1.00 19.70 ? 77  ASN A C     1 
ATOM   362  O  O     . ASN C 3 16  ? 9.549   14.446  -4.047  1.00 20.06 ? 77  ASN A O     1 
ATOM   363  C  CB    . ASN C 3 16  ? 8.906   12.353  -2.169  1.00 19.08 ? 77  ASN A CB    1 
ATOM   364  C  CG    . ASN C 3 16  ? 7.483   12.148  -2.592  1.00 18.37 ? 77  ASN A CG    1 
ATOM   365  O  OD1   . ASN C 3 16  ? 7.246   11.417  -3.549  1.00 17.24 ? 77  ASN A OD1   1 
ATOM   366  N  ND2   . ASN C 3 16  ? 6.544   12.815  -1.930  1.00 20.95 ? 77  ASN A ND2   1 
ATOM   367  N  N     . PRO C 3 17  ? 9.662   12.881  -5.659  1.00 17.99 ? 78  PRO A N     1 
ATOM   368  C  CA    . PRO C 3 17  ? 9.768   11.537  -6.240  1.00 18.05 ? 78  PRO A CA    1 
ATOM   369  C  C     . PRO C 3 17  ? 11.131  10.971  -5.982  1.00 18.55 ? 78  PRO A C     1 
ATOM   370  O  O     . PRO C 3 17  ? 12.089  11.762  -5.923  1.00 20.81 ? 78  PRO A O     1 
ATOM   371  C  CB    . PRO C 3 17  ? 9.579   11.823  -7.717  1.00 18.94 ? 78  PRO A CB    1 
ATOM   372  C  CG    . PRO C 3 17  ? 8.754   13.032  -7.739  1.00 17.93 ? 78  PRO A CG    1 
ATOM   373  C  CD    . PRO C 3 17  ? 9.117   13.884  -6.592  1.00 18.28 ? 78  PRO A CD    1 
ATOM   374  N  N     . GLY C 3 18  ? 11.263  9.688   -5.730  1.00 16.20 ? 79  GLY A N     1 
ATOM   375  C  CA    . GLY C 3 18  ? 12.595  9.110   -5.579  1.00 17.71 ? 79  GLY A CA    1 
ATOM   376  C  C     . GLY C 3 18  ? 12.413  7.621   -5.429  1.00 15.67 ? 79  GLY A C     1 
ATOM   377  O  O     . GLY C 3 18  ? 11.413  7.086   -5.892  1.00 14.55 ? 79  GLY A O     1 
ATOM   378  N  N     . ILE C 3 19  ? 13.333  6.969   -4.755  1.00 17.50 ? 80  ILE A N     1 
ATOM   379  C  CA    . ILE C 3 19  ? 13.351  5.545   -4.723  1.00 17.82 ? 80  ILE A CA    1 
ATOM   380  C  C     . ILE C 3 19  ? 12.239  5.150   -3.732  1.00 17.71 ? 80  ILE A C     1 
ATOM   381  O  O     . ILE C 3 19  ? 12.194  5.698   -2.668  1.00 15.30 ? 80  ILE A O     1 
ATOM   382  C  CB    . ILE C 3 19  ? 14.661  5.000   -4.246  1.00 21.43 ? 80  ILE A CB    1 
ATOM   383  C  CG1   . ILE C 3 19  ? 15.788  5.425   -5.192  1.00 23.96 ? 80  ILE A CG1   1 
ATOM   384  C  CG2   . ILE C 3 19  ? 14.610  3.452   -4.171  1.00 23.40 ? 80  ILE A CG2   1 
ATOM   385  C  CD1   . ILE C 3 19  ? 17.150  5.305   -4.480  1.00 24.63 ? 80  ILE A CD1   1 
ATOM   386  N  N     . VAL C 3 20  ? 11.331  4.265   -4.135  1.00 16.33 ? 81  VAL A N     1 
ATOM   387  C  CA    . VAL C 3 20  ? 10.183  3.876   -3.316  1.00 16.36 ? 81  VAL A CA    1 
ATOM   388  C  C     . VAL C 3 20  ? 10.217  2.375   -2.999  1.00 16.19 ? 81  VAL A C     1 
ATOM   389  O  O     . VAL C 3 20  ? 10.484  1.545   -3.868  1.00 15.30 ? 81  VAL A O     1 
ATOM   390  C  CB    . VAL C 3 20  ? 8.912   4.232   -4.076  1.00 19.33 ? 81  VAL A CB    1 
ATOM   391  C  CG1   . VAL C 3 20  ? 7.681   3.595   -3.467  1.00 23.50 ? 81  VAL A CG1   1 
ATOM   392  C  CG2   . VAL C 3 20  ? 8.748   5.769   -4.040  1.00 21.53 ? 81  VAL A CG2   1 
ATOM   393  N  N     . GLU C 3 21  ? 9.837   2.036   -1.790  1.00 16.61 ? 82  GLU A N     1 
ATOM   394  C  CA    . GLU C 3 21  ? 9.631   0.637   -1.388  1.00 16.85 ? 82  GLU A CA    1 
ATOM   395  C  C     . GLU C 3 21  ? 8.409   0.635   -0.452  1.00 14.98 ? 82  GLU A C     1 
ATOM   396  O  O     . GLU C 3 21  ? 7.876   1.685   -0.085  1.00 15.12 ? 82  GLU A O     1 
ATOM   397  C  CB    . GLU C 3 21  ? 10.867  0.102   -0.633  1.00 19.13 ? 82  GLU A CB    1 
ATOM   398  C  CG    . GLU C 3 21  ? 11.131  0.755   0.673   1.00 21.49 ? 82  GLU A CG    1 
ATOM   399  C  CD    . GLU C 3 21  ? 12.512  0.481   1.252   1.00 29.13 ? 82  GLU A CD    1 
ATOM   400  O  OE1   . GLU C 3 21  ? 13.232  -0.419  0.826   1.00 30.14 ? 82  GLU A OE1   1 
ATOM   401  O  OE2   . GLU C 3 21  ? 12.875  1.249   2.133   1.00 37.46 ? 82  GLU A OE2   1 
ATOM   402  N  N     . TYR C 3 22  ? 7.918   -0.568  -0.144  1.00 12.58 ? 83  TYR A N     1 
ATOM   403  C  CA    . TYR C 3 22  ? 6.805   -0.674  0.775   1.00 12.45 ? 83  TYR A CA    1 
ATOM   404  C  C     . TYR C 3 22  ? 6.896   -2.037  1.452   1.00 14.32 ? 83  TYR A C     1 
ATOM   405  O  O     . TYR C 3 22  ? 7.593   -2.947  0.953   1.00 13.44 ? 83  TYR A O     1 
ATOM   406  C  CB    . TYR C 3 22  ? 5.488   -0.492  0.089   1.00 13.38 ? 83  TYR A CB    1 
ATOM   407  C  CG    . TYR C 3 22  ? 5.151   -1.390  -1.000  1.00 14.74 ? 83  TYR A CG    1 
ATOM   408  C  CD1   . TYR C 3 22  ? 4.659   -2.663  -0.726  1.00 15.48 ? 83  TYR A CD1   1 
ATOM   409  C  CD2   . TYR C 3 22  ? 5.240   -0.992  -2.340  1.00 18.80 ? 83  TYR A CD2   1 
ATOM   410  C  CE1   . TYR C 3 22  ? 4.337   -3.546  -1.711  1.00 16.58 ? 83  TYR A CE1   1 
ATOM   411  C  CE2   . TYR C 3 22  ? 4.893   -1.912  -3.353  1.00 18.73 ? 83  TYR A CE2   1 
ATOM   412  C  CZ    . TYR C 3 22  ? 4.440   -3.156  -2.999  1.00 18.29 ? 83  TYR A CZ    1 
ATOM   413  O  OH    . TYR C 3 22  ? 4.051   -4.151  -3.887  1.00 24.89 ? 83  TYR A OH    1 
ATOM   414  N  N     . LYS C 3 23  ? 6.160   -2.172  2.551   1.00 13.45 ? 84  LYS A N     1 
ATOM   415  C  CA    . LYS C 3 23  ? 6.136   -3.397  3.236   1.00 14.06 ? 84  LYS A CA    1 
ATOM   416  C  C     . LYS C 3 23  ? 4.800   -3.572  3.928   1.00 14.72 ? 84  LYS A C     1 
ATOM   417  O  O     . LYS C 3 23  ? 4.115   -2.588  4.211   1.00 12.28 ? 84  LYS A O     1 
ATOM   418  C  CB    . LYS C 3 23  ? 7.302   -3.519  4.214   1.00 16.30 ? 84  LYS A CB    1 
ATOM   419  C  CG    . LYS C 3 23  ? 7.344   -2.655  5.411   1.00 18.72 ? 84  LYS A CG    1 
ATOM   420  C  CD    . LYS C 3 23  ? 8.673   -2.948  6.099   1.00 23.14 ? 84  LYS A CD    1 
ATOM   421  C  CE    . LYS C 3 23  ? 8.794   -2.412  7.510   1.00 26.20 ? 84  LYS A CE    1 
ATOM   422  N  NZ    . LYS C 3 23  ? 9.186   -1.005  7.529   1.00 27.38 ? 84  LYS A NZ    1 
ATOM   423  N  N     . GLY C 3 24  ? 4.518   -4.832  4.256   1.00 13.20 ? 85  GLY A N     1 
ATOM   424  C  CA    . GLY C 3 24  ? 3.322   -5.253  4.977   1.00 13.91 ? 85  GLY A CA    1 
ATOM   425  C  C     . GLY C 3 24  ? 3.788   -6.006  6.225   1.00 15.11 ? 85  GLY A C     1 
ATOM   426  O  O     . GLY C 3 24  ? 4.646   -6.922  6.128   1.00 16.67 ? 85  GLY A O     1 
ATOM   427  N  N     . VAL C 3 25  ? 3.284   -5.611  7.377   1.00 15.39 ? 86  VAL A N     1 
ATOM   428  C  CA    . VAL C 3 25  ? 3.551   -6.326  8.598   1.00 16.94 ? 86  VAL A CA    1 
ATOM   429  C  C     . VAL C 3 25  ? 2.333   -6.791  9.368   1.00 17.39 ? 86  VAL A C     1 
ATOM   430  O  O     . VAL C 3 25  ? 1.267   -6.218  9.286   1.00 14.96 ? 86  VAL A O     1 
ATOM   431  C  CB    . VAL C 3 25  ? 4.458   -5.477  9.518   1.00 17.26 ? 86  VAL A CB    1 
ATOM   432  C  CG1   . VAL C 3 25  ? 5.623   -4.885  8.712   1.00 18.22 ? 86  VAL A CG1   1 
ATOM   433  C  CG2   . VAL C 3 25  ? 3.662   -4.419  10.265  1.00 19.22 ? 86  VAL A CG2   1 
ATOM   434  N  N     . ASP C 3 26  ? 2.492   -7.854  10.145  1.00 16.52 ? 87  ASP A N     1 
ATOM   435  C  CA    . ASP C 3 26  ? 1.397   -8.273  11.022  1.00 17.55 ? 87  ASP A CA    1 
ATOM   436  C  C     . ASP C 3 26  ? 1.306   -7.209  12.116  1.00 16.44 ? 87  ASP A C     1 
ATOM   437  O  O     . ASP C 3 26  ? 2.325   -6.869  12.801  1.00 17.32 ? 87  ASP A O     1 
ATOM   438  C  CB    . ASP C 3 26  ? 1.715   -9.676  11.606  1.00 19.09 ? 87  ASP A CB    1 
ATOM   439  C  CG    . ASP C 3 26  ? 0.676   -10.153 12.651  1.00 20.07 ? 87  ASP A CG    1 
ATOM   440  O  OD1   . ASP C 3 26  ? 0.385   -9.445  13.638  1.00 27.22 ? 87  ASP A OD1   1 
ATOM   441  O  OD2   . ASP C 3 26  ? 0.230   -11.262 12.441  1.00 26.20 ? 87  ASP A OD2   1 
ATOM   442  N  N     . THR C 3 27  ? 0.138   -6.658  12.314  1.00 15.73 ? 88  THR A N     1 
ATOM   443  C  CA    . THR C 3 27  ? -0.012  -5.542  13.210  1.00 19.15 ? 88  THR A CA    1 
ATOM   444  C  C     . THR C 3 27  ? 0.317   -5.921  14.701  1.00 21.53 ? 88  THR A C     1 
ATOM   445  O  O     . THR C 3 27  ? 0.861   -5.111  15.430  1.00 22.32 ? 88  THR A O     1 
ATOM   446  C  CB    . THR C 3 27  ? -1.414  -4.950  13.138  1.00 16.15 ? 88  THR A CB    1 
ATOM   447  O  OG1   . THR C 3 27  ? -1.708  -4.493  11.778  1.00 14.19 ? 88  THR A OG1   1 
ATOM   448  C  CG2   . THR C 3 27  ? -1.518  -3.706  14.013  1.00 16.25 ? 88  THR A CG2   1 
ATOM   449  N  N     . LYS C 3 28  ? -0.041  -7.131  15.068  1.00 27.77 ? 89  LYS A N     1 
ATOM   450  C  CA    . LYS C 3 28  ? 0.151   -7.659  16.438  1.00 33.78 ? 89  LYS A CA    1 
ATOM   451  C  C     . LYS C 3 28  ? 1.627   -7.916  16.683  1.00 36.07 ? 89  LYS A C     1 
ATOM   452  O  O     . LYS C 3 28  ? 2.189   -7.342  17.566  1.00 34.91 ? 89  LYS A O     1 
ATOM   453  C  CB    . LYS C 3 28  ? -0.697  -8.935  16.642  1.00 36.87 ? 89  LYS A CB    1 
ATOM   454  C  CG    . LYS C 3 28  ? -0.861  -9.448  18.092  1.00 38.73 ? 89  LYS A CG    1 
ATOM   455  C  CD    . LYS C 3 28  ? -1.601  -10.768 18.219  1.00 39.73 ? 89  LYS A CD    1 
ATOM   456  C  CE    . LYS C 3 28  ? -2.865  -10.855 17.376  1.00 42.89 ? 89  LYS A CE    1 
ATOM   457  N  NZ    . LYS C 3 28  ? -3.482  -12.200 17.530  1.00 44.98 ? 89  LYS A NZ    1 
ATOM   458  N  N     . THR C 3 29  ? 2.277   -8.684  15.819  1.00 36.24 ? 90  THR A N     1 
ATOM   459  C  CA    . THR C 3 29  ? 3.635   -9.092  16.092  1.00 35.83 ? 90  THR A CA    1 
ATOM   460  C  C     . THR C 3 29  ? 4.722   -8.271  15.488  1.00 37.00 ? 90  THR A C     1 
ATOM   461  O  O     . THR C 3 29  ? 5.845   -8.447  15.907  1.00 38.88 ? 90  THR A O     1 
ATOM   462  C  CB    . THR C 3 29  ? 3.868   -10.508 15.574  1.00 37.49 ? 90  THR A CB    1 
ATOM   463  O  OG1   . THR C 3 29  ? 3.857   -10.466 14.148  1.00 36.49 ? 90  THR A OG1   1 
ATOM   464  C  CG2   . THR C 3 29  ? 2.800   -11.457 16.031  1.00 36.91 ? 90  THR A CG2   1 
ATOM   465  N  N     . GLY C 3 30  ? 4.459   -7.449  14.459  1.00 28.24 ? 91  GLY A N     1 
ATOM   466  C  CA    . GLY C 3 30  ? 5.508   -6.763  13.740  1.00 27.33 ? 91  GLY A CA    1 
ATOM   467  C  C     . GLY C 3 30  ? 6.270   -7.632  12.744  1.00 25.36 ? 91  GLY A C     1 
ATOM   468  O  O     . GLY C 3 30  ? 7.160   -7.168  12.021  1.00 27.71 ? 91  GLY A O     1 
ATOM   469  N  N     . GLU C 3 31  ? 5.892   -8.868  12.605  1.00 28.14 ? 92  GLU A N     1 
ATOM   470  C  CA    . GLU C 3 31  ? 6.557   -9.678  11.649  1.00 27.77 ? 92  GLU A CA    1 
ATOM   471  C  C     . GLU C 3 31  ? 6.354   -9.084  10.226  1.00 28.55 ? 92  GLU A C     1 
ATOM   472  O  O     . GLU C 3 31  ? 5.193   -8.812  9.835   1.00 19.95 ? 92  GLU A O     1 
ATOM   473  C  CB    . GLU C 3 31  ? 5.993   -11.060 11.674  1.00 30.02 ? 92  GLU A CB    1 
ATOM   474  C  CG    . GLU C 3 31  ? 6.734   -11.982 10.739  1.00 34.25 ? 92  GLU A CG    1 
ATOM   475  C  CD    . GLU C 3 31  ? 6.047   -13.314 10.545  1.00 39.18 ? 92  GLU A CD    1 
ATOM   476  O  OE1   . GLU C 3 31  ? 5.080   -13.626 11.277  1.00 37.51 ? 92  GLU A OE1   1 
ATOM   477  O  OE2   . GLU C 3 31  ? 6.519   -14.060 9.654   1.00 43.27 ? 92  GLU A OE2   1 
ATOM   478  N  N     . VAL C 3 32  ? 7.448   -8.990  9.461   1.00 22.54 ? 93  VAL A N     1 
ATOM   479  C  CA    . VAL C 3 32  ? 7.369   -8.523  8.073   1.00 22.42 ? 93  VAL A CA    1 
ATOM   480  C  C     . VAL C 3 32  ? 6.843   -9.609  7.213   1.00 21.85 ? 93  VAL A C     1 
ATOM   481  O  O     . VAL C 3 32  ? 7.462   -10.643 7.108   1.00 24.63 ? 93  VAL A O     1 
ATOM   482  C  CB    . VAL C 3 32  ? 8.719   -8.045  7.477   1.00 22.88 ? 93  VAL A CB    1 
ATOM   483  C  CG1   . VAL C 3 32  ? 8.503   -7.546  6.045   1.00 23.10 ? 93  VAL A CG1   1 
ATOM   484  C  CG2   . VAL C 3 32  ? 9.283   -6.888  8.280   1.00 24.72 ? 93  VAL A CG2   1 
ATOM   485  N  N     . LEU C 3 33  ? 5.723   -9.379  6.528   1.00 18.62 ? 94  LEU A N     1 
ATOM   486  C  CA    . LEU C 3 33  ? 5.121   -10.384 5.695   1.00 18.14 ? 94  LEU A CA    1 
ATOM   487  C  C     . LEU C 3 33  ? 5.471   -10.277 4.209   1.00 18.33 ? 94  LEU A C     1 
ATOM   488  O  O     . LEU C 3 33  ? 5.479   -11.292 3.474   1.00 21.16 ? 94  LEU A O     1 
ATOM   489  C  CB    . LEU C 3 33  ? 3.630   -10.392 5.889   1.00 18.83 ? 94  LEU A CB    1 
ATOM   490  C  CG    . LEU C 3 33  ? 3.182   -10.691 7.327   1.00 20.26 ? 94  LEU A CG    1 
ATOM   491  C  CD1   . LEU C 3 33  ? 1.680   -10.423 7.462   1.00 19.96 ? 94  LEU A CD1   1 
ATOM   492  C  CD2   . LEU C 3 33  ? 3.600   -12.077 7.844   1.00 20.70 ? 94  LEU A CD2   1 
ATOM   493  N  N     . PHE C 3 34  ? 5.679   -9.057  3.750   1.00 15.66 ? 95  PHE A N     1 
ATOM   494  C  CA    . PHE C 3 34  ? 6.143   -8.798  2.393   1.00 16.39 ? 95  PHE A CA    1 
ATOM   495  C  C     . PHE C 3 34  ? 6.893   -7.521  2.358   1.00 15.55 ? 95  PHE A C     1 
ATOM   496  O  O     . PHE C 3 34  ? 6.606   -6.619  3.135   1.00 16.14 ? 95  PHE A O     1 
ATOM   497  C  CB    . PHE C 3 34  ? 4.969   -8.892  1.357   1.00 14.77 ? 95  PHE A CB    1 
ATOM   498  C  CG    . PHE C 3 34  ? 3.865   -7.922  1.592   1.00 14.39 ? 95  PHE A CG    1 
ATOM   499  C  CD1   . PHE C 3 34  ? 3.997   -6.606  1.179   1.00 13.87 ? 95  PHE A CD1   1 
ATOM   500  C  CD2   . PHE C 3 34  ? 2.624   -8.340  2.144   1.00 13.53 ? 95  PHE A CD2   1 
ATOM   501  C  CE1   . PHE C 3 34  ? 2.952   -5.699  1.303   1.00 13.56 ? 95  PHE A CE1   1 
ATOM   502  C  CE2   . PHE C 3 34  ? 1.640   -7.418  2.345   1.00 12.92 ? 95  PHE A CE2   1 
ATOM   503  C  CZ    . PHE C 3 34  ? 1.789   -6.098  1.909   1.00 13.86 ? 95  PHE A CZ    1 
ATOM   504  N  N     . GLU C 3 35  ? 7.908   -7.404  1.502   1.00 17.83 ? 96  GLU A N     1 
ATOM   505  C  CA    . GLU C 3 35  ? 8.649   -6.134  1.319   1.00 17.69 ? 96  GLU A CA    1 
ATOM   506  C  C     . GLU C 3 35  ? 9.065   -6.101  -0.138  1.00 18.02 ? 96  GLU A C     1 
ATOM   507  O  O     . GLU C 3 35  ? 9.639   -7.070  -0.694  1.00 16.92 ? 96  GLU A O     1 
ATOM   508  C  CB    . GLU C 3 35  ? 9.809   -5.899  2.278   1.00 22.21 ? 96  GLU A CB    1 
ATOM   509  C  CG    . GLU C 3 35  ? 10.586  -4.569  1.994   1.00 26.05 ? 96  GLU A CG    1 
ATOM   510  C  CD    . GLU C 3 35  ? 11.442  -4.133  3.177   1.00 27.78 ? 96  GLU A CD    1 
ATOM   511  O  OE1   . GLU C 3 35  ? 11.867  -5.040  3.870   1.00 33.63 ? 96  GLU A OE1   1 
ATOM   512  O  OE2   . GLU C 3 35  ? 11.610  -2.938  3.452   1.00 31.09 ? 96  GLU A OE2   1 
ATOM   513  N  N     . ARG C 3 36  ? 8.617   -5.062  -0.815  1.00 18.01 ? 97  ARG A N     1 
ATOM   514  C  CA    . ARG C 3 36  ? 8.793   -4.897  -2.228  1.00 17.61 ? 97  ARG A CA    1 
ATOM   515  C  C     . ARG C 3 36  ? 10.237  -4.356  -2.439  1.00 16.56 ? 97  ARG A C     1 
ATOM   516  O  O     . ARG C 3 36  ? 10.691  -3.451  -1.754  1.00 15.63 ? 97  ARG A O     1 
ATOM   517  C  CB    . ARG C 3 36  ? 7.723   -3.927  -2.732  1.00 20.34 ? 97  ARG A CB    1 
ATOM   518  C  CG    . ARG C 3 36  ? 7.913   -3.393  -4.142  1.00 22.91 ? 97  ARG A CG    1 
ATOM   519  C  CD    . ARG C 3 36  ? 8.144   -4.538  -5.050  1.00 26.27 ? 97  ARG A CD    1 
ATOM   520  N  NE    . ARG C 3 36  ? 7.973   -4.295  -6.460  1.00 37.65 ? 97  ARG A NE    1 
ATOM   521  C  CZ    . ARG C 3 36  ? 8.945   -4.119  -7.353  1.00 38.22 ? 97  ARG A CZ    1 
ATOM   522  N  NH1   . ARG C 3 36  ? 10.195  -4.046  -7.000  1.00 40.24 ? 97  ARG A NH1   1 
ATOM   523  N  NH2   . ARG C 3 36  ? 8.638   -3.998  -8.621  1.00 38.30 ? 97  ARG A NH2   1 
ATOM   524  N  N     . GLU C 3 37  ? 10.952  -4.946  -3.377  1.00 17.86 ? 98  GLU A N     1 
ATOM   525  C  CA    . GLU C 3 37  ? 12.243  -4.418  -3.815  1.00 20.14 ? 98  GLU A CA    1 
ATOM   526  C  C     . GLU C 3 37  ? 12.132  -2.976  -4.248  1.00 17.85 ? 98  GLU A C     1 
ATOM   527  O  O     . GLU C 3 37  ? 11.200  -2.642  -4.904  1.00 15.67 ? 98  GLU A O     1 
ATOM   528  C  CB    . GLU C 3 37  ? 12.787  -5.277  -4.984  1.00 22.65 ? 98  GLU A CB    1 
ATOM   529  C  CG    . GLU C 3 37  ? 13.871  -4.708  -5.793  1.00 23.27 ? 98  GLU A CG    1 
ATOM   530  C  CD    . GLU C 3 37  ? 14.556  -5.757  -6.656  1.00 27.51 ? 98  GLU A CD    1 
ATOM   531  O  OE1   . GLU C 3 37  ? 13.958  -6.818  -7.021  1.00 23.43 ? 98  GLU A OE1   1 
ATOM   532  O  OE2   . GLU C 3 37  ? 15.755  -5.468  -6.967  1.00 31.69 ? 98  GLU A OE2   1 
ATOM   533  N  N     . PRO C 3 38  ? 13.121  -2.144  -3.911  1.00 22.86 ? 99  PRO A N     1 
ATOM   534  C  CA    . PRO C 3 38  ? 13.021  -0.703  -4.255  1.00 20.13 ? 99  PRO A CA    1 
ATOM   535  C  C     . PRO C 3 38  ? 12.772  -0.397  -5.692  1.00 19.31 ? 99  PRO A C     1 
ATOM   536  O  O     . PRO C 3 38  ? 13.314  -1.074  -6.553  1.00 17.74 ? 99  PRO A O     1 
ATOM   537  C  CB    . PRO C 3 38  ? 14.373  -0.174  -3.804  1.00 21.75 ? 99  PRO A CB    1 
ATOM   538  C  CG    . PRO C 3 38  ? 14.705  -1.018  -2.609  1.00 23.26 ? 99  PRO A CG    1 
ATOM   539  C  CD    . PRO C 3 38  ? 14.291  -2.411  -3.016  1.00 20.25 ? 99  PRO A CD    1 
ATOM   540  N  N     . ILE C 3 39  ? 11.837  0.494   -5.959  1.00 17.12 ? 100 ILE A N     1 
ATOM   541  C  CA    . ILE C 3 39  ? 11.520  0.924   -7.293  1.00 18.77 ? 100 ILE A CA    1 
ATOM   542  C  C     . ILE C 3 39  ? 12.289  2.242   -7.546  1.00 19.96 ? 100 ILE A C     1 
ATOM   543  O  O     . ILE C 3 39  ? 12.190  3.115   -6.728  1.00 18.81 ? 100 ILE A O     1 
ATOM   544  C  CB    . ILE C 3 39  ? 10.041  1.146   -7.373  1.00 19.76 ? 100 ILE A CB    1 
ATOM   545  C  CG1   . ILE C 3 39  ? 9.310   -0.187  -7.179  1.00 21.00 ? 100 ILE A CG1   1 
ATOM   546  C  CG2   . ILE C 3 39  ? 9.621   1.906   -8.641  1.00 20.07 ? 100 ILE A CG2   1 
ATOM   547  C  CD1   . ILE C 3 39  ? 7.916   0.024   -6.644  1.00 23.25 ? 100 ILE A CD1   1 
ATOM   548  N  N     . PRO C 3 40  ? 12.979  2.405   -8.711  1.00 21.15 ? 101 PRO A N     1 
ATOM   549  C  CA    . PRO C 3 40  ? 13.897  3.569   -8.756  1.00 22.95 ? 101 PRO A CA    1 
ATOM   550  C  C     . PRO C 3 40  ? 13.351  4.946   -8.595  1.00 21.32 ? 101 PRO A C     1 
ATOM   551  O  O     . PRO C 3 40  ? 14.013  5.793   -7.985  1.00 23.40 ? 101 PRO A O     1 
ATOM   552  C  CB    . PRO C 3 40  ? 14.557  3.405   -10.116 1.00 25.08 ? 101 PRO A CB    1 
ATOM   553  C  CG    . PRO C 3 40  ? 14.662  1.911   -10.204 1.00 27.41 ? 101 PRO A CG    1 
ATOM   554  C  CD    . PRO C 3 40  ? 13.297  1.439   -9.803  1.00 23.34 ? 101 PRO A CD    1 
ATOM   555  N  N     . ILE C 3 41  ? 12.188  5.198   -9.188  1.00 20.24 ? 102 ILE A N     1 
ATOM   556  C  CA    . ILE C 3 41  ? 11.488  6.466   -9.089  1.00 21.68 ? 102 ILE A CA    1 
ATOM   557  C  C     . ILE C 3 41  ? 9.994   6.222   -8.976  1.00 19.43 ? 102 ILE A C     1 
ATOM   558  O  O     . ILE C 3 41  ? 9.434   5.479   -9.739  1.00 20.08 ? 102 ILE A O     1 
ATOM   559  C  CB    . ILE C 3 41  ? 11.680  7.368   -10.337 1.00 24.92 ? 102 ILE A CB    1 
ATOM   560  C  CG1   . ILE C 3 41  ? 13.169  7.488   -10.681 1.00 28.71 ? 102 ILE A CG1   1 
ATOM   561  C  CG2   . ILE C 3 41  ? 10.974  8.704   -10.146 1.00 26.18 ? 102 ILE A CG2   1 
ATOM   562  C  CD1   . ILE C 3 41  ? 14.021  8.228   -9.656  1.00 29.90 ? 102 ILE A CD1   1 
ATOM   563  N  N     . GLY C 3 42  ? 9.382   6.929   -8.070  1.00 18.18 ? 103 GLY A N     1 
ATOM   564  C  CA    . GLY C 3 42  ? 8.012   6.818   -7.687  1.00 16.83 ? 103 GLY A CA    1 
ATOM   565  C  C     . GLY C 3 42  ? 7.650   7.938   -6.753  1.00 16.47 ? 103 GLY A C     1 
ATOM   566  O  O     . GLY C 3 42  ? 8.494   8.712   -6.358  1.00 16.51 ? 103 GLY A O     1 
ATOM   567  N  N     . THR C 3 43  ? 6.384   8.056   -6.403  1.00 13.83 ? 104 THR A N     1 
ATOM   568  C  CA    . THR C 3 43  ? 5.958   9.042   -5.437  1.00 15.37 ? 104 THR A CA    1 
ATOM   569  C  C     . THR C 3 43  ? 5.542   8.237   -4.184  1.00 15.74 ? 104 THR A C     1 
ATOM   570  O  O     . THR C 3 43  ? 5.302   7.023   -4.272  1.00 15.21 ? 104 THR A O     1 
ATOM   571  C  CB    . THR C 3 43  ? 4.763   9.869   -5.880  1.00 13.77 ? 104 THR A CB    1 
ATOM   572  O  OG1   . THR C 3 43  ? 3.583   9.075   -5.953  1.00 12.90 ? 104 THR A OG1   1 
ATOM   573  C  CG2   . THR C 3 43  ? 5.102   10.699  -7.232  1.00 14.13 ? 104 THR A CG2   1 
ATOM   574  N  N     . ASN C 3 44  ? 5.487   8.948   -3.069  1.00 13.86 ? 105 ASN A N     1 
ATOM   575  C  CA    . ASN C 3 44  ? 4.884   8.447   -1.809  1.00 14.82 ? 105 ASN A CA    1 
ATOM   576  C  C     . ASN C 3 44  ? 3.504   7.854   -2.047  1.00 12.56 ? 105 ASN A C     1 
ATOM   577  O  O     . ASN C 3 44  ? 3.191   6.752   -1.601  1.00 14.00 ? 105 ASN A O     1 
ATOM   578  C  CB    . ASN C 3 44  ? 4.816   9.547   -0.744  1.00 15.02 ? 105 ASN A CB    1 
ATOM   579  C  CG    . ASN C 3 44  ? 3.963   10.820  -1.168  1.00 15.72 ? 105 ASN A CG    1 
ATOM   580  O  OD1   . ASN C 3 44  ? 3.833   11.212  -2.356  1.00 14.88 ? 105 ASN A OD1   1 
ATOM   581  N  ND2   . ASN C 3 44  ? 3.409   11.481  -0.175  1.00 16.04 ? 105 ASN A ND2   1 
ATOM   582  N  N     . ASN C 3 45  ? 2.635   8.595   -2.707  1.00 12.34 ? 106 ASN A N     1 
ATOM   583  C  CA    . ASN C 3 45  ? 1.273   8.172   -2.817  1.00 12.13 ? 106 ASN A CA    1 
ATOM   584  C  C     . ASN C 3 45  ? 1.136   6.993   -3.731  1.00 11.54 ? 106 ASN A C     1 
ATOM   585  O  O     . ASN C 3 45  ? 0.342   6.112   -3.484  1.00 10.88 ? 106 ASN A O     1 
ATOM   586  C  CB    . ASN C 3 45  ? 0.397   9.314   -3.266  1.00 12.63 ? 106 ASN A CB    1 
ATOM   587  C  CG    . ASN C 3 45  ? 0.323   10.460  -2.251  1.00 15.10 ? 106 ASN A CG    1 
ATOM   588  O  OD1   . ASN C 3 45  ? 0.295   10.252  -0.970  1.00 13.47 ? 106 ASN A OD1   1 
ATOM   589  N  ND2   . ASN C 3 45  ? 0.229   11.698  -2.802  1.00 13.94 ? 106 ASN A ND2   1 
ATOM   590  N  N     . MET C 3 46  ? 1.959   6.919   -4.751  1.00 11.86 ? 107 MET A N     1 
ATOM   591  C  CA    . MET C 3 46  ? 1.954   5.695   -5.586  1.00 12.99 ? 107 MET A CA    1 
ATOM   592  C  C     . MET C 3 46  ? 2.359   4.493   -4.745  1.00 12.40 ? 107 MET A C     1 
ATOM   593  O  O     . MET C 3 46  ? 1.792   3.429   -4.885  1.00 12.37 ? 107 MET A O     1 
ATOM   594  C  CB    . MET C 3 46  ? 2.870   5.794   -6.856  1.00 14.60 ? 107 MET A CB    1 
ATOM   595  C  CG    . MET C 3 46  ? 2.347   6.816   -7.872  1.00 17.22 ? 107 MET A CG    1 
ATOM   596  S  SD    . MET C 3 46  ? 3.662   7.008   -9.086  1.00 23.47 ? 107 MET A SD    1 
ATOM   597  C  CE    . MET C 3 46  ? 2.708   6.864   -10.630 1.00 21.59 ? 107 MET A CE    1 
ATOM   598  N  N     . GLY C 3 47  ? 3.437   4.650   -3.973  1.00 11.92 ? 108 GLY A N     1 
ATOM   599  C  CA    . GLY C 3 47  ? 3.924   3.580   -3.190  1.00 11.69 ? 108 GLY A CA    1 
ATOM   600  C  C     . GLY C 3 47  ? 2.890   3.100   -2.190  1.00 11.19 ? 108 GLY A C     1 
ATOM   601  O  O     . GLY C 3 47  ? 2.777   1.926   -1.979  1.00 12.48 ? 108 GLY A O     1 
ATOM   602  N  N     . GLU C 3 48  ? 2.195   4.032   -1.560  1.00 11.67 ? 109 GLU A N     1 
ATOM   603  C  CA    . GLU C 3 48  ? 1.203   3.720   -0.502  1.00 12.02 ? 109 GLU A CA    1 
ATOM   604  C  C     . GLU C 3 48  ? 0.058   2.980   -1.139  1.00 12.11 ? 109 GLU A C     1 
ATOM   605  O  O     . GLU C 3 48  ? -0.440  2.005   -0.581  1.00 10.20 ? 109 GLU A O     1 
ATOM   606  C  CB    . GLU C 3 48  ? 0.627   4.959   0.114   1.00 13.69 ? 109 GLU A CB    1 
ATOM   607  C  CG    . GLU C 3 48  ? 1.606   5.819   0.863   1.00 16.83 ? 109 GLU A CG    1 
ATOM   608  C  CD    . GLU C 3 48  ? 1.716   5.413   2.333   1.00 19.28 ? 109 GLU A CD    1 
ATOM   609  O  OE1   . GLU C 3 48  ? 1.355   4.236   2.628   1.00 21.69 ? 109 GLU A OE1   1 
ATOM   610  O  OE2   . GLU C 3 48  ? 2.218   6.293   3.105   1.00 23.96 ? 109 GLU A OE2   1 
ATOM   611  N  N     . PHE C 3 49  ? -0.274  3.377   -2.381  1.00 10.81 ? 110 PHE A N     1 
ATOM   612  C  CA    . PHE C 3 49  ? -1.310  2.661   -3.160  1.00 11.79 ? 110 PHE A CA    1 
ATOM   613  C  C     . PHE C 3 49  ? -0.929  1.251   -3.519  1.00 11.56 ? 110 PHE A C     1 
ATOM   614  O  O     . PHE C 3 49  ? -1.693  0.295   -3.295  1.00 11.12 ? 110 PHE A O     1 
ATOM   615  C  CB    . PHE C 3 49  ? -1.608  3.503   -4.425  1.00 12.92 ? 110 PHE A CB    1 
ATOM   616  C  CG    . PHE C 3 49  ? -2.483  2.827   -5.437  1.00 12.78 ? 110 PHE A CG    1 
ATOM   617  C  CD1   . PHE C 3 49  ? -3.844  2.802   -5.258  1.00 15.03 ? 110 PHE A CD1   1 
ATOM   618  C  CD2   . PHE C 3 49  ? -1.947  2.238   -6.541  1.00 14.30 ? 110 PHE A CD2   1 
ATOM   619  C  CE1   . PHE C 3 49  ? -4.666  2.152   -6.231  1.00 14.16 ? 110 PHE A CE1   1 
ATOM   620  C  CE2   . PHE C 3 49  ? -2.746  1.564   -7.505  1.00 14.27 ? 110 PHE A CE2   1 
ATOM   621  C  CZ    . PHE C 3 49  ? -4.113  1.574   -7.319  1.00 14.99 ? 110 PHE A CZ    1 
ATOM   622  N  N     . LEU C 3 50  ? 0.265   1.084   -4.034  1.00 10.41 ? 111 LEU A N     1 
ATOM   623  C  CA    . LEU C 3 50  ? 0.789   -0.254  -4.360  1.00 10.92 ? 111 LEU A CA    1 
ATOM   624  C  C     . LEU C 3 50  ? 0.841   -1.150  -3.099  1.00 10.53 ? 111 LEU A C     1 
ATOM   625  O  O     . LEU C 3 50  ? 0.545   -2.354  -3.153  1.00 11.91 ? 111 LEU A O     1 
ATOM   626  C  CB    . LEU C 3 50  ? 2.187   -0.150  -4.995  1.00 12.21 ? 111 LEU A CB    1 
ATOM   627  C  CG    . LEU C 3 50  ? 2.162   0.510   -6.380  1.00 13.37 ? 111 LEU A CG    1 
ATOM   628  C  CD1   . LEU C 3 50  ? 3.580   0.432   -6.897  1.00 13.89 ? 111 LEU A CD1   1 
ATOM   629  C  CD2   . LEU C 3 50  ? 1.230   -0.223  -7.363  1.00 14.21 ? 111 LEU A CD2   1 
ATOM   630  N  N     . ALA C 3 51  ? 1.207   -0.553  -1.944  1.00 9.55  ? 112 ALA A N     1 
ATOM   631  C  CA    . ALA C 3 51  ? 1.250   -1.310  -0.756  1.00 10.81 ? 112 ALA A CA    1 
ATOM   632  C  C     . ALA C 3 51  ? -0.099  -1.815  -0.356  1.00 9.75  ? 112 ALA A C     1 
ATOM   633  O  O     . ALA C 3 51  ? -0.197  -2.986  -0.016  1.00 10.87 ? 112 ALA A O     1 
ATOM   634  C  CB    . ALA C 3 51  ? 1.865   -0.505  0.408   1.00 10.95 ? 112 ALA A CB    1 
ATOM   635  N  N     . ILE C 3 52  ? -1.156  -0.989  -0.402  1.00 9.31  ? 113 ILE A N     1 
ATOM   636  C  CA    . ILE C 3 52  ? -2.459  -1.533  -0.071  1.00 9.55  ? 113 ILE A CA    1 
ATOM   637  C  C     . ILE C 3 52  ? -2.928  -2.671  -1.014  1.00 10.42 ? 113 ILE A C     1 
ATOM   638  O  O     . ILE C 3 52  ? -3.435  -3.730  -0.593  1.00 10.16 ? 113 ILE A O     1 
ATOM   639  C  CB    . ILE C 3 52  ? -3.565  -0.426  -0.032  1.00 9.46  ? 113 ILE A CB    1 
ATOM   640  C  CG1   . ILE C 3 52  ? -3.174  0.582   1.072   1.00 9.42  ? 113 ILE A CG1   1 
ATOM   641  C  CG2   . ILE C 3 52  ? -4.924  -0.994  0.250   1.00 9.69  ? 113 ILE A CG2   1 
ATOM   642  C  CD1   . ILE C 3 52  ? -4.001  1.862   1.030   1.00 8.83  ? 113 ILE A CD1   1 
ATOM   643  N  N     . VAL C 3 53  ? -2.754  -2.444  -2.306  1.00 11.20 ? 114 VAL A N     1 
ATOM   644  C  CA    . VAL C 3 53  ? -3.209  -3.427  -3.287  1.00 10.95 ? 114 VAL A CA    1 
ATOM   645  C  C     . VAL C 3 53  ? -2.428  -4.741  -3.141  1.00 11.40 ? 114 VAL A C     1 
ATOM   646  O  O     . VAL C 3 53  ? -3.021  -5.789  -3.208  1.00 10.66 ? 114 VAL A O     1 
ATOM   647  C  CB    . VAL C 3 53  ? -3.069  -2.910  -4.718  1.00 10.92 ? 114 VAL A CB    1 
ATOM   648  C  CG1   . VAL C 3 53  ? -3.544  -3.979  -5.714  1.00 12.46 ? 114 VAL A CG1   1 
ATOM   649  C  CG2   . VAL C 3 53  ? -3.951  -1.707  -4.895  1.00 11.60 ? 114 VAL A CG2   1 
ATOM   650  N  N     . HIS C 3 54  ? -1.116  -4.615  -2.887  1.00 12.25 ? 115 HIS A N     1 
ATOM   651  C  CA    . HIS C 3 54  ? -0.284  -5.782  -2.556  1.00 14.58 ? 115 HIS A CA    1 
ATOM   652  C  C     . HIS C 3 54  ? -0.883  -6.501  -1.336  1.00 13.49 ? 115 HIS A C     1 
ATOM   653  O  O     . HIS C 3 54  ? -1.160  -7.696  -1.439  1.00 11.49 ? 115 HIS A O     1 
ATOM   654  C  CB    . HIS C 3 54  ? 1.164   -5.437  -2.343  1.00 16.36 ? 115 HIS A CB    1 
ATOM   655  C  CG    . HIS C 3 54  ? 2.047   -6.616  -2.483  1.00 19.62 ? 115 HIS A CG    1 
ATOM   656  N  ND1   . HIS C 3 54  ? 2.228   -7.511  -1.461  1.00 21.34 ? 115 HIS A ND1   1 
ATOM   657  C  CD2   . HIS C 3 54  ? 2.706   -7.117  -3.547  1.00 24.38 ? 115 HIS A CD2   1 
ATOM   658  C  CE1   . HIS C 3 54  ? 2.958   -8.523  -1.879  1.00 19.17 ? 115 HIS A CE1   1 
ATOM   659  N  NE2   . HIS C 3 54  ? 3.296   -8.295  -3.126  1.00 24.39 ? 115 HIS A NE2   1 
ATOM   660  N  N     . GLY C 3 55  ? -1.210  -5.754  -0.261  1.00 12.12 ? 116 GLY A N     1 
ATOM   661  C  CA    . GLY C 3 55  ? -1.890  -6.370  0.883   1.00 11.98 ? 116 GLY A CA    1 
ATOM   662  C  C     . GLY C 3 55  ? -3.158  -7.119  0.481   1.00 10.83 ? 116 GLY A C     1 
ATOM   663  O  O     . GLY C 3 55  ? -3.467  -8.210  0.990   1.00 12.06 ? 116 GLY A O     1 
ATOM   664  N  N     . LEU C 3 56  ? -3.984  -6.499  -0.361  1.00 10.10 ? 117 LEU A N     1 
ATOM   665  C  CA    . LEU C 3 56  ? -5.252  -7.164  -0.735  1.00 11.19 ? 117 LEU A CA    1 
ATOM   666  C  C     . LEU C 3 56  ? -4.978  -8.470  -1.391  1.00 10.85 ? 117 LEU A C     1 
ATOM   667  O  O     . LEU C 3 56  ? -5.648  -9.469  -1.146  1.00 11.10 ? 117 LEU A O     1 
ATOM   668  C  CB    . LEU C 3 56  ? -6.120  -6.254  -1.607  1.00 11.49 ? 117 LEU A CB    1 
ATOM   669  C  CG    . LEU C 3 56  ? -6.687  -5.004  -0.932  1.00 12.10 ? 117 LEU A CG    1 
ATOM   670  C  CD1   . LEU C 3 56  ? -7.136  -4.085  -2.055  1.00 13.16 ? 117 LEU A CD1   1 
ATOM   671  C  CD2   . LEU C 3 56  ? -7.856  -5.297  0.008   1.00 12.00 ? 117 LEU A CD2   1 
ATOM   672  N  N     . ARG C 3 57  ? -4.004  -8.468  -2.273  1.00 11.49 ? 118 ARG A N     1 
ATOM   673  C  CA    . ARG C 3 57  ? -3.712  -9.670  -3.057  1.00 13.20 ? 118 ARG A CA    1 
ATOM   674  C  C     . ARG C 3 57  ? -3.144  -10.748 -2.133  1.00 11.95 ? 118 ARG A C     1 
ATOM   675  O  O     . ARG C 3 57  ? -3.495  -11.903 -2.256  1.00 12.86 ? 118 ARG A O     1 
ATOM   676  C  CB    . ARG C 3 57  ? -2.655  -9.346  -4.152  1.00 14.08 ? 118 ARG A CB    1 
ATOM   677  C  CG    . ARG C 3 57  ? -3.183  -8.370  -5.177  1.00 18.13 ? 118 ARG A CG    1 
ATOM   678  C  CD    . ARG C 3 57  ? -2.150  -7.988  -6.236  1.00 19.14 ? 118 ARG A CD    1 
ATOM   679  N  NE    . ARG C 3 57  ? -1.925  -9.140  -7.135  1.00 22.13 ? 118 ARG A NE    1 
ATOM   680  C  CZ    . ARG C 3 57  ? -1.431  -8.982  -8.373  1.00 22.28 ? 118 ARG A CZ    1 
ATOM   681  N  NH1   . ARG C 3 57  ? -1.092  -7.806  -8.808  1.00 21.64 ? 118 ARG A NH1   1 
ATOM   682  N  NH2   . ARG C 3 57  ? -1.309  -10.020 -9.170  1.00 22.63 ? 118 ARG A NH2   1 
ATOM   683  N  N     . TYR C 3 58  ? -2.272  -10.332 -1.243  1.00 12.28 ? 119 TYR A N     1 
ATOM   684  C  CA    . TYR C 3 58  ? -1.601  -11.200 -0.250  1.00 12.66 ? 119 TYR A CA    1 
ATOM   685  C  C     . TYR C 3 58  ? -2.653  -11.910 0.610   1.00 11.35 ? 119 TYR A C     1 
ATOM   686  O  O     . TYR C 3 58  ? -2.627  -13.100 0.784   1.00 11.66 ? 119 TYR A O     1 
ATOM   687  C  CB    . TYR C 3 58  ? -0.702  -10.351 0.587   1.00 12.65 ? 119 TYR A CB    1 
ATOM   688  C  CG    . TYR C 3 58  ? -0.007  -11.100 1.662   1.00 14.24 ? 119 TYR A CG    1 
ATOM   689  C  CD1   . TYR C 3 58  ? 1.242   -11.759 1.399   1.00 16.36 ? 119 TYR A CD1   1 
ATOM   690  C  CD2   . TYR C 3 58  ? -0.561  -11.222 2.930   1.00 14.91 ? 119 TYR A CD2   1 
ATOM   691  C  CE1   . TYR C 3 58  ? 1.915   -12.433 2.404   1.00 15.99 ? 119 TYR A CE1   1 
ATOM   692  C  CE2   . TYR C 3 58  ? 0.095   -11.944 3.921   1.00 16.28 ? 119 TYR A CE2   1 
ATOM   693  C  CZ    . TYR C 3 58  ? 1.321   -12.568 3.609   1.00 18.33 ? 119 TYR A CZ    1 
ATOM   694  O  OH    . TYR C 3 58  ? 1.946   -13.254 4.563   1.00 20.44 ? 119 TYR A OH    1 
ATOM   695  N  N     . LEU C 3 59  ? -3.608  -11.162 1.115   1.00 12.76 ? 120 LEU A N     1 
ATOM   696  C  CA    . LEU C 3 59  ? -4.665  -11.693 1.988   1.00 12.50 ? 120 LEU A CA    1 
ATOM   697  C  C     . LEU C 3 59  ? -5.675  -12.532 1.213   1.00 12.76 ? 120 LEU A C     1 
ATOM   698  O  O     . LEU C 3 59  ? -6.134  -13.552 1.706   1.00 15.68 ? 120 LEU A O     1 
ATOM   699  C  CB    . LEU C 3 59  ? -5.386  -10.501 2.699   1.00 11.99 ? 120 LEU A CB    1 
ATOM   700  C  CG    . LEU C 3 59  ? -4.502  -9.758  3.662   1.00 12.16 ? 120 LEU A CG    1 
ATOM   701  C  CD1   . LEU C 3 59  ? -5.285  -8.520  4.113   1.00 14.11 ? 120 LEU A CD1   1 
ATOM   702  C  CD2   . LEU C 3 59  ? -4.149  -10.614 4.862   1.00 14.15 ? 120 LEU A CD2   1 
ATOM   703  N  N     . LYS C 3 60  ? -6.028  -12.111 -0.006  1.00 12.51 ? 121 LYS A N     1 
ATOM   704  C  CA    . LYS C 3 60  ? -6.955  -12.877 -0.858  1.00 14.02 ? 121 LYS A CA    1 
ATOM   705  C  C     . LYS C 3 60  ? -6.320  -14.217 -1.197  1.00 15.56 ? 121 LYS A C     1 
ATOM   706  O  O     . LYS C 3 60  ? -6.963  -15.244 -1.026  1.00 16.02 ? 121 LYS A O     1 
ATOM   707  C  CB    . LYS C 3 60  ? -7.297  -12.096 -2.105  1.00 14.77 ? 121 LYS A CB    1 
ATOM   708  C  CG    . LYS C 3 60  ? -8.234  -12.851 -3.024  1.00 19.10 ? 121 LYS A CG    1 
ATOM   709  C  CD    . LYS C 3 60  ? -9.013  -12.060 -3.994  1.00 23.21 ? 121 LYS A CD    1 
ATOM   710  C  CE    . LYS C 3 60  ? -10.051 -12.934 -4.706  1.00 25.30 ? 121 LYS A CE    1 
ATOM   711  N  NZ    . LYS C 3 60  ? -11.454 -12.687 -4.293  1.00 26.64 ? 121 LYS A NZ    1 
ATOM   712  N  N     . GLU C 3 61  ? -5.062  -14.234 -1.584  1.00 15.30 ? 122 GLU A N     1 
ATOM   713  C  CA    . GLU C 3 61  ? -4.348  -15.503 -1.912  1.00 19.18 ? 122 GLU A CA    1 
ATOM   714  C  C     . GLU C 3 61  ? -4.376  -16.485 -0.732  1.00 19.48 ? 122 GLU A C     1 
ATOM   715  O  O     . GLU C 3 61  ? -4.346  -17.721 -0.959  1.00 20.42 ? 122 GLU A O     1 
ATOM   716  C  CB    . GLU C 3 61  ? -2.812  -15.318 -2.168  1.00 24.62 ? 122 GLU A CB    1 
ATOM   717  C  CG    . GLU C 3 61  ? -2.281  -14.851 -3.537  1.00 34.62 ? 122 GLU A CG    1 
ATOM   718  C  CD    . GLU C 3 61  ? -3.001  -15.410 -4.736  1.00 40.33 ? 122 GLU A CD    1 
ATOM   719  O  OE1   . GLU C 3 61  ? -3.431  -16.583 -4.705  1.00 42.21 ? 122 GLU A OE1   1 
ATOM   720  O  OE2   . GLU C 3 61  ? -3.139  -14.638 -5.743  1.00 50.70 ? 122 GLU A OE2   1 
ATOM   721  N  N     . ARG C 3 62  ? -4.258  -15.956 0.465   1.00 16.18 ? 123 ARG A N     1 
ATOM   722  C  CA    . ARG C 3 62  ? -4.212  -16.704 1.705   1.00 18.38 ? 123 ARG A CA    1 
ATOM   723  C  C     . ARG C 3 62  ? -5.552  -16.929 2.415   1.00 16.19 ? 123 ARG A C     1 
ATOM   724  O  O     . ARG C 3 62  ? -5.560  -17.431 3.551   1.00 16.75 ? 123 ARG A O     1 
ATOM   725  C  CB    . ARG C 3 62  ? -3.149  -16.113 2.598   1.00 19.52 ? 123 ARG A CB    1 
ATOM   726  C  CG    . ARG C 3 62  ? -1.753  -16.283 2.021   1.00 21.36 ? 123 ARG A CG    1 
ATOM   727  C  CD    . ARG C 3 62  ? -0.712  -15.364 2.652   1.00 21.39 ? 123 ARG A CD    1 
ATOM   728  N  NE    . ARG C 3 62  ? 0.588   -15.554 2.077   1.00 19.11 ? 123 ARG A NE    1 
ATOM   729  C  CZ    . ARG C 3 62  ? 0.906   -15.172 0.837   1.00 24.72 ? 123 ARG A CZ    1 
ATOM   730  N  NH1   . ARG C 3 62  ? 0.022   -14.549 0.008   1.00 20.29 ? 123 ARG A NH1   1 
ATOM   731  N  NH2   . ARG C 3 62  ? 2.135   -15.359 0.406   1.00 27.19 ? 123 ARG A NH2   1 
ATOM   732  N  N     . ASN C 3 63  ? -6.665  -16.551 1.775   1.00 15.86 ? 124 ASN A N     1 
ATOM   733  C  CA    . ASN C 3 63  ? -8.020  -16.641 2.313   1.00 16.80 ? 124 ASN A CA    1 
ATOM   734  C  C     . ASN C 3 63  ? -8.154  -16.075 3.687   1.00 17.27 ? 124 ASN A C     1 
ATOM   735  O  O     . ASN C 3 63  ? -8.714  -16.692 4.587   1.00 19.27 ? 124 ASN A O     1 
ATOM   736  C  CB    . ASN C 3 63  ? -8.554  -18.041 2.360   1.00 18.94 ? 124 ASN A CB    1 
ATOM   737  C  CG    . ASN C 3 63  ? -8.816  -18.618 0.973   1.00 20.77 ? 124 ASN A CG    1 
ATOM   738  O  OD1   . ASN C 3 63  ? -8.340  -19.674 0.673   1.00 26.78 ? 124 ASN A OD1   1 
ATOM   739  N  ND2   . ASN C 3 63  ? -9.535  -17.937 0.145   1.00 21.29 ? 124 ASN A ND2   1 
ATOM   740  N  N     . SER C 3 64  ? -7.641  -14.891 3.842   1.00 14.38 ? 125 SER A N     1 
ATOM   741  C  CA    . SER C 3 64  ? -7.671  -14.218 5.109   1.00 13.81 ? 125 SER A CA    1 
ATOM   742  C  C     . SER C 3 64  ? -8.640  -13.085 5.032   1.00 15.25 ? 125 SER A C     1 
ATOM   743  O  O     . SER C 3 64  ? -8.598  -12.320 4.124   1.00 15.30 ? 125 SER A O     1 
ATOM   744  C  CB    . SER C 3 64  ? -6.323  -13.642 5.458   1.00 13.82 ? 125 SER A CB    1 
ATOM   745  O  OG    . SER C 3 64  ? -6.341  -12.848 6.638   1.00 13.83 ? 125 SER A OG    1 
ATOM   746  N  N     . ARG C 3 65  ? -9.421  -12.902 6.102   1.00 13.55 ? 126 ARG A N     1 
ATOM   747  C  CA    . ARG C 3 65  ? -10.361 -11.802 6.167   1.00 14.24 ? 126 ARG A CA    1 
ATOM   748  C  C     . ARG C 3 65  ? -9.834  -10.622 6.962   1.00 14.26 ? 126 ARG A C     1 
ATOM   749  O  O     . ARG C 3 65  ? -10.572 -9.665  7.197   1.00 13.81 ? 126 ARG A O     1 
ATOM   750  C  CB    . ARG C 3 65  ? -11.659 -12.311 6.713   1.00 15.51 ? 126 ARG A CB    1 
ATOM   751  C  CG    . ARG C 3 65  ? -12.475 -12.991 5.629   1.00 16.15 ? 126 ARG A CG    1 
ATOM   752  C  CD    . ARG C 3 65  ? -13.603 -13.789 6.208   1.00 17.59 ? 126 ARG A CD    1 
ATOM   753  N  NE    . ARG C 3 65  ? -14.530 -12.892 6.865   1.00 18.13 ? 126 ARG A NE    1 
ATOM   754  C  CZ    . ARG C 3 65  ? -15.431 -12.191 6.227   1.00 20.60 ? 126 ARG A CZ    1 
ATOM   755  N  NH1   . ARG C 3 65  ? -15.481 -12.227 4.892   1.00 21.38 ? 126 ARG A NH1   1 
ATOM   756  N  NH2   . ARG C 3 65  ? -16.231 -11.374 6.908   1.00 20.89 ? 126 ARG A NH2   1 
ATOM   757  N  N     . LYS C 3 66  ? -8.588  -10.658 7.387   1.00 14.50 ? 127 LYS A N     1 
ATOM   758  C  CA    . LYS C 3 66  ? -8.027  -9.488  8.136   1.00 14.65 ? 127 LYS A CA    1 
ATOM   759  C  C     . LYS C 3 66  ? -8.172  -8.145  7.412   1.00 14.12 ? 127 LYS A C     1 
ATOM   760  O  O     . LYS C 3 66  ? -7.995  -8.065  6.202   1.00 13.63 ? 127 LYS A O     1 
ATOM   761  C  CB    . LYS C 3 66  ? -6.532  -9.677  8.357   1.00 18.07 ? 127 LYS A CB    1 
ATOM   762  C  CG    . LYS C 3 66  ? -6.185  -10.698 9.391   1.00 20.52 ? 127 LYS A CG    1 
ATOM   763  C  CD    . LYS C 3 66  ? -4.697  -10.919 9.481   1.00 22.69 ? 127 LYS A CD    1 
ATOM   764  C  CE    . LYS C 3 66  ? -4.457  -12.052 10.477  1.00 24.22 ? 127 LYS A CE    1 
ATOM   765  N  NZ    . LYS C 3 66  ? -3.040  -12.371 10.678  1.00 24.59 ? 127 LYS A NZ    1 
ATOM   766  N  N     . PRO C 3 67  ? -8.383  -7.049  8.168   1.00 13.30 ? 128 PRO A N     1 
ATOM   767  C  CA    . PRO C 3 67  ? -8.370  -5.748  7.519   1.00 14.54 ? 128 PRO A CA    1 
ATOM   768  C  C     . PRO C 3 67  ? -6.934  -5.313  7.270   1.00 12.79 ? 128 PRO A C     1 
ATOM   769  O  O     . PRO C 3 67  ? -5.966  -5.937  7.817   1.00 11.32 ? 128 PRO A O     1 
ATOM   770  C  CB    . PRO C 3 67  ? -8.955  -4.815  8.568   1.00 14.42 ? 128 PRO A CB    1 
ATOM   771  C  CG    . PRO C 3 67  ? -9.337  -5.606  9.715   1.00 14.59 ? 128 PRO A CG    1 
ATOM   772  C  CD    . PRO C 3 67  ? -8.879  -7.029  9.558   1.00 13.89 ? 128 PRO A CD    1 
ATOM   773  N  N     . ILE C 3 68  ? -6.800  -4.233  6.499   1.00 12.19 ? 129 ILE A N     1 
ATOM   774  C  CA    . ILE C 3 68  ? -5.546  -3.602  6.201   1.00 11.38 ? 129 ILE A CA    1 
ATOM   775  C  C     . ILE C 3 68  ? -5.603  -2.211  6.789   1.00 11.78 ? 129 ILE A C     1 
ATOM   776  O  O     . ILE C 3 68  ? -6.585  -1.511  6.558   1.00 12.36 ? 129 ILE A O     1 
ATOM   777  C  CB    . ILE C 3 68  ? -5.284  -3.449  4.683   1.00 11.67 ? 129 ILE A CB    1 
ATOM   778  C  CG1   . ILE C 3 68  ? -5.120  -4.861  4.075   1.00 12.79 ? 129 ILE A CG1   1 
ATOM   779  C  CG2   . ILE C 3 68  ? -3.936  -2.754  4.450   1.00 12.44 ? 129 ILE A CG2   1 
ATOM   780  C  CD1   . ILE C 3 68  ? -5.073  -4.932  2.544   1.00 14.36 ? 129 ILE A CD1   1 
ATOM   781  N  N     . TYR C 3 69  ? -4.566  -1.836  7.531   1.00 11.39 ? 130 TYR A N     1 
ATOM   782  C  CA    . TYR C 3 69  ? -4.347  -0.469  7.963   1.00 10.42 ? 130 TYR A CA    1 
ATOM   783  C  C     . TYR C 3 69  ? -3.346  0.197   7.052   1.00 10.81 ? 130 TYR A C     1 
ATOM   784  O  O     . TYR C 3 69  ? -2.273  -0.361  6.720   1.00 11.32 ? 130 TYR A O     1 
ATOM   785  C  CB    . TYR C 3 69  ? -3.784  -0.391  9.406   1.00 12.61 ? 130 TYR A CB    1 
ATOM   786  C  CG    . TYR C 3 69  ? -4.822  -0.503  10.518  1.00 12.30 ? 130 TYR A CG    1 
ATOM   787  C  CD1   . TYR C 3 69  ? -5.780  0.551   10.740  1.00 12.46 ? 130 TYR A CD1   1 
ATOM   788  C  CD2   . TYR C 3 69  ? -4.843  -1.573  11.353  1.00 14.12 ? 130 TYR A CD2   1 
ATOM   789  C  CE1   . TYR C 3 69  ? -6.694  0.471   11.787  1.00 14.43 ? 130 TYR A CE1   1 
ATOM   790  C  CE2   . TYR C 3 69  ? -5.763  -1.654  12.377  1.00 14.12 ? 130 TYR A CE2   1 
ATOM   791  C  CZ    . TYR C 3 69  ? -6.709  -0.634  12.570  1.00 14.51 ? 130 TYR A CZ    1 
ATOM   792  O  OH    . TYR C 3 69  ? -7.662  -0.794  13.590  1.00 16.65 ? 130 TYR A OH    1 
ATOM   793  N  N     . SER C 3 70  ? -3.687  1.421   6.675   1.00 9.29  ? 131 SER A N     1 
ATOM   794  C  CA    . SER C 3 70  ? -2.813  2.412   5.998   1.00 10.47 ? 131 SER A CA    1 
ATOM   795  C  C     . SER C 3 70  ? -2.972  3.727   6.691   1.00 11.38 ? 131 SER A C     1 
ATOM   796  O  O     . SER C 3 70  ? -4.091  4.084   7.149   1.00 13.54 ? 131 SER A O     1 
ATOM   797  C  CB    . SER C 3 70  ? -3.187  2.599   4.529   1.00 10.31 ? 131 SER A CB    1 
ATOM   798  O  OG    . SER C 3 70  ? -2.497  3.646   3.907   1.00 10.40 ? 131 SER A OG    1 
ATOM   799  N  N     . ASN C 3 71  ? -1.890  4.485   6.729   1.00 12.16 ? 132 ASN A N     1 
ATOM   800  C  CA    . ASN C 3 71  ? -2.026  5.887   7.269   1.00 11.99 ? 132 ASN A CA    1 
ATOM   801  C  C     . ASN C 3 71  ? -2.234  6.904   6.196   1.00 10.94 ? 132 ASN A C     1 
ATOM   802  O  O     . ASN C 3 71  ? -2.205  8.107   6.476   1.00 13.63 ? 132 ASN A O     1 
ATOM   803  C  CB    . ASN C 3 71  ? -0.879  6.243   8.207   1.00 12.49 ? 132 ASN A CB    1 
ATOM   804  C  CG    . ASN C 3 71  ? 0.456   6.330   7.548   1.00 13.86 ? 132 ASN A CG    1 
ATOM   805  O  OD1   . ASN C 3 71  ? 0.596   6.424   6.297   1.00 14.70 ? 132 ASN A OD1   1 
ATOM   806  N  ND2   . ASN C 3 71  ? 1.490   6.321   8.387   1.00 14.97 ? 132 ASN A ND2   1 
ATOM   807  N  N     . SER C 3 72  ? -2.394  6.431   4.955   1.00 12.19 ? 133 SER A N     1 
ATOM   808  C  CA    . SER C 3 72  ? -2.447  7.348   3.779   1.00 12.78 ? 133 SER A CA    1 
ATOM   809  C  C     . SER C 3 72  ? -3.872  7.536   3.353   1.00 12.33 ? 133 SER A C     1 
ATOM   810  O  O     . SER C 3 72  ? -4.434  6.678   2.697   1.00 11.61 ? 133 SER A O     1 
ATOM   811  C  CB    . SER C 3 72  ? -1.694  6.764   2.608   1.00 12.48 ? 133 SER A CB    1 
ATOM   812  O  OG    . SER C 3 72  ? -1.841  7.541   1.447   1.00 11.46 ? 133 SER A OG    1 
ATOM   813  N  N     . GLN C 3 73  ? -4.460  8.685   3.634   1.00 14.86 ? 134 GLN A N     1 
ATOM   814  C  CA    . GLN C 3 73  ? -5.826  8.984   3.137   1.00 16.36 ? 134 GLN A CA    1 
ATOM   815  C  C     . GLN C 3 73  ? -5.946  8.929   1.606   1.00 15.60 ? 134 GLN A C     1 
ATOM   816  O  O     . GLN C 3 73  ? -6.913  8.363   1.035   1.00 16.79 ? 134 GLN A O     1 
ATOM   817  C  CB    . GLN C 3 73  ? -6.379  10.331  3.649   1.00 20.91 ? 134 GLN A CB    1 
ATOM   818  C  CG    . GLN C 3 73  ? -6.807  10.275  5.079   1.00 28.91 ? 134 GLN A CG    1 
ATOM   819  C  CD    . GLN C 3 73  ? -7.173  11.620  5.827   1.00 37.72 ? 134 GLN A CD    1 
ATOM   820  O  OE1   . GLN C 3 73  ? -7.162  12.740  5.270   1.00 44.93 ? 134 GLN A OE1   1 
ATOM   821  N  NE2   . GLN C 3 73  ? -7.468  11.486  7.144   1.00 35.12 ? 134 GLN A NE2   1 
ATOM   822  N  N     . THR C 3 74  ? -4.923  9.416   0.941   1.00 15.84 ? 135 THR A N     1 
ATOM   823  C  CA    . THR C 3 74  ? -4.889  9.386   -0.507  1.00 15.22 ? 135 THR A CA    1 
ATOM   824  C  C     . THR C 3 74  ? -4.911  8.001   -1.096  1.00 14.70 ? 135 THR A C     1 
ATOM   825  O  O     . THR C 3 74  ? -5.704  7.728   -1.993  1.00 12.64 ? 135 THR A O     1 
ATOM   826  C  CB    . THR C 3 74  ? -3.622  10.109  -1.038  1.00 15.64 ? 135 THR A CB    1 
ATOM   827  O  OG1   . THR C 3 74  ? -3.610  11.486  -0.675  1.00 17.25 ? 135 THR A OG1   1 
ATOM   828  C  CG2   . THR C 3 74  ? -3.448  10.018  -2.534  1.00 16.55 ? 135 THR A CG2   1 
ATOM   829  N  N     . ALA C 3 75  ? -4.029  7.147   -0.583  1.00 13.33 ? 136 ALA A N     1 
ATOM   830  C  CA    . ALA C 3 75  ? -3.953  5.792   -1.056  1.00 13.60 ? 136 ALA A CA    1 
ATOM   831  C  C     . ALA C 3 75  ? -5.250  5.046   -0.815  1.00 13.92 ? 136 ALA A C     1 
ATOM   832  O  O     . ALA C 3 75  ? -5.681  4.264   -1.689  1.00 14.31 ? 136 ALA A O     1 
ATOM   833  C  CB    . ALA C 3 75  ? -2.786  5.084   -0.447  1.00 14.79 ? 136 ALA A CB    1 
ATOM   834  N  N     . ILE C 3 76  ? -5.885  5.258   0.322   1.00 12.32 ? 137 ILE A N     1 
ATOM   835  C  CA    . ILE C 3 76  ? -7.096  4.630   0.643   1.00 13.41 ? 137 ILE A CA    1 
ATOM   836  C  C     . ILE C 3 76  ? -8.201  5.046   -0.359  1.00 14.23 ? 137 ILE A C     1 
ATOM   837  O  O     . ILE C 3 76  ? -8.965  4.183   -0.832  1.00 13.27 ? 137 ILE A O     1 
ATOM   838  C  CB    . ILE C 3 76  ? -7.531  4.934   2.075   1.00 13.43 ? 137 ILE A CB    1 
ATOM   839  C  CG1   . ILE C 3 76  ? -6.555  4.283   3.095   1.00 13.56 ? 137 ILE A CG1   1 
ATOM   840  C  CG2   . ILE C 3 76  ? -8.964  4.445   2.364   1.00 15.19 ? 137 ILE A CG2   1 
ATOM   841  C  CD1   . ILE C 3 76  ? -6.864  4.735   4.498   1.00 13.78 ? 137 ILE A CD1   1 
ATOM   842  N  N     . LYS C 3 77  ? -8.244  6.336   -0.709  1.00 14.53 ? 138 LYS A N     1 
ATOM   843  C  CA    . LYS C 3 77  ? -9.171  6.778   -1.742  1.00 15.71 ? 138 LYS A CA    1 
ATOM   844  C  C     . LYS C 3 77  ? -8.883  6.214   -3.121  1.00 16.00 ? 138 LYS A C     1 
ATOM   845  O  O     . LYS C 3 77  ? -9.806  5.792   -3.872  1.00 16.66 ? 138 LYS A O     1 
ATOM   846  C  CB    . LYS C 3 77  ? -9.216  8.279   -1.785  1.00 17.61 ? 138 LYS A CB    1 
ATOM   847  C  CG    . LYS C 3 77  ? -10.187 8.857   -2.858  1.00 20.14 ? 138 LYS A CG    1 
ATOM   848  C  CD    . LYS C 3 77  ? -10.143 10.376  -2.845  1.00 22.42 ? 138 LYS A CD    1 
ATOM   849  C  CE    . LYS C 3 77  ? -11.317 10.971  -3.639  1.00 23.11 ? 138 LYS A CE    1 
ATOM   850  N  NZ    . LYS C 3 77  ? -11.265 10.556  -5.070  1.00 24.25 ? 138 LYS A NZ    1 
ATOM   851  N  N     . TRP C 3 78  ? -7.632  6.237   -3.517  1.00 14.69 ? 139 TRP A N     1 
ATOM   852  C  CA    . TRP C 3 78  ? -7.251  5.647   -4.781  1.00 14.22 ? 139 TRP A CA    1 
ATOM   853  C  C     . TRP C 3 78  ? -7.656  4.172   -4.889  1.00 15.25 ? 139 TRP A C     1 
ATOM   854  O  O     . TRP C 3 78  ? -8.162  3.734   -5.943  1.00 13.68 ? 139 TRP A O     1 
ATOM   855  C  CB    . TRP C 3 78  ? -5.735  5.776   -5.058  1.00 15.15 ? 139 TRP A CB    1 
ATOM   856  C  CG    . TRP C 3 78  ? -5.266  7.196   -5.295  1.00 14.60 ? 139 TRP A CG    1 
ATOM   857  C  CD1   . TRP C 3 78  ? -6.045  8.318   -5.338  1.00 16.03 ? 139 TRP A CD1   1 
ATOM   858  C  CD2   . TRP C 3 78  ? -3.976  7.606   -5.597  1.00 14.03 ? 139 TRP A CD2   1 
ATOM   859  N  NE1   . TRP C 3 78  ? -5.302  9.403   -5.628  1.00 14.72 ? 139 TRP A NE1   1 
ATOM   860  C  CE2   . TRP C 3 78  ? -4.018  8.997   -5.809  1.00 14.51 ? 139 TRP A CE2   1 
ATOM   861  C  CE3   . TRP C 3 78  ? -2.741  6.954   -5.678  1.00 14.21 ? 139 TRP A CE3   1 
ATOM   862  C  CZ2   . TRP C 3 78  ? -2.872  9.757   -6.075  1.00 15.62 ? 139 TRP A CZ2   1 
ATOM   863  C  CZ3   . TRP C 3 78  ? -1.630  7.695   -5.988  1.00 14.90 ? 139 TRP A CZ3   1 
ATOM   864  C  CH2   . TRP C 3 78  ? -1.704  9.093   -6.209  1.00 15.52 ? 139 TRP A CH2   1 
ATOM   865  N  N     . VAL C 3 79  ? -7.463  3.399   -3.826  1.00 13.37 ? 140 VAL A N     1 
ATOM   866  C  CA    . VAL C 3 79  ? -7.855  1.997   -3.859  1.00 15.70 ? 140 VAL A CA    1 
ATOM   867  C  C     . VAL C 3 79  ? -9.390  1.924   -3.971  1.00 15.73 ? 140 VAL A C     1 
ATOM   868  O  O     . VAL C 3 79  ? -9.928  1.189   -4.785  1.00 15.87 ? 140 VAL A O     1 
ATOM   869  C  CB    . VAL C 3 79  ? -7.361  1.234   -2.595  1.00 14.96 ? 140 VAL A CB    1 
ATOM   870  C  CG1   . VAL C 3 79  ? -7.930  -0.179  -2.573  1.00 15.94 ? 140 VAL A CG1   1 
ATOM   871  C  CG2   . VAL C 3 79  ? -5.868  1.188   -2.631  1.00 14.52 ? 140 VAL A CG2   1 
ATOM   872  N  N     . LYS C 3 80  ? -10.086 2.655   -3.129  1.00 18.01 ? 141 LYS A N     1 
ATOM   873  C  CA    . LYS C 3 80  ? -11.572 2.698   -3.211  1.00 21.77 ? 141 LYS A CA    1 
ATOM   874  C  C     . LYS C 3 80  ? -12.101 3.058   -4.635  1.00 23.37 ? 141 LYS A C     1 
ATOM   875  O  O     . LYS C 3 80  ? -13.032 2.422   -5.170  1.00 22.82 ? 141 LYS A O     1 
ATOM   876  C  CB    . LYS C 3 80  ? -12.125 3.670   -2.155  1.00 25.73 ? 141 LYS A CB    1 
ATOM   877  C  CG    . LYS C 3 80  ? -13.638 3.790   -2.153  1.00 34.39 ? 141 LYS A CG    1 
ATOM   878  C  CD    . LYS C 3 80  ? -14.045 5.244   -1.957  1.00 38.45 ? 141 LYS A CD    1 
ATOM   879  C  CE    . LYS C 3 80  ? -15.546 5.376   -1.831  1.00 43.93 ? 141 LYS A CE    1 
ATOM   880  N  NZ    . LYS C 3 80  ? -15.771 6.784   -1.390  1.00 47.14 ? 141 LYS A NZ    1 
ATOM   881  N  N     . ASP C 3 81  ? -11.483 4.036   -5.260  1.00 22.14 ? 142 ASP A N     1 
ATOM   882  C  CA    . ASP C 3 81  ? -11.848 4.449   -6.577  1.00 22.52 ? 142 ASP A CA    1 
ATOM   883  C  C     . ASP C 3 81  ? -11.360 3.505   -7.657  1.00 22.84 ? 142 ASP A C     1 
ATOM   884  O  O     . ASP C 3 81  ? -11.735 3.725   -8.806  1.00 23.54 ? 142 ASP A O     1 
ATOM   885  C  CB    . ASP C 3 81  ? -11.224 5.829   -6.924  1.00 22.30 ? 142 ASP A CB    1 
ATOM   886  C  CG    . ASP C 3 81  ? -11.743 6.985   -6.064  1.00 20.66 ? 142 ASP A CG    1 
ATOM   887  O  OD1   . ASP C 3 81  ? -12.656 6.823   -5.263  1.00 21.29 ? 142 ASP A OD1   1 
ATOM   888  O  OD2   . ASP C 3 81  ? -11.101 8.089   -6.133  1.00 21.75 ? 142 ASP A OD2   1 
ATOM   889  N  N     . LYS C 3 82  ? -10.458 2.546   -7.366  1.00 19.87 ? 143 LYS A N     1 
ATOM   890  C  CA    . LYS C 3 82  ? -9.704  1.805   -8.372  1.00 22.49 ? 143 LYS A CA    1 
ATOM   891  C  C     . LYS C 3 82  ? -8.972  2.644   -9.373  1.00 22.49 ? 143 LYS A C     1 
ATOM   892  O  O     . LYS C 3 82  ? -8.842  2.280   -10.570 1.00 18.78 ? 143 LYS A O     1 
ATOM   893  C  CB    . LYS C 3 82  ? -10.599 0.789   -9.117  1.00 20.60 ? 143 LYS A CB    1 
ATOM   894  C  CG    . LYS C 3 82  ? -11.426 -0.005  -8.166  1.00 22.85 ? 143 LYS A CG    1 
ATOM   895  C  CD    . LYS C 3 82  ? -12.175 -1.125  -8.849  1.00 24.43 ? 143 LYS A CD    1 
ATOM   896  C  CE    . LYS C 3 82  ? -12.902 -1.941  -7.815  1.00 26.42 ? 143 LYS A CE    1 
ATOM   897  N  NZ    . LYS C 3 82  ? -12.946 -3.281  -8.398  1.00 33.00 ? 143 LYS A NZ    1 
ATOM   898  N  N     . LYS C 3 83  ? -8.461  3.756   -8.888  1.00 20.52 ? 144 LYS A N     1 
ATOM   899  C  CA    . LYS C 3 83  ? -7.767  4.687   -9.777  1.00 21.23 ? 144 LYS A CA    1 
ATOM   900  C  C     . LYS C 3 83  ? -6.686  5.455   -9.030  1.00 16.66 ? 144 LYS A C     1 
ATOM   901  O  O     . LYS C 3 83  ? -7.021  6.235   -8.195  1.00 17.35 ? 144 LYS A O     1 
ATOM   902  C  CB    . LYS C 3 83  ? -8.818  5.634   -10.333 1.00 23.56 ? 144 LYS A CB    1 
ATOM   903  C  CG    . LYS C 3 83  ? -8.277  6.613   -11.382 1.00 28.80 ? 144 LYS A CG    1 
ATOM   904  C  CD    . LYS C 3 83  ? -8.042  5.900   -12.734 1.00 33.32 ? 144 LYS A CD    1 
ATOM   905  C  CE    . LYS C 3 83  ? -7.025  6.683   -13.564 1.00 40.07 ? 144 LYS A CE    1 
ATOM   906  N  NZ    . LYS C 3 83  ? -7.233  6.513   -15.027 1.00 44.16 ? 144 LYS A NZ    1 
ATOM   907  N  N     . ALA C 3 84  ? -5.415  5.276   -9.398  1.00 19.14 ? 145 ALA A N     1 
ATOM   908  C  CA    . ALA C 3 84  ? -4.334  6.029   -8.765  1.00 18.76 ? 145 ALA A CA    1 
ATOM   909  C  C     . ALA C 3 84  ? -4.120  7.328   -9.518  1.00 19.80 ? 145 ALA A C     1 
ATOM   910  O  O     . ALA C 3 84  ? -3.382  7.330   -10.444 1.00 26.39 ? 145 ALA A O     1 
ATOM   911  C  CB    . ALA C 3 84  ? -3.062  5.184   -8.709  1.00 18.23 ? 145 ALA A CB    1 
ATOM   912  N  N     . LYS C 3 85  ? -4.708  8.425   -9.046  1.00 19.62 ? 146 LYS A N     1 
ATOM   913  C  CA    . LYS C 3 85  ? -4.635  9.736   -9.697  1.00 22.81 ? 146 LYS A CA    1 
ATOM   914  C  C     . LYS C 3 85  ? -3.322  10.516  -9.441  1.00 20.43 ? 146 LYS A C     1 
ATOM   915  O  O     . LYS C 3 85  ? -3.317  11.651  -8.931  1.00 21.13 ? 146 LYS A O     1 
ATOM   916  C  CB    . LYS C 3 85  ? -5.818  10.522  -9.191  1.00 26.91 ? 146 LYS A CB    1 
ATOM   917  C  CG    . LYS C 3 85  ? -6.359  11.511  -10.169 1.00 38.83 ? 146 LYS A CG    1 
ATOM   918  C  CD    . LYS C 3 85  ? -7.775  11.105  -10.574 1.00 46.83 ? 146 LYS A CD    1 
ATOM   919  C  CE    . LYS C 3 85  ? -8.235  11.821  -11.847 1.00 52.18 ? 146 LYS A CE    1 
ATOM   920  N  NZ    . LYS C 3 85  ? -8.511  13.266  -11.596 1.00 55.99 ? 146 LYS A NZ    1 
ATOM   921  N  N     . SER C 3 86  ? -2.225  9.889   -9.802  1.00 21.10 ? 147 SER A N     1 
ATOM   922  C  CA    . SER C 3 86  ? -0.899  10.450  -9.631  1.00 22.11 ? 147 SER A CA    1 
ATOM   923  C  C     . SER C 3 86  ? -0.638  11.424  -10.796 1.00 27.31 ? 147 SER A C     1 
ATOM   924  O  O     . SER C 3 86  ? -1.121  11.217  -11.893 1.00 25.90 ? 147 SER A O     1 
ATOM   925  C  CB    . SER C 3 86  ? 0.188   9.400   -9.622  1.00 17.74 ? 147 SER A CB    1 
ATOM   926  O  OG    . SER C 3 86  ? 1.451   9.965   -9.520  1.00 19.02 ? 147 SER A OG    1 
ATOM   927  N  N     . THR C 3 87  ? 0.130   12.476  -10.535 1.00 27.28 ? 148 THR A N     1 
ATOM   928  C  CA    . THR C 3 87  ? 0.580   13.388  -11.622 1.00 28.78 ? 148 THR A CA    1 
ATOM   929  C  C     . THR C 3 87  ? 2.084   13.294  -11.853 1.00 26.65 ? 148 THR A C     1 
ATOM   930  O  O     . THR C 3 87  ? 2.646   14.116  -12.572 1.00 27.51 ? 148 THR A O     1 
ATOM   931  C  CB    . THR C 3 87  ? 0.093   14.806  -11.393 1.00 31.34 ? 148 THR A CB    1 
ATOM   932  O  OG1   . THR C 3 87  ? 0.613   15.307  -10.185 1.00 29.45 ? 148 THR A OG1   1 
ATOM   933  C  CG2   . THR C 3 87  ? -1.429  14.827  -11.242 1.00 32.00 ? 148 THR A CG2   1 
ATOM   934  N  N     . LEU C 3 88  ? 2.741   12.271  -11.293 1.00 21.18 ? 149 LEU A N     1 
ATOM   935  C  CA    . LEU C 3 88  ? 4.116   11.956  -11.688 1.00 23.23 ? 149 LEU A CA    1 
ATOM   936  C  C     . LEU C 3 88  ? 4.265   11.869  -13.194 1.00 27.28 ? 149 LEU A C     1 
ATOM   937  O  O     . LEU C 3 88  ? 3.635   11.022  -13.857 1.00 25.99 ? 149 LEU A O     1 
ATOM   938  C  CB    . LEU C 3 88  ? 4.606   10.656  -11.105 1.00 20.11 ? 149 LEU A CB    1 
ATOM   939  C  CG    . LEU C 3 88  ? 6.040   10.200  -11.393 1.00 21.72 ? 149 LEU A CG    1 
ATOM   940  C  CD1   . LEU C 3 88  ? 7.051   11.093  -10.677 1.00 21.80 ? 149 LEU A CD1   1 
ATOM   941  C  CD2   . LEU C 3 88  ? 6.294   8.759   -11.022 1.00 19.91 ? 149 LEU A CD2   1 
ATOM   942  N  N     . VAL C 3 89  ? 5.185   12.683  -13.722 1.00 28.20 ? 150 VAL A N     1 
ATOM   943  C  CA    . VAL C 3 89  ? 5.604   12.522  -15.115 1.00 32.43 ? 150 VAL A CA    1 
ATOM   944  C  C     . VAL C 3 89  ? 5.830   11.050  -15.613 1.00 32.37 ? 150 VAL A C     1 
ATOM   945  O  O     . VAL C 3 89  ? 6.371   10.165  -14.932 1.00 28.78 ? 150 VAL A O     1 
ATOM   946  C  CB    . VAL C 3 89  ? 6.889   13.387  -15.430 1.00 32.85 ? 150 VAL A CB    1 
ATOM   947  C  CG1   . VAL C 3 89  ? 8.128   12.854  -14.697 1.00 31.56 ? 150 VAL A CG1   1 
ATOM   948  C  CG2   . VAL C 3 89  ? 7.173   13.447  -16.955 1.00 37.72 ? 150 VAL A CG2   1 
ATOM   949  N  N     . ARG C 3 90  ? 5.427   10.825  -16.870 1.00 34.99 ? 151 ARG A N     1 
ATOM   950  C  CA    . ARG C 3 90  ? 5.738   9.578   -17.578 1.00 32.55 ? 151 ARG A CA    1 
ATOM   951  C  C     . ARG C 3 90  ? 6.980   9.672   -18.454 1.00 31.59 ? 151 ARG A C     1 
ATOM   952  O  O     . ARG C 3 90  ? 6.979   10.432  -19.414 1.00 35.75 ? 151 ARG A O     1 
ATOM   953  C  CB    . ARG C 3 90  ? 4.540   9.234   -18.433 1.00 33.71 ? 151 ARG A CB    1 
ATOM   954  C  CG    . ARG C 3 90  ? 3.243   9.066   -17.651 1.00 34.88 ? 151 ARG A CG    1 
ATOM   955  C  CD    . ARG C 3 90  ? 2.220   8.410   -18.545 1.00 34.22 ? 151 ARG A CD    1 
ATOM   956  N  NE    . ARG C 3 90  ? 1.000   8.188   -17.800 1.00 33.93 ? 151 ARG A NE    1 
ATOM   957  C  CZ    . ARG C 3 90  ? 0.604   7.029   -17.276 1.00 31.47 ? 151 ARG A CZ    1 
ATOM   958  N  NH1   . ARG C 3 90  ? 1.300   5.903   -17.397 1.00 29.16 ? 151 ARG A NH1   1 
ATOM   959  N  NH2   . ARG C 3 90  ? -0.543  7.022   -16.607 1.00 31.26 ? 151 ARG A NH2   1 
ATOM   960  N  N     . ASN C 3 91  ? 8.002   8.890   -18.144 1.00 32.48 ? 152 ASN A N     1 
ATOM   961  C  CA    . ASN C 3 91  ? 9.226   8.771   -18.970 1.00 32.44 ? 152 ASN A CA    1 
ATOM   962  C  C     . ASN C 3 91  ? 9.874   7.461   -18.695 1.00 35.57 ? 152 ASN A C     1 
ATOM   963  O  O     . ASN C 3 91  ? 9.314   6.641   -18.023 1.00 36.26 ? 152 ASN A O     1 
ATOM   964  C  CB    . ASN C 3 91  ? 10.195  9.900   -18.668 1.00 35.13 ? 152 ASN A CB    1 
ATOM   965  C  CG    . ASN C 3 91  ? 10.555  9.991   -17.199 1.00 33.99 ? 152 ASN A CG    1 
ATOM   966  O  OD1   . ASN C 3 91  ? 10.989  9.007   -16.560 1.00 34.57 ? 152 ASN A OD1   1 
ATOM   967  N  ND2   . ASN C 3 91  ? 10.430  11.208  -16.669 1.00 31.86 ? 152 ASN A ND2   1 
ATOM   968  N  N     . GLU C 3 92  ? 11.051  7.222   -19.217 1.00 39.65 ? 153 GLU A N     1 
ATOM   969  C  CA    . GLU C 3 92  ? 11.703  5.943   -19.047 1.00 39.77 ? 153 GLU A CA    1 
ATOM   970  C  C     . GLU C 3 92  ? 12.127  5.659   -17.617 1.00 40.62 ? 153 GLU A C     1 
ATOM   971  O  O     . GLU C 3 92  ? 12.213  4.473   -17.217 1.00 38.28 ? 153 GLU A O     1 
ATOM   972  C  CB    . GLU C 3 92  ? 12.912  5.855   -19.991 1.00 46.37 ? 153 GLU A CB    1 
ATOM   973  C  CG    . GLU C 3 92  ? 13.720  4.559   -19.937 1.00 50.94 ? 153 GLU A CG    1 
ATOM   974  C  CD    . GLU C 3 92  ? 14.735  4.468   -21.070 1.00 55.84 ? 153 GLU A CD    1 
ATOM   975  O  OE1   . GLU C 3 92  ? 15.423  5.473   -21.345 1.00 60.11 ? 153 GLU A OE1   1 
ATOM   976  O  OE2   . GLU C 3 92  ? 14.844  3.389   -21.693 1.00 67.56 ? 153 GLU A OE2   1 
ATOM   977  N  N     . GLU C 3 93  ? 12.423  6.714   -16.851 1.00 35.07 ? 154 GLU A N     1 
ATOM   978  C  CA    . GLU C 3 93  ? 12.710  6.535   -15.436 1.00 36.01 ? 154 GLU A CA    1 
ATOM   979  C  C     . GLU C 3 93  ? 11.442  6.154   -14.641 1.00 30.92 ? 154 GLU A C     1 
ATOM   980  O  O     . GLU C 3 93  ? 11.564  5.426   -13.690 1.00 30.29 ? 154 GLU A O     1 
ATOM   981  C  CB    . GLU C 3 93  ? 13.341  7.791   -14.803 1.00 42.79 ? 154 GLU A CB    1 
ATOM   982  C  CG    . GLU C 3 93  ? 14.620  8.257   -15.511 1.00 49.02 ? 154 GLU A CG    1 
ATOM   983  C  CD    . GLU C 3 93  ? 15.437  9.272   -14.715 1.00 53.35 ? 154 GLU A CD    1 
ATOM   984  O  OE1   . GLU C 3 93  ? 15.013  9.703   -13.613 1.00 54.47 ? 154 GLU A OE1   1 
ATOM   985  O  OE2   . GLU C 3 93  ? 16.531  9.626   -15.209 1.00 62.35 ? 154 GLU A OE2   1 
ATOM   986  N  N     . THR C 3 94  ? 10.271  6.661   -15.026 1.00 26.45 ? 155 THR A N     1 
ATOM   987  C  CA    . THR C 3 94  ? 9.008   6.405   -14.277 1.00 26.74 ? 155 THR A CA    1 
ATOM   988  C  C     . THR C 3 94  ? 8.123   5.326   -14.851 1.00 25.84 ? 155 THR A C     1 
ATOM   989  O  O     . THR C 3 94  ? 6.986   5.071   -14.328 1.00 24.19 ? 155 THR A O     1 
ATOM   990  C  CB    . THR C 3 94  ? 8.156   7.673   -14.034 1.00 25.34 ? 155 THR A CB    1 
ATOM   991  O  OG1   . THR C 3 94  ? 7.573   8.213   -15.214 1.00 23.75 ? 155 THR A OG1   1 
ATOM   992  C  CG2   . THR C 3 94  ? 9.042   8.774   -13.346 1.00 25.85 ? 155 THR A CG2   1 
ATOM   993  N  N     . ALA C 3 95  ? 8.614   4.706   -15.912 1.00 25.73 ? 156 ALA A N     1 
ATOM   994  C  CA    . ALA C 3 95  ? 7.830   3.675   -16.599 1.00 27.00 ? 156 ALA A CA    1 
ATOM   995  C  C     . ALA C 3 95  ? 7.572   2.485   -15.696 1.00 25.22 ? 156 ALA A C     1 
ATOM   996  O  O     . ALA C 3 95  ? 6.497   1.880   -15.803 1.00 23.09 ? 156 ALA A O     1 
ATOM   997  C  CB    . ALA C 3 95  ? 8.487   3.242   -17.931 1.00 28.62 ? 156 ALA A CB    1 
ATOM   998  N  N     . LEU C 3 96  ? 8.546   2.082   -14.871 1.00 24.22 ? 157 LEU A N     1 
ATOM   999  C  CA    . LEU C 3 96  ? 8.324   0.915   -14.013 1.00 26.80 ? 157 LEU A CA    1 
ATOM   1000 C  C     . LEU C 3 96  ? 7.198   1.125   -12.961 1.00 27.27 ? 157 LEU A C     1 
ATOM   1001 O  O     . LEU C 3 96  ? 6.348   0.261   -12.818 1.00 25.92 ? 157 LEU A O     1 
ATOM   1002 C  CB    . LEU C 3 96  ? 9.591   0.395   -13.374 1.00 26.47 ? 157 LEU A CB    1 
ATOM   1003 C  CG    . LEU C 3 96  ? 9.469   -0.691  -12.322 1.00 31.60 ? 157 LEU A CG    1 
ATOM   1004 C  CD1   . LEU C 3 96  ? 8.969   -1.981  -12.953 1.00 35.06 ? 157 LEU A CD1   1 
ATOM   1005 C  CD2   . LEU C 3 96  ? 10.789  -0.935  -11.618 1.00 29.73 ? 157 LEU A CD2   1 
ATOM   1006 N  N     . ILE C 3 97  ? 7.228   2.234   -12.219 1.00 23.50 ? 158 ILE A N     1 
ATOM   1007 C  CA    . ILE C 3 97  ? 6.191   2.469   -11.255 1.00 24.25 ? 158 ILE A CA    1 
ATOM   1008 C  C     . ILE C 3 97  ? 4.822   2.652   -11.908 1.00 22.86 ? 158 ILE A C     1 
ATOM   1009 O  O     . ILE C 3 97  ? 3.793   2.140   -11.397 1.00 19.63 ? 158 ILE A O     1 
ATOM   1010 C  CB    . ILE C 3 97  ? 6.489   3.622   -10.262 1.00 23.12 ? 158 ILE A CB    1 
ATOM   1011 C  CG1   . ILE C 3 97  ? 5.447   3.533   -9.112  1.00 26.10 ? 158 ILE A CG1   1 
ATOM   1012 C  CG2   . ILE C 3 97  ? 6.446   5.011   -10.914 1.00 22.47 ? 158 ILE A CG2   1 
ATOM   1013 C  CD1   . ILE C 3 97  ? 5.865   4.038   -7.762  1.00 27.40 ? 158 ILE A CD1   1 
ATOM   1014 N  N     . TRP C 3 98  ? 4.793   3.308   -13.055 1.00 20.39 ? 159 TRP A N     1 
ATOM   1015 C  CA    . TRP C 3 98  ? 3.499   3.528   -13.731 1.00 21.36 ? 159 TRP A CA    1 
ATOM   1016 C  C     . TRP C 3 98  ? 2.896   2.195   -14.252 1.00 20.67 ? 159 TRP A C     1 
ATOM   1017 O  O     . TRP C 3 98  ? 1.672   2.033   -14.236 1.00 19.60 ? 159 TRP A O     1 
ATOM   1018 C  CB    . TRP C 3 98  ? 3.634   4.532   -14.864 1.00 21.83 ? 159 TRP A CB    1 
ATOM   1019 C  CG    . TRP C 3 98  ? 3.370   5.977   -14.465 1.00 20.99 ? 159 TRP A CG    1 
ATOM   1020 C  CD1   . TRP C 3 98  ? 4.264   7.012   -14.460 1.00 21.56 ? 159 TRP A CD1   1 
ATOM   1021 C  CD2   . TRP C 3 98  ? 2.103   6.542   -14.013 1.00 22.67 ? 159 TRP A CD2   1 
ATOM   1022 N  NE1   . TRP C 3 98  ? 3.625   8.173   -14.091 1.00 20.92 ? 159 TRP A NE1   1 
ATOM   1023 C  CE2   . TRP C 3 98  ? 2.320   7.909   -13.761 1.00 21.37 ? 159 TRP A CE2   1 
ATOM   1024 C  CE3   . TRP C 3 98  ? 0.828   6.012   -13.790 1.00 24.11 ? 159 TRP A CE3   1 
ATOM   1025 C  CZ2   . TRP C 3 98  ? 1.307   8.758   -13.401 1.00 21.72 ? 159 TRP A CZ2   1 
ATOM   1026 C  CZ3   . TRP C 3 98  ? -0.160  6.826   -13.334 1.00 24.76 ? 159 TRP A CZ3   1 
ATOM   1027 C  CH2   . TRP C 3 98  ? 0.071   8.216   -13.140 1.00 24.47 ? 159 TRP A CH2   1 
ATOM   1028 N  N     . LYS C 3 99  ? 3.754   1.282   -14.644 1.00 20.50 ? 160 LYS A N     1 
ATOM   1029 C  CA    . LYS C 3 99  ? 3.335   -0.068  -15.097 1.00 23.41 ? 160 LYS A CA    1 
ATOM   1030 C  C     . LYS C 3 99  ? 2.792   -0.867  -13.900 1.00 22.32 ? 160 LYS A C     1 
ATOM   1031 O  O     . LYS C 3 99  ? 1.741   -1.532  -14.007 1.00 17.61 ? 160 LYS A O     1 
ATOM   1032 C  CB    . LYS C 3 99  ? 4.521   -0.825  -15.730 1.00 27.27 ? 160 LYS A CB    1 
ATOM   1033 C  CG    . LYS C 3 99  ? 4.230   -2.266  -16.067 1.00 32.42 ? 160 LYS A CG    1 
ATOM   1034 C  CD    . LYS C 3 99  ? 5.222   -2.944  -17.019 1.00 38.77 ? 160 LYS A CD    1 
ATOM   1035 C  CE    . LYS C 3 99  ? 6.139   -3.986  -16.343 1.00 42.32 ? 160 LYS A CE    1 
ATOM   1036 N  NZ    . LYS C 3 99  ? 5.749   -4.627  -15.030 1.00 47.35 ? 160 LYS A NZ    1 
ATOM   1037 N  N     . LEU C 3 100 ? 3.498   -0.799  -12.769 1.00 21.02 ? 161 LEU A N     1 
ATOM   1038 C  CA    . LEU C 3 100 ? 2.973   -1.385  -11.521 1.00 19.29 ? 161 LEU A CA    1 
ATOM   1039 C  C     . LEU C 3 100 ? 1.657   -0.785  -11.088 1.00 17.12 ? 161 LEU A C     1 
ATOM   1040 O  O     . LEU C 3 100 ? 0.798   -1.577  -10.652 1.00 19.03 ? 161 LEU A O     1 
ATOM   1041 C  CB    . LEU C 3 100 ? 3.931   -1.292  -10.381 1.00 21.34 ? 161 LEU A CB    1 
ATOM   1042 C  CG    . LEU C 3 100 ? 5.240   -1.964  -10.619 1.00 24.49 ? 161 LEU A CG    1 
ATOM   1043 C  CD1   . LEU C 3 100 ? 6.150   -1.714  -9.419  1.00 26.66 ? 161 LEU A CD1   1 
ATOM   1044 C  CD2   . LEU C 3 100 ? 5.053   -3.460  -10.843 1.00 24.96 ? 161 LEU A CD2   1 
ATOM   1045 N  N     . VAL C 3 101 ? 1.471   0.525   -11.184 1.00 15.58 ? 162 VAL A N     1 
ATOM   1046 C  CA    . VAL C 3 101 ? 0.210   1.149   -10.862 1.00 15.65 ? 162 VAL A CA    1 
ATOM   1047 C  C     . VAL C 3 101 ? -0.939  0.657   -11.772 1.00 19.26 ? 162 VAL A C     1 
ATOM   1048 O  O     . VAL C 3 101 ? -2.043  0.319   -11.285 1.00 17.01 ? 162 VAL A O     1 
ATOM   1049 C  CB    . VAL C 3 101 ? 0.295   2.644   -10.902 1.00 15.70 ? 162 VAL A CB    1 
ATOM   1050 C  CG1   . VAL C 3 101 ? -1.022  3.314   -10.931 1.00 16.58 ? 162 VAL A CG1   1 
ATOM   1051 C  CG2   . VAL C 3 101 ? 1.108   3.114   -9.693  1.00 16.50 ? 162 VAL A CG2   1 
ATOM   1052 N  N     . ASP C 3 102 ? -0.664  0.699   -13.068 1.00 20.29 ? 163 ASP A N     1 
ATOM   1053 C  CA    . ASP C 3 102 ? -1.638  0.221   -14.087 1.00 22.73 ? 163 ASP A CA    1 
ATOM   1054 C  C     . ASP C 3 102 ? -2.014  -1.241  -13.771 1.00 17.24 ? 163 ASP A C     1 
ATOM   1055 O  O     . ASP C 3 102 ? -3.192  -1.527  -13.672 1.00 20.32 ? 163 ASP A O     1 
ATOM   1056 C  CB    . ASP C 3 102 ? -1.114  0.524   -15.504 1.00 27.96 ? 163 ASP A CB    1 
ATOM   1057 C  CG    . ASP C 3 102 ? -0.926  2.078   -15.735 1.00 39.62 ? 163 ASP A CG    1 
ATOM   1058 O  OD1   . ASP C 3 102 ? -1.814  2.901   -15.329 1.00 45.02 ? 163 ASP A OD1   1 
ATOM   1059 O  OD2   . ASP C 3 102 ? 0.150   2.515   -16.250 1.00 52.98 ? 163 ASP A OD2   1 
ATOM   1060 N  N     . GLU C 3 103 ? -1.067  -2.099  -13.502 1.00 16.16 ? 164 GLU A N     1 
ATOM   1061 C  CA    . GLU C 3 103 ? -1.306  -3.522  -13.120 1.00 17.89 ? 164 GLU A CA    1 
ATOM   1062 C  C     . GLU C 3 103 ? -2.109  -3.687  -11.846 1.00 18.17 ? 164 GLU A C     1 
ATOM   1063 O  O     . GLU C 3 103 ? -2.910  -4.594  -11.694 1.00 17.36 ? 164 GLU A O     1 
ATOM   1064 C  CB    . GLU C 3 103 ? 0.004   -4.290  -13.019 1.00 20.47 ? 164 GLU A CB    1 
ATOM   1065 C  CG    . GLU C 3 103 ? 0.603   -4.353  -14.425 1.00 25.62 ? 164 GLU A CG    1 
ATOM   1066 C  CD    . GLU C 3 103 ? 1.970   -4.955  -14.555 1.00 31.16 ? 164 GLU A CD    1 
ATOM   1067 O  OE1   . GLU C 3 103 ? 2.668   -5.240  -13.540 1.00 35.31 ? 164 GLU A OE1   1 
ATOM   1068 O  OE2   . GLU C 3 103 ? 2.324   -5.133  -15.754 1.00 31.78 ? 164 GLU A OE2   1 
ATOM   1069 N  N     . ALA C 3 104 ? -1.890  -2.775  -10.895 1.00 17.20 ? 165 ALA A N     1 
ATOM   1070 C  CA    . ALA C 3 104 ? -2.658  -2.833  -9.635  1.00 15.85 ? 165 ALA A CA    1 
ATOM   1071 C  C     . ALA C 3 104 ? -4.074  -2.459  -9.833  1.00 14.74 ? 165 ALA A C     1 
ATOM   1072 O  O     . ALA C 3 104 ? -4.978  -3.123  -9.302  1.00 17.54 ? 165 ALA A O     1 
ATOM   1073 C  CB    . ALA C 3 104 ? -2.041  -1.851  -8.631  1.00 14.77 ? 165 ALA A CB    1 
ATOM   1074 N  N     . GLU C 3 105 ? -4.313  -1.338  -10.527 1.00 15.49 ? 166 GLU A N     1 
ATOM   1075 C  CA    . GLU C 3 105 ? -5.668  -0.939  -10.946 1.00 16.30 ? 166 GLU A CA    1 
ATOM   1076 C  C     . GLU C 3 105 ? -6.379  -2.099  -11.676 1.00 15.75 ? 166 GLU A C     1 
ATOM   1077 O  O     . GLU C 3 105 ? -7.521  -2.389  -11.419 1.00 17.59 ? 166 GLU A O     1 
ATOM   1078 C  CB    . GLU C 3 105 ? -5.624  0.285   -11.889 1.00 16.67 ? 166 GLU A CB    1 
ATOM   1079 C  CG    . GLU C 3 105 ? -5.208  1.564   -11.165 1.00 19.50 ? 166 GLU A CG    1 
ATOM   1080 C  CD    . GLU C 3 105 ? -4.886  2.692   -12.120 1.00 23.65 ? 166 GLU A CD    1 
ATOM   1081 O  OE1   . GLU C 3 105 ? -4.843  2.459   -13.329 1.00 21.61 ? 166 GLU A OE1   1 
ATOM   1082 O  OE2   . GLU C 3 105 ? -4.717  3.799   -11.627 1.00 21.57 ? 166 GLU A OE2   1 
ATOM   1083 N  N     . GLU C 3 106 ? -5.644  -2.754  -12.552 1.00 16.23 ? 167 GLU A N     1 
ATOM   1084 C  CA    . GLU C 3 106 ? -6.221  -3.897  -13.335 1.00 16.52 ? 167 GLU A CA    1 
ATOM   1085 C  C     . GLU C 3 106 ? -6.577  -5.025  -12.396 1.00 17.53 ? 167 GLU A C     1 
ATOM   1086 O  O     . GLU C 3 106 ? -7.658  -5.608  -12.551 1.00 17.29 ? 167 GLU A O     1 
ATOM   1087 C  CB    . GLU C 3 106 ? -5.353  -4.418  -14.441 1.00 18.04 ? 167 GLU A CB    1 
ATOM   1088 C  CG    . GLU C 3 106 ? -6.112  -5.299  -15.370 1.00 18.96 ? 167 GLU A CG    1 
ATOM   1089 C  CD    . GLU C 3 106 ? -7.279  -4.514  -16.022 1.00 24.14 ? 167 GLU A CD    1 
ATOM   1090 O  OE1   . GLU C 3 106 ? -7.179  -3.304  -16.311 1.00 26.32 ? 167 GLU A OE1   1 
ATOM   1091 O  OE2   . GLU C 3 106 ? -8.300  -5.107  -16.289 1.00 30.28 ? 167 GLU A OE2   1 
ATOM   1092 N  N     . TRP C 3 107 ? -5.707  -5.341  -11.425 1.00 14.94 ? 168 TRP A N     1 
ATOM   1093 C  CA    . TRP C 3 107 ? -6.078  -6.309  -10.395 1.00 15.42 ? 168 TRP A CA    1 
ATOM   1094 C  C     . TRP C 3 107 ? -7.393  -5.943  -9.693  1.00 14.65 ? 168 TRP A C     1 
ATOM   1095 O  O     . TRP C 3 107 ? -8.347  -6.825  -9.579  1.00 14.40 ? 168 TRP A O     1 
ATOM   1096 C  CB    . TRP C 3 107 ? -4.891  -6.643  -9.423  1.00 15.33 ? 168 TRP A CB    1 
ATOM   1097 C  CG    . TRP C 3 107 ? -5.186  -7.825  -8.557  1.00 16.43 ? 168 TRP A CG    1 
ATOM   1098 C  CD1   . TRP C 3 107 ? -4.935  -9.087  -8.859  1.00 16.24 ? 168 TRP A CD1   1 
ATOM   1099 C  CD2   . TRP C 3 107 ? -5.879  -7.831  -7.328  1.00 16.96 ? 168 TRP A CD2   1 
ATOM   1100 N  NE1   . TRP C 3 107 ? -5.384  -9.909  -7.900  1.00 17.73 ? 168 TRP A NE1   1 
ATOM   1101 C  CE2   . TRP C 3 107 ? -6.014  -9.160  -6.954  1.00 16.78 ? 168 TRP A CE2   1 
ATOM   1102 C  CE3   . TRP C 3 107 ? -6.473  -6.839  -6.539  1.00 14.86 ? 168 TRP A CE3   1 
ATOM   1103 C  CZ2   . TRP C 3 107 ? -6.617  -9.546  -5.802  1.00 17.34 ? 168 TRP A CZ2   1 
ATOM   1104 C  CZ3   . TRP C 3 107 ? -7.110  -7.236  -5.354  1.00 17.15 ? 168 TRP A CZ3   1 
ATOM   1105 C  CH2   . TRP C 3 107 ? -7.161  -8.582  -5.001  1.00 17.53 ? 168 TRP A CH2   1 
ATOM   1106 N  N     . LEU C 3 108 ? -7.494  -4.678  -9.208  1.00 13.53 ? 169 LEU A N     1 
ATOM   1107 C  CA    . LEU C 3 108 ? -8.685  -4.218  -8.567  1.00 14.86 ? 169 LEU A CA    1 
ATOM   1108 C  C     . LEU C 3 108 ? -9.918  -4.395  -9.458  1.00 17.08 ? 169 LEU A C     1 
ATOM   1109 O  O     . LEU C 3 108 ? -10.971 -4.732  -8.960  1.00 16.65 ? 169 LEU A O     1 
ATOM   1110 C  CB    . LEU C 3 108 ? -8.649  -2.772  -8.156  1.00 14.55 ? 169 LEU A CB    1 
ATOM   1111 C  CG    . LEU C 3 108 ? -7.602  -2.492  -7.109  1.00 14.36 ? 169 LEU A CG    1 
ATOM   1112 C  CD1   . LEU C 3 108 ? -7.381  -0.985  -6.995  1.00 14.22 ? 169 LEU A CD1   1 
ATOM   1113 C  CD2   . LEU C 3 108 ? -8.106  -3.144  -5.795  1.00 15.80 ? 169 LEU A CD2   1 
ATOM   1114 N  N     . ASN C 3 109 ? -9.779  -4.160  -10.727 1.00 16.48 ? 170 ASN A N     1 
ATOM   1115 C  CA    . ASN C 3 109 ? -10.941 -4.282  -11.659 1.00 18.06 ? 170 ASN A CA    1 
ATOM   1116 C  C     . ASN C 3 109 ? -11.226 -5.708  -12.060 1.00 19.35 ? 170 ASN A C     1 
ATOM   1117 O  O     . ASN C 3 109 ? -12.160 -5.920  -12.848 1.00 21.48 ? 170 ASN A O     1 
ATOM   1118 C  CB    . ASN C 3 109 ? -10.669 -3.382  -12.905 1.00 19.14 ? 170 ASN A CB    1 
ATOM   1119 C  CG    . ASN C 3 109 ? -10.727 -1.916  -12.558 1.00 24.07 ? 170 ASN A CG    1 
ATOM   1120 O  OD1   . ASN C 3 109 ? -9.756  -1.168  -12.771 1.00 32.59 ? 170 ASN A OD1   1 
ATOM   1121 N  ND2   . ASN C 3 109 ? -11.808 -1.505  -11.926 1.00 24.36 ? 170 ASN A ND2   1 
ATOM   1122 N  N     . THR C 3 110 ? -10.472 -6.703  -11.596 1.00 15.75 ? 171 THR A N     1 
ATOM   1123 C  CA    . THR C 3 110 ? -10.700 -8.077  -12.005 1.00 17.50 ? 171 THR A CA    1 
ATOM   1124 C  C     . THR C 3 110 ? -10.969 -9.053  -10.851 1.00 17.99 ? 171 THR A C     1 
ATOM   1125 O  O     . THR C 3 110 ? -11.073 -10.236 -11.109 1.00 17.78 ? 171 THR A O     1 
ATOM   1126 C  CB    . THR C 3 110 ? -9.526  -8.629  -12.861 1.00 18.14 ? 171 THR A CB    1 
ATOM   1127 O  OG1   . THR C 3 110 ? -8.238  -8.342  -12.300 1.00 18.33 ? 171 THR A OG1   1 
ATOM   1128 C  CG2   . THR C 3 110 ? -9.604  -8.134  -14.333 1.00 18.47 ? 171 THR A CG2   1 
ATOM   1129 N  N     . HIS C 3 111 ? -10.997 -8.539  -9.583  1.00 16.07 ? 172 HIS A N     1 
ATOM   1130 C  CA    . HIS C 3 111 ? -11.083 -9.370  -8.410  1.00 17.35 ? 172 HIS A CA    1 
ATOM   1131 C  C     . HIS C 3 111 ? -12.019 -8.768  -7.438  1.00 17.11 ? 172 HIS A C     1 
ATOM   1132 O  O     . HIS C 3 111 ? -12.215 -7.547  -7.410  1.00 20.43 ? 172 HIS A O     1 
ATOM   1133 C  CB    . HIS C 3 111 ? -9.709  -9.576  -7.769  1.00 17.33 ? 172 HIS A CB    1 
ATOM   1134 C  CG    . HIS C 3 111 ? -8.782  -10.284 -8.675  1.00 17.71 ? 172 HIS A CG    1 
ATOM   1135 N  ND1   . HIS C 3 111 ? -8.143  -9.631  -9.707  1.00 16.88 ? 172 HIS A ND1   1 
ATOM   1136 C  CD2   . HIS C 3 111 ? -8.484  -11.598 -8.806  1.00 16.82 ? 172 HIS A CD2   1 
ATOM   1137 C  CE1   . HIS C 3 111 ? -7.368  -10.507 -10.326 1.00 19.54 ? 172 HIS A CE1   1 
ATOM   1138 N  NE2   . HIS C 3 111 ? -7.580  -11.704 -9.816  1.00 18.68 ? 172 HIS A NE2   1 
ATOM   1139 N  N     . THR C 3 112 ? -12.592 -9.583  -6.594  1.00 20.80 ? 173 THR A N     1 
ATOM   1140 C  CA    . THR C 3 112 ? -13.357 -9.015  -5.536  1.00 21.80 ? 173 THR A CA    1 
ATOM   1141 C  C     . THR C 3 112 ? -12.576 -9.194  -4.260  1.00 20.85 ? 173 THR A C     1 
ATOM   1142 O  O     . THR C 3 112 ? -11.678 -10.034 -4.147  1.00 19.53 ? 173 THR A O     1 
ATOM   1143 C  CB    . THR C 3 112 ? -14.704 -9.739  -5.399  1.00 22.54 ? 173 THR A CB    1 
ATOM   1144 O  OG1   . THR C 3 112 ? -14.448 -11.129 -5.214  1.00 21.55 ? 173 THR A OG1   1 
ATOM   1145 C  CG2   . THR C 3 112 ? -15.592 -9.478  -6.685  1.00 23.61 ? 173 THR A CG2   1 
ATOM   1146 N  N     . TYR C 3 113 ? -13.011 -8.482  -3.247  1.00 21.35 ? 174 TYR A N     1 
ATOM   1147 C  CA    . TYR C 3 113 ? -12.429 -8.653  -1.934  1.00 20.48 ? 174 TYR A CA    1 
ATOM   1148 C  C     . TYR C 3 113 ? -13.399 -8.074  -0.909  1.00 19.84 ? 174 TYR A C     1 
ATOM   1149 O  O     . TYR C 3 113 ? -14.193 -7.147  -1.187  1.00 20.83 ? 174 TYR A O     1 
ATOM   1150 C  CB    . TYR C 3 113 ? -11.074 -7.942  -1.897  1.00 23.98 ? 174 TYR A CB    1 
ATOM   1151 C  CG    . TYR C 3 113 ? -11.086 -6.426  -2.062  1.00 23.31 ? 174 TYR A CG    1 
ATOM   1152 C  CD1   . TYR C 3 113 ? -11.292 -5.611  -0.935  1.00 25.51 ? 174 TYR A CD1   1 
ATOM   1153 C  CD2   . TYR C 3 113 ? -10.898 -5.812  -3.295  1.00 27.30 ? 174 TYR A CD2   1 
ATOM   1154 C  CE1   . TYR C 3 113 ? -11.317 -4.228  -1.021  1.00 24.68 ? 174 TYR A CE1   1 
ATOM   1155 C  CE2   . TYR C 3 113 ? -10.929 -4.395  -3.429  1.00 23.28 ? 174 TYR A CE2   1 
ATOM   1156 C  CZ    . TYR C 3 113 ? -11.091 -3.623  -2.284  1.00 25.56 ? 174 TYR A CZ    1 
ATOM   1157 O  OH    . TYR C 3 113 ? -11.103 -2.240  -2.347  1.00 28.49 ? 174 TYR A OH    1 
ATOM   1158 N  N     . GLU C 3 114 ? -13.323 -8.525  0.313   1.00 23.45 ? 175 GLU A N     1 
ATOM   1159 C  CA    . GLU C 3 114 ? -14.168 -7.894  1.335   1.00 25.89 ? 175 GLU A CA    1 
ATOM   1160 C  C     . GLU C 3 114 ? -13.291 -7.195  2.363   1.00 23.83 ? 175 GLU A C     1 
ATOM   1161 O  O     . GLU C 3 114 ? -13.832 -6.595  3.278   1.00 22.45 ? 175 GLU A O     1 
ATOM   1162 C  CB    . GLU C 3 114 ? -15.090 -8.888  2.018   1.00 33.91 ? 175 GLU A CB    1 
ATOM   1163 C  CG    . GLU C 3 114 ? -16.264 -9.370  1.156   1.00 39.70 ? 175 GLU A CG    1 
ATOM   1164 C  CD    . GLU C 3 114 ? -15.890 -10.514 0.234   1.00 49.18 ? 175 GLU A CD    1 
ATOM   1165 O  OE1   . GLU C 3 114 ? -15.035 -11.357 0.627   1.00 55.98 ? 175 GLU A OE1   1 
ATOM   1166 O  OE2   . GLU C 3 114 ? -16.454 -10.581 -0.884  1.00 54.61 ? 175 GLU A OE2   1 
ATOM   1167 N  N     . THR C 3 115 ? -11.957 -7.311  2.226   1.00 18.51 ? 176 THR A N     1 
ATOM   1168 C  CA    . THR C 3 115 ? -11.023 -6.657  3.119   1.00 16.75 ? 176 THR A CA    1 
ATOM   1169 C  C     . THR C 3 115 ? -11.401 -5.217  3.481   1.00 16.24 ? 176 THR A C     1 
ATOM   1170 O  O     . THR C 3 115 ? -11.325 -4.287  2.627   1.00 13.98 ? 176 THR A O     1 
ATOM   1171 C  CB    . THR C 3 115 ? -9.638  -6.557  2.462   1.00 17.86 ? 176 THR A CB    1 
ATOM   1172 O  OG1   . THR C 3 115 ? -9.244  -7.847  1.961   1.00 15.22 ? 176 THR A OG1   1 
ATOM   1173 C  CG2   . THR C 3 115 ? -8.664  -6.098  3.462   1.00 17.37 ? 176 THR A CG2   1 
ATOM   1174 N  N     . PRO C 3 116 ? -11.632 -4.960  4.770   1.00 14.91 ? 177 PRO A N     1 
ATOM   1175 C  CA    . PRO C 3 116 ? -11.802 -3.540  5.121   1.00 15.09 ? 177 PRO A CA    1 
ATOM   1176 C  C     . PRO C 3 116 ? -10.452 -2.821  5.054   1.00 14.29 ? 177 PRO A C     1 
ATOM   1177 O  O     . PRO C 3 116 ? -9.443  -3.348  5.517   1.00 13.49 ? 177 PRO A O     1 
ATOM   1178 C  CB    . PRO C 3 116 ? -12.365 -3.559  6.530   1.00 14.31 ? 177 PRO A CB    1 
ATOM   1179 C  CG    . PRO C 3 116 ? -12.853 -4.935  6.727   1.00 15.06 ? 177 PRO A CG    1 
ATOM   1180 C  CD    . PRO C 3 116 ? -11.950 -5.849  5.882   1.00 15.48 ? 177 PRO A CD    1 
ATOM   1181 N  N     . ILE C 3 117 ? -10.430 -1.628  4.474   1.00 14.15 ? 178 ILE A N     1 
ATOM   1182 C  CA    . ILE C 3 117 ? -9.207  -0.850  4.376   1.00 14.00 ? 178 ILE A CA    1 
ATOM   1183 C  C     . ILE C 3 117 ? -9.455  0.286   5.326   1.00 16.34 ? 178 ILE A C     1 
ATOM   1184 O  O     . ILE C 3 117 ? -10.389 1.078   5.149   1.00 18.03 ? 178 ILE A O     1 
ATOM   1185 C  CB    . ILE C 3 117 ? -8.950  -0.421  2.977   1.00 15.61 ? 178 ILE A CB    1 
ATOM   1186 C  CG1   . ILE C 3 117 ? -8.808  -1.668  2.079   1.00 19.08 ? 178 ILE A CG1   1 
ATOM   1187 C  CG2   . ILE C 3 117 ? -7.687  0.460   2.834   1.00 16.58 ? 178 ILE A CG2   1 
ATOM   1188 C  CD1   . ILE C 3 117 ? -8.869  -1.226  0.621   1.00 21.72 ? 178 ILE A CD1   1 
ATOM   1189 N  N     . LEU C 3 118 ? -8.704  0.260   6.415   1.00 13.69 ? 179 LEU A N     1 
ATOM   1190 C  CA    . LEU C 3 118 ? -8.878  1.162   7.536   1.00 14.17 ? 179 LEU A CA    1 
ATOM   1191 C  C     . LEU C 3 118 ? -7.760  2.155   7.676   1.00 13.19 ? 179 LEU A C     1 
ATOM   1192 O  O     . LEU C 3 118 ? -6.577  1.882   7.479   1.00 12.70 ? 179 LEU A O     1 
ATOM   1193 C  CB    . LEU C 3 118 ? -8.944  0.325   8.809   1.00 14.99 ? 179 LEU A CB    1 
ATOM   1194 C  CG    . LEU C 3 118 ? -9.899  -0.841  8.877   1.00 15.05 ? 179 LEU A CG    1 
ATOM   1195 C  CD1   . LEU C 3 118 ? -9.657  -1.566  10.178  1.00 15.97 ? 179 LEU A CD1   1 
ATOM   1196 C  CD2   . LEU C 3 118 ? -11.311 -0.305  8.852   1.00 16.76 ? 179 LEU A CD2   1 
ATOM   1197 N  N     . LYS C 3 119 ? -8.119  3.369   8.110   1.00 13.68 ? 180 LYS A N     1 
ATOM   1198 C  CA    . LYS C 3 119 ? -7.182  4.420   8.363   1.00 13.56 ? 180 LYS A CA    1 
ATOM   1199 C  C     . LYS C 3 119 ? -6.548  4.214   9.760   1.00 14.67 ? 180 LYS A C     1 
ATOM   1200 O  O     . LYS C 3 119 ? -7.246  4.182   10.798  1.00 15.90 ? 180 LYS A O     1 
ATOM   1201 C  CB    . LYS C 3 119 ? -7.933  5.795   8.254   1.00 15.92 ? 180 LYS A CB    1 
ATOM   1202 C  CG    . LYS C 3 119 ? -7.094  7.038   8.492   1.00 15.54 ? 180 LYS A CG    1 
ATOM   1203 C  CD    . LYS C 3 119 ? -5.839  7.168   7.649   1.00 14.68 ? 180 LYS A CD    1 
ATOM   1204 C  CE    . LYS C 3 119 ? -5.060  8.431   7.935   1.00 16.69 ? 180 LYS A CE    1 
ATOM   1205 N  NZ    . LYS C 3 119 ? -4.461  8.539   9.276   1.00 15.40 ? 180 LYS A NZ    1 
ATOM   1206 N  N     . TRP C 3 120 ? -5.270  4.065   9.784   1.00 13.94 ? 181 TRP A N     1 
ATOM   1207 C  CA    . TRP C 3 120 ? -4.505  4.000   11.038  1.00 15.43 ? 181 TRP A CA    1 
ATOM   1208 C  C     . TRP C 3 120 ? -4.519  5.373   11.686  1.00 15.37 ? 181 TRP A C     1 
ATOM   1209 O  O     . TRP C 3 120 ? -4.073  6.361   11.093  1.00 14.81 ? 181 TRP A O     1 
ATOM   1210 C  CB    . TRP C 3 120 ? -3.053  3.591   10.729  1.00 15.17 ? 181 TRP A CB    1 
ATOM   1211 C  CG    . TRP C 3 120 ? -2.237  3.528   11.997  1.00 15.71 ? 181 TRP A CG    1 
ATOM   1212 C  CD1   . TRP C 3 120 ? -1.426  4.470   12.480  1.00 15.32 ? 181 TRP A CD1   1 
ATOM   1213 C  CD2   . TRP C 3 120 ? -2.243  2.462   12.922  1.00 16.07 ? 181 TRP A CD2   1 
ATOM   1214 N  NE1   . TRP C 3 120 ? -0.874  4.056   13.699  1.00 16.24 ? 181 TRP A NE1   1 
ATOM   1215 C  CE2   . TRP C 3 120 ? -1.384  2.841   14.017  1.00 16.40 ? 181 TRP A CE2   1 
ATOM   1216 C  CE3   . TRP C 3 120 ? -2.868  1.218   12.949  1.00 16.60 ? 181 TRP A CE3   1 
ATOM   1217 C  CZ2   . TRP C 3 120 ? -1.136  1.994   15.101  1.00 17.29 ? 181 TRP A CZ2   1 
ATOM   1218 C  CZ3   . TRP C 3 120 ? -2.652  0.347   14.041  1.00 19.28 ? 181 TRP A CZ3   1 
ATOM   1219 C  CH2   . TRP C 3 120 ? -1.793  0.758   15.127  1.00 18.52 ? 181 TRP A CH2   1 
ATOM   1220 N  N     . GLN C 3 121 ? -4.965  5.418   12.912  1.00 17.09 ? 182 GLN A N     1 
ATOM   1221 C  CA    . GLN C 3 121 ? -5.197  6.718   13.616  1.00 22.90 ? 182 GLN A CA    1 
ATOM   1222 C  C     . GLN C 3 121 ? -3.923  7.148   14.309  1.00 19.77 ? 182 GLN A C     1 
ATOM   1223 O  O     . GLN C 3 121 ? -3.804  6.905   15.533  1.00 25.52 ? 182 GLN A O     1 
ATOM   1224 C  CB    . GLN C 3 121 ? -6.305  6.505   14.620  1.00 24.98 ? 182 GLN A CB    1 
ATOM   1225 C  CG    . GLN C 3 121 ? -7.620  6.227   13.982  1.00 29.96 ? 182 GLN A CG    1 
ATOM   1226 C  CD    . GLN C 3 121 ? -8.701  7.117   14.561  1.00 39.60 ? 182 GLN A CD    1 
ATOM   1227 O  OE1   . GLN C 3 121 ? -9.072  8.124   13.969  1.00 45.34 ? 182 GLN A OE1   1 
ATOM   1228 N  NE2   . GLN C 3 121 ? -9.157  6.787   15.744  1.00 32.83 ? 182 GLN A NE2   1 
ATOM   1229 N  N     . THR C 3 122 ? -2.964  7.698   13.557  1.00 18.73 ? 183 THR A N     1 
ATOM   1230 C  CA    . THR C 3 122 ? -1.620  8.059   14.056  1.00 19.75 ? 183 THR A CA    1 
ATOM   1231 C  C     . THR C 3 122 ? -1.691  9.010   15.275  1.00 21.35 ? 183 THR A C     1 
ATOM   1232 O  O     . THR C 3 122 ? -0.906  8.866   16.221  1.00 22.74 ? 183 THR A O     1 
ATOM   1233 C  CB    . THR C 3 122 ? -0.731  8.676   12.941  1.00 19.16 ? 183 THR A CB    1 
ATOM   1234 O  OG1   . THR C 3 122 ? -0.711  7.760   11.796  1.00 17.24 ? 183 THR A OG1   1 
ATOM   1235 C  CG2   . THR C 3 122 ? 0.674   8.800   13.429  1.00 19.80 ? 183 THR A CG2   1 
ATOM   1236 N  N     . ASP C 3 123 ? -2.623  9.960   15.189  1.00 24.24 ? 184 ASP A N     1 
ATOM   1237 C  CA    . ASP C 3 123 ? -2.830  11.043  16.215  1.00 29.24 ? 184 ASP A CA    1 
ATOM   1238 C  C     . ASP C 3 123 ? -3.042  10.361  17.570  1.00 35.47 ? 184 ASP A C     1 
ATOM   1239 O  O     . ASP C 3 123 ? -2.521  10.840  18.543  1.00 39.50 ? 184 ASP A O     1 
ATOM   1240 C  CB    . ASP C 3 123 ? -3.999  12.009  15.867  1.00 30.41 ? 184 ASP A CB    1 
ATOM   1241 C  CG    . ASP C 3 123 ? -5.333  11.306  15.685  1.00 37.68 ? 184 ASP A CG    1 
ATOM   1242 O  OD1   . ASP C 3 123 ? -5.415  10.163  15.233  1.00 48.87 ? 184 ASP A OD1   1 
ATOM   1243 O  OD2   . ASP C 3 123 ? -6.380  11.900  15.939  1.00 47.59 ? 184 ASP A OD2   1 
ATOM   1244 N  N     . LYS C 3 124 ? -3.720  9.205   17.607  1.00 31.31 ? 185 LYS A N     1 
ATOM   1245 C  CA    . LYS C 3 124 ? -4.021  8.476   18.842  1.00 32.21 ? 185 LYS A CA    1 
ATOM   1246 C  C     . LYS C 3 124 ? -3.101  7.332   19.151  1.00 31.55 ? 185 LYS A C     1 
ATOM   1247 O  O     . LYS C 3 124 ? -2.912  6.995   20.335  1.00 26.92 ? 185 LYS A O     1 
ATOM   1248 C  CB    . LYS C 3 124 ? -5.437  7.921   18.746  1.00 34.37 ? 185 LYS A CB    1 
ATOM   1249 C  CG    . LYS C 3 124 ? -6.444  9.050   18.509  1.00 41.44 ? 185 LYS A CG    1 
ATOM   1250 C  CD    . LYS C 3 124 ? -7.868  8.563   18.389  1.00 42.18 ? 185 LYS A CD    1 
ATOM   1251 C  CE    . LYS C 3 124 ? -8.662  9.539   17.540  1.00 50.81 ? 185 LYS A CE    1 
ATOM   1252 N  NZ    . LYS C 3 124 ? -10.082 9.121   17.389  1.00 54.93 ? 185 LYS A NZ    1 
ATOM   1253 N  N     . TRP C 3 125 ? -2.583  6.655   18.108  1.00 23.89 ? 186 TRP A N     1 
ATOM   1254 C  CA    . TRP C 3 125 ? -1.890  5.398   18.315  1.00 22.26 ? 186 TRP A CA    1 
ATOM   1255 C  C     . TRP C 3 125 ? -0.465  5.408   18.065  1.00 19.73 ? 186 TRP A C     1 
ATOM   1256 O  O     . TRP C 3 125 ? 0.154   4.398   18.257  1.00 22.94 ? 186 TRP A O     1 
ATOM   1257 C  CB    . TRP C 3 125 ? -2.533  4.283   17.467  1.00 20.60 ? 186 TRP A CB    1 
ATOM   1258 C  CG    . TRP C 3 125 ? -4.025  4.138   17.656  1.00 20.85 ? 186 TRP A CG    1 
ATOM   1259 C  CD1   . TRP C 3 125 ? -4.752  4.472   18.766  1.00 23.82 ? 186 TRP A CD1   1 
ATOM   1260 C  CD2   . TRP C 3 125 ? -4.972  3.636   16.700  1.00 22.06 ? 186 TRP A CD2   1 
ATOM   1261 N  NE1   . TRP C 3 125 ? -6.076  4.182   18.575  1.00 25.67 ? 186 TRP A NE1   1 
ATOM   1262 C  CE2   . TRP C 3 125 ? -6.249  3.672   17.317  1.00 23.08 ? 186 TRP A CE2   1 
ATOM   1263 C  CE3   . TRP C 3 125 ? -4.850  3.092   15.398  1.00 21.78 ? 186 TRP A CE3   1 
ATOM   1264 C  CZ2   . TRP C 3 125 ? -7.433  3.238   16.665  1.00 24.71 ? 186 TRP A CZ2   1 
ATOM   1265 C  CZ3   . TRP C 3 125 ? -6.007  2.654   14.740  1.00 23.48 ? 186 TRP A CZ3   1 
ATOM   1266 C  CH2   . TRP C 3 125 ? -7.301  2.732   15.383  1.00 24.04 ? 186 TRP A CH2   1 
ATOM   1267 N  N     . GLY C 3 126 ? 0.101   6.500   17.604  1.00 20.99 ? 187 GLY A N     1 
ATOM   1268 C  CA    . GLY C 3 126 ? 1.523   6.518   17.321  1.00 19.56 ? 187 GLY A CA    1 
ATOM   1269 C  C     . GLY C 3 126 ? 1.723   6.041   15.893  1.00 20.24 ? 187 GLY A C     1 
ATOM   1270 O  O     . GLY C 3 126 ? 0.753   5.738   15.193  1.00 19.97 ? 187 GLY A O     1 
ATOM   1271 N  N     . GLU C 3 127 ? 2.957   5.883   15.511  1.00 23.18 ? 188 GLU A N     1 
ATOM   1272 C  CA    . GLU C 3 127 ? 3.264   5.522   14.126  1.00 24.59 ? 188 GLU A CA    1 
ATOM   1273 C  C     . GLU C 3 127 ? 2.656   4.168   13.753  1.00 22.52 ? 188 GLU A C     1 
ATOM   1274 O  O     . GLU C 3 127 ? 2.638   3.216   14.539  1.00 20.18 ? 188 GLU A O     1 
ATOM   1275 C  CB    . GLU C 3 127 ? 4.768   5.467   13.879  1.00 28.15 ? 188 GLU A CB    1 
ATOM   1276 C  CG    . GLU C 3 127 ? 5.440   6.797   13.746  1.00 36.92 ? 188 GLU A CG    1 
ATOM   1277 C  CD    . GLU C 3 127 ? 5.341   7.416   12.346  1.00 47.30 ? 188 GLU A CD    1 
ATOM   1278 O  OE1   . GLU C 3 127 ? 5.376   6.686   11.323  1.00 52.23 ? 188 GLU A OE1   1 
ATOM   1279 O  OE2   . GLU C 3 127 ? 5.201   8.655   12.283  1.00 54.82 ? 188 GLU A OE2   1 
ATOM   1280 N  N     . ILE C 3 128 ? 2.181   4.038   12.513  1.00 18.40 ? 189 ILE A N     1 
ATOM   1281 C  CA    . ILE C 3 128 ? 1.800   2.737   12.032  1.00 17.48 ? 189 ILE A CA    1 
ATOM   1282 C  C     . ILE C 3 128 ? 2.930   1.704   12.140  1.00 17.62 ? 189 ILE A C     1 
ATOM   1283 O  O     . ILE C 3 128 ? 4.096   1.991   11.932  1.00 19.20 ? 189 ILE A O     1 
ATOM   1284 C  CB    . ILE C 3 128 ? 1.293   2.839   10.600  1.00 17.81 ? 189 ILE A CB    1 
ATOM   1285 C  CG1   . ILE C 3 128 ? 0.491   1.601   10.183  1.00 19.78 ? 189 ILE A CG1   1 
ATOM   1286 C  CG2   . ILE C 3 128 ? 2.456   3.176   9.667   1.00 17.10 ? 189 ILE A CG2   1 
ATOM   1287 C  CD1   . ILE C 3 128 ? -0.288  1.871   8.887   1.00 19.20 ? 189 ILE A CD1   1 
ATOM   1288 N  N     . LYS C 3 129 ? 2.583   0.489   12.480  1.00 18.66 ? 190 LYS A N     1 
ATOM   1289 C  CA    . LYS C 3 129 ? 3.610   -0.522  12.704  1.00 22.29 ? 190 LYS A CA    1 
ATOM   1290 C  C     . LYS C 3 129 ? 4.486   -0.874  11.529  1.00 23.74 ? 190 LYS A C     1 
ATOM   1291 O  O     . LYS C 3 129 ? 5.540   -1.419  11.765  1.00 24.55 ? 190 LYS A O     1 
ATOM   1292 C  CB    . LYS C 3 129 ? 3.022   -1.824  13.265  1.00 25.37 ? 190 LYS A CB    1 
ATOM   1293 C  CG    . LYS C 3 129 ? 2.277   -1.702  14.581  1.00 27.46 ? 190 LYS A CG    1 
ATOM   1294 C  CD    . LYS C 3 129 ? 2.837   -0.678  15.550  1.00 30.53 ? 190 LYS A CD    1 
ATOM   1295 C  CE    . LYS C 3 129 ? 2.042   -0.753  16.859  1.00 31.72 ? 190 LYS A CE    1 
ATOM   1296 N  NZ    . LYS C 3 129 ? 2.552   0.180   17.866  1.00 33.71 ? 190 LYS A NZ    1 
ATOM   1297 N  N     . ALA C 3 130 ? 4.055   -0.634  10.265  1.00 18.71 ? 191 ALA A N     1 
ATOM   1298 C  CA    . ALA C 3 130 ? 4.900   -0.851  9.086   1.00 18.24 ? 191 ALA A CA    1 
ATOM   1299 C  C     . ALA C 3 130 ? 5.837   0.333   8.771   1.00 19.97 ? 191 ALA A C     1 
ATOM   1300 O  O     . ALA C 3 130 ? 6.523   0.332   7.781   1.00 19.25 ? 191 ALA A O     1 
ATOM   1301 C  CB    . ALA C 3 130 ? 3.997   -1.184  7.864   1.00 16.24 ? 191 ALA A CB    1 
ATOM   1302 N  N     . ASP C 3 131 ? 5.917   1.358   9.639   1.00 20.64 ? 192 ASP A N     1 
ATOM   1303 C  CA    . ASP C 3 131 ? 6.671   2.545   9.283   1.00 24.15 ? 192 ASP A CA    1 
ATOM   1304 C  C     . ASP C 3 131 ? 8.152   2.271   9.051   1.00 26.34 ? 192 ASP A C     1 
ATOM   1305 O  O     . ASP C 3 131 ? 8.701   1.268   9.517   1.00 30.07 ? 192 ASP A O     1 
ATOM   1306 C  CB    . ASP C 3 131 ? 6.449   3.645   10.336  1.00 25.43 ? 192 ASP A CB    1 
ATOM   1307 C  CG    . ASP C 3 131 ? 7.070   4.946   9.945   1.00 28.22 ? 192 ASP A CG    1 
ATOM   1308 O  OD1   . ASP C 3 131 ? 6.778   5.511   8.876   1.00 23.30 ? 192 ASP A OD1   1 
ATOM   1309 O  OD2   . ASP C 3 131 ? 7.857   5.438   10.733  1.00 33.99 ? 192 ASP A OD2   1 
ATOM   1310 N  N     . TYR C 3 132 ? 8.758   3.102   8.230   1.00 25.52 ? 193 TYR A N     1 
ATOM   1311 C  CA    . TYR C 3 132 ? 10.179  3.070   8.046   1.00 30.01 ? 193 TYR A CA    1 
ATOM   1312 C  C     . TYR C 3 132 ? 10.707  4.306   8.762   1.00 31.93 ? 193 TYR A C     1 
ATOM   1313 O  O     . TYR C 3 132 ? 10.932  4.259   9.956   1.00 39.34 ? 193 TYR A O     1 
ATOM   1314 C  CB    . TYR C 3 132 ? 10.539  3.179   6.577   1.00 26.09 ? 193 TYR A CB    1 
ATOM   1315 C  CG    . TYR C 3 132 ? 10.231  1.959   5.682   1.00 25.22 ? 193 TYR A CG    1 
ATOM   1316 C  CD1   . TYR C 3 132 ? 8.966   1.790   5.107   1.00 23.69 ? 193 TYR A CD1   1 
ATOM   1317 C  CD2   . TYR C 3 132 ? 11.253  1.065   5.269   1.00 25.75 ? 193 TYR A CD2   1 
ATOM   1318 C  CE1   . TYR C 3 132 ? 8.703   0.703   4.253   1.00 20.11 ? 193 TYR A CE1   1 
ATOM   1319 C  CE2   . TYR C 3 132 ? 11.002  0.025   4.379   1.00 23.15 ? 193 TYR A CE2   1 
ATOM   1320 C  CZ    . TYR C 3 132 ? 9.721   -0.144  3.890   1.00 22.30 ? 193 TYR A CZ    1 
ATOM   1321 O  OH    . TYR C 3 132 ? 9.423   -1.130  3.046   1.00 18.78 ? 193 TYR A OH    1 
HETATM 1322 MG MG    . MG  D 4 .   ? 5.573   6.018   7.379   1.00 20.48 ? 201 MG  A MG    1 
HETATM 1323 MG MG    . MG  E 4 .   ? 1.977   5.115   5.126   1.00 52.00 ? 202 MG  A MG    1 
HETATM 1324 O  O     . HOH F 5 .   ? -0.858  21.514  5.933   1.00 31.81 ? 101 HOH B O     1 
HETATM 1325 O  O     . HOH F 5 .   ? -1.854  23.012  1.043   1.00 28.98 ? 102 HOH B O     1 
HETATM 1326 O  O     . HOH F 5 .   ? -2.575  10.842  1.955   1.00 14.51 ? 103 HOH B O     1 
HETATM 1327 O  O     . HOH F 5 .   ? -1.000  32.515  -1.375  1.00 34.47 ? 104 HOH B O     1 
HETATM 1328 O  O     . HOH F 5 .   ? 0.535   19.388  6.296   1.00 28.63 ? 105 HOH B O     1 
HETATM 1329 O  O     . HOH G 5 .   ? 3.275   18.626  -5.207  1.00 23.28 ? 101 HOH C O     1 
HETATM 1330 O  O     . HOH G 5 .   ? -8.581  10.845  -6.397  1.00 21.88 ? 102 HOH C O     1 
HETATM 1331 O  O     . HOH G 5 .   ? 2.984   19.917  -0.666  1.00 24.83 ? 103 HOH C O     1 
HETATM 1332 O  O     . HOH G 5 .   ? -6.227  21.302  -3.518  1.00 28.97 ? 104 HOH C O     1 
HETATM 1333 O  O     . HOH G 5 .   ? 5.515   14.381  -9.298  1.00 24.63 ? 105 HOH C O     1 
HETATM 1334 O  O     . HOH G 5 .   ? 2.203   20.075  1.361   1.00 32.96 ? 106 HOH C O     1 
HETATM 1335 O  O     . HOH G 5 .   ? -0.955  16.821  -6.174  1.00 25.58 ? 107 HOH C O     1 
HETATM 1336 O  O     . HOH G 5 .   ? -2.786  18.466  -5.559  1.00 31.77 ? 108 HOH C O     1 
HETATM 1337 O  O     . HOH H 5 .   ? 2.495   14.771  -9.108  1.00 28.42 ? 301 HOH A O     1 
HETATM 1338 O  O     . HOH H 5 .   ? -0.449  2.725   2.387   1.00 21.91 ? 302 HOH A O     1 
HETATM 1339 O  O     . HOH H 5 .   ? 4.558   6.618   5.512   1.00 31.20 ? 303 HOH A O     1 
HETATM 1340 O  O     . HOH H 5 .   ? -11.314 -1.264  -4.688  1.00 24.21 ? 304 HOH A O     1 
HETATM 1341 O  O     . HOH H 5 .   ? 0.542   3.419   5.574   1.00 15.36 ? 305 HOH A O     1 
HETATM 1342 O  O     . HOH H 5 .   ? -8.542  9.256   6.512   1.00 34.95 ? 306 HOH A O     1 
HETATM 1343 O  O     . HOH H 5 .   ? -11.889 -0.422  -0.734  1.00 26.39 ? 307 HOH A O     1 
HETATM 1344 O  O     . HOH H 5 .   ? 4.054   6.326   8.420   1.00 26.19 ? 308 HOH A O     1 
HETATM 1345 O  O     . HOH H 5 .   ? -9.618  0.865   13.523  1.00 24.32 ? 309 HOH A O     1 
HETATM 1346 O  O     . HOH H 5 .   ? -5.565  12.659  0.581   1.00 40.09 ? 310 HOH A O     1 
HETATM 1347 O  O     . HOH H 5 .   ? 6.997   5.658   6.029   1.00 21.16 ? 311 HOH A O     1 
HETATM 1348 O  O     . HOH H 5 .   ? 0.025   9.496   1.534   1.00 20.62 ? 312 HOH A O     1 
HETATM 1349 O  O     . HOH H 5 .   ? -4.036  14.172  -8.711  1.00 23.58 ? 313 HOH A O     1 
HETATM 1350 O  O     . HOH H 5 .   ? 1.087   -3.957  -9.572  1.00 17.19 ? 314 HOH A O     1 
HETATM 1351 O  O     . HOH H 5 .   ? -9.381  8.358   2.044   1.00 18.31 ? 315 HOH A O     1 
HETATM 1352 O  O     . HOH H 5 .   ? -9.488  3.348   11.988  1.00 22.53 ? 316 HOH A O     1 
HETATM 1353 O  O     . HOH H 5 .   ? 1.532   6.418   11.064  1.00 15.80 ? 317 HOH A O     1 
HETATM 1354 O  O     . HOH H 5 .   ? -9.070  -9.443  4.149   1.00 15.58 ? 318 HOH A O     1 
HETATM 1355 O  O     . HOH H 5 .   ? -8.894  8.375   -7.659  1.00 20.24 ? 319 HOH A O     1 
HETATM 1356 O  O     . HOH H 5 .   ? -0.134  -0.493  12.517  1.00 17.42 ? 320 HOH A O     1 
HETATM 1357 O  O     . HOH H 5 .   ? 3.338   -17.041 2.157   1.00 28.12 ? 321 HOH A O     1 
HETATM 1358 O  O     . HOH H 5 .   ? -8.271  -9.238  -0.151  1.00 12.95 ? 322 HOH A O     1 
HETATM 1359 O  O     . HOH H 5 .   ? -8.410  -5.828  18.407  1.00 27.18 ? 323 HOH A O     1 
HETATM 1360 O  O     . HOH H 5 .   ? -6.236  -9.114  -14.212 1.00 24.39 ? 324 HOH A O     1 
HETATM 1361 O  O     . HOH H 5 .   ? -2.575  -7.069  -13.134 1.00 25.39 ? 325 HOH A O     1 
HETATM 1362 O  O     . HOH H 5 .   ? -8.235  -7.818  16.421  1.00 24.43 ? 326 HOH A O     1 
HETATM 1363 O  O     . HOH H 5 .   ? -4.169  10.370  12.600  1.00 37.17 ? 327 HOH A O     1 
HETATM 1364 O  O     . HOH H 5 .   ? -8.807  -15.014 16.541  1.00 28.57 ? 328 HOH A O     1 
HETATM 1365 O  O     . HOH H 5 .   ? -16.366 -11.425 9.865   1.00 21.83 ? 329 HOH A O     1 
HETATM 1366 O  O     . HOH H 5 .   ? 8.173   -1.534  10.356  1.00 35.59 ? 330 HOH A O     1 
HETATM 1367 O  O     . HOH H 5 .   ? -13.056 -0.678  3.426   1.00 29.53 ? 331 HOH A O     1 
HETATM 1368 O  O     . HOH H 5 .   ? -11.036 3.754   8.635   1.00 22.80 ? 332 HOH A O     1 
HETATM 1369 O  O     . HOH H 5 .   ? -0.685  -5.082  -7.595  1.00 22.75 ? 333 HOH A O     1 
HETATM 1370 O  O     . HOH H 5 .   ? -14.790 -6.200  -4.122  1.00 31.20 ? 334 HOH A O     1 
HETATM 1371 O  O     . HOH H 5 .   ? 6.378   1.886   14.072  1.00 36.35 ? 335 HOH A O     1 
# 
loop_
_pdbx_poly_seq_scheme.asym_id 
_pdbx_poly_seq_scheme.entity_id 
_pdbx_poly_seq_scheme.seq_id 
_pdbx_poly_seq_scheme.mon_id 
_pdbx_poly_seq_scheme.ndb_seq_num 
_pdbx_poly_seq_scheme.pdb_seq_num 
_pdbx_poly_seq_scheme.auth_seq_num 
_pdbx_poly_seq_scheme.pdb_mon_id 
_pdbx_poly_seq_scheme.auth_mon_id 
_pdbx_poly_seq_scheme.pdb_strand_id 
_pdbx_poly_seq_scheme.pdb_ins_code 
_pdbx_poly_seq_scheme.hetero 
A 1 1   U   1   1   1   U   U   B . n 
A 1 2   C   2   2   2   C   C   B . n 
A 1 3   G   3   3   3   G   G   B . n 
A 1 4   A   4   4   4   A   A   B . n 
A 1 5   C   5   5   5   C   C   B . n 
A 1 6   A   6   6   6   A   A   B . n 
B 2 1   DA  1   1   1   DA  DA  C . n 
B 2 2   US3 2   2   2   US3 US3 C . n 
B 2 3   DG  3   3   3   DG  DG  C . n 
B 2 4   US3 4   4   4   US3 US3 C . n 
B 2 5   DC  5   5   5   DC  DC  C . n 
B 2 6   DG  6   6   6   DG  DG  C . n 
C 3 1   GLU 1   62  62  GLU GLU A . n 
C 3 2   ILE 2   63  63  ILE ILE A . n 
C 3 3   ILE 3   64  64  ILE ILE A . n 
C 3 4   TRP 4   65  65  TRP TRP A . n 
C 3 5   GLU 5   66  66  GLU GLU A . n 
C 3 6   SER 6   67  67  SER SER A . n 
C 3 7   LEU 7   68  68  LEU LEU A . n 
C 3 8   SER 8   69  69  SER SER A . n 
C 3 9   VAL 9   70  70  VAL VAL A . n 
C 3 10  ASP 10  71  71  ASP ASP A . n 
C 3 11  VAL 11  72  72  VAL VAL A . n 
C 3 12  GLY 12  73  73  GLY GLY A . n 
C 3 13  SER 13  74  74  SER SER A . n 
C 3 14  GLN 14  75  75  GLN GLN A . n 
C 3 15  GLY 15  76  76  GLY GLY A . n 
C 3 16  ASN 16  77  77  ASN ASN A . n 
C 3 17  PRO 17  78  78  PRO PRO A . n 
C 3 18  GLY 18  79  79  GLY GLY A . n 
C 3 19  ILE 19  80  80  ILE ILE A . n 
C 3 20  VAL 20  81  81  VAL VAL A . n 
C 3 21  GLU 21  82  82  GLU GLU A . n 
C 3 22  TYR 22  83  83  TYR TYR A . n 
C 3 23  LYS 23  84  84  LYS LYS A . n 
C 3 24  GLY 24  85  85  GLY GLY A . n 
C 3 25  VAL 25  86  86  VAL VAL A . n 
C 3 26  ASP 26  87  87  ASP ASP A . n 
C 3 27  THR 27  88  88  THR THR A . n 
C 3 28  LYS 28  89  89  LYS LYS A . n 
C 3 29  THR 29  90  90  THR THR A . n 
C 3 30  GLY 30  91  91  GLY GLY A . n 
C 3 31  GLU 31  92  92  GLU GLU A . n 
C 3 32  VAL 32  93  93  VAL VAL A . n 
C 3 33  LEU 33  94  94  LEU LEU A . n 
C 3 34  PHE 34  95  95  PHE PHE A . n 
C 3 35  GLU 35  96  96  GLU GLU A . n 
C 3 36  ARG 36  97  97  ARG ARG A . n 
C 3 37  GLU 37  98  98  GLU GLU A . n 
C 3 38  PRO 38  99  99  PRO PRO A . n 
C 3 39  ILE 39  100 100 ILE ILE A . n 
C 3 40  PRO 40  101 101 PRO PRO A . n 
C 3 41  ILE 41  102 102 ILE ILE A . n 
C 3 42  GLY 42  103 103 GLY GLY A . n 
C 3 43  THR 43  104 104 THR THR A . n 
C 3 44  ASN 44  105 105 ASN ASN A . n 
C 3 45  ASN 45  106 106 ASN ASN A . n 
C 3 46  MET 46  107 107 MET MET A . n 
C 3 47  GLY 47  108 108 GLY GLY A . n 
C 3 48  GLU 48  109 109 GLU GLU A . n 
C 3 49  PHE 49  110 110 PHE PHE A . n 
C 3 50  LEU 50  111 111 LEU LEU A . n 
C 3 51  ALA 51  112 112 ALA ALA A . n 
C 3 52  ILE 52  113 113 ILE ILE A . n 
C 3 53  VAL 53  114 114 VAL VAL A . n 
C 3 54  HIS 54  115 115 HIS HIS A . n 
C 3 55  GLY 55  116 116 GLY GLY A . n 
C 3 56  LEU 56  117 117 LEU LEU A . n 
C 3 57  ARG 57  118 118 ARG ARG A . n 
C 3 58  TYR 58  119 119 TYR TYR A . n 
C 3 59  LEU 59  120 120 LEU LEU A . n 
C 3 60  LYS 60  121 121 LYS LYS A . n 
C 3 61  GLU 61  122 122 GLU GLU A . n 
C 3 62  ARG 62  123 123 ARG ARG A . n 
C 3 63  ASN 63  124 124 ASN ASN A . n 
C 3 64  SER 64  125 125 SER SER A . n 
C 3 65  ARG 65  126 126 ARG ARG A . n 
C 3 66  LYS 66  127 127 LYS LYS A . n 
C 3 67  PRO 67  128 128 PRO PRO A . n 
C 3 68  ILE 68  129 129 ILE ILE A . n 
C 3 69  TYR 69  130 130 TYR TYR A . n 
C 3 70  SER 70  131 131 SER SER A . n 
C 3 71  ASN 71  132 132 ASN ASN A . n 
C 3 72  SER 72  133 133 SER SER A . n 
C 3 73  GLN 73  134 134 GLN GLN A . n 
C 3 74  THR 74  135 135 THR THR A . n 
C 3 75  ALA 75  136 136 ALA ALA A . n 
C 3 76  ILE 76  137 137 ILE ILE A . n 
C 3 77  LYS 77  138 138 LYS LYS A . n 
C 3 78  TRP 78  139 139 TRP TRP A . n 
C 3 79  VAL 79  140 140 VAL VAL A . n 
C 3 80  LYS 80  141 141 LYS LYS A . n 
C 3 81  ASP 81  142 142 ASP ASP A . n 
C 3 82  LYS 82  143 143 LYS LYS A . n 
C 3 83  LYS 83  144 144 LYS LYS A . n 
C 3 84  ALA 84  145 145 ALA ALA A . n 
C 3 85  LYS 85  146 146 LYS LYS A . n 
C 3 86  SER 86  147 147 SER SER A . n 
C 3 87  THR 87  148 148 THR THR A . n 
C 3 88  LEU 88  149 149 LEU LEU A . n 
C 3 89  VAL 89  150 150 VAL VAL A . n 
C 3 90  ARG 90  151 151 ARG ARG A . n 
C 3 91  ASN 91  152 152 ASN ASN A . n 
C 3 92  GLU 92  153 153 GLU GLU A . n 
C 3 93  GLU 93  154 154 GLU GLU A . n 
C 3 94  THR 94  155 155 THR THR A . n 
C 3 95  ALA 95  156 156 ALA ALA A . n 
C 3 96  LEU 96  157 157 LEU LEU A . n 
C 3 97  ILE 97  158 158 ILE ILE A . n 
C 3 98  TRP 98  159 159 TRP TRP A . n 
C 3 99  LYS 99  160 160 LYS LYS A . n 
C 3 100 LEU 100 161 161 LEU LEU A . n 
C 3 101 VAL 101 162 162 VAL VAL A . n 
C 3 102 ASP 102 163 163 ASP ASP A . n 
C 3 103 GLU 103 164 164 GLU GLU A . n 
C 3 104 ALA 104 165 165 ALA ALA A . n 
C 3 105 GLU 105 166 166 GLU GLU A . n 
C 3 106 GLU 106 167 167 GLU GLU A . n 
C 3 107 TRP 107 168 168 TRP TRP A . n 
C 3 108 LEU 108 169 169 LEU LEU A . n 
C 3 109 ASN 109 170 170 ASN ASN A . n 
C 3 110 THR 110 171 171 THR THR A . n 
C 3 111 HIS 111 172 172 HIS HIS A . n 
C 3 112 THR 112 173 173 THR THR A . n 
C 3 113 TYR 113 174 174 TYR TYR A . n 
C 3 114 GLU 114 175 175 GLU GLU A . n 
C 3 115 THR 115 176 176 THR THR A . n 
C 3 116 PRO 116 177 177 PRO PRO A . n 
C 3 117 ILE 117 178 178 ILE ILE A . n 
C 3 118 LEU 118 179 179 LEU LEU A . n 
C 3 119 LYS 119 180 180 LYS LYS A . n 
C 3 120 TRP 120 181 181 TRP TRP A . n 
C 3 121 GLN 121 182 182 GLN GLN A . n 
C 3 122 THR 122 183 183 THR THR A . n 
C 3 123 ASP 123 184 184 ASP ASP A . n 
C 3 124 LYS 124 185 185 LYS LYS A . n 
C 3 125 TRP 125 186 186 TRP TRP A . n 
C 3 126 GLY 126 187 187 GLY GLY A . n 
C 3 127 GLU 127 188 188 GLU GLU A . n 
C 3 128 ILE 128 189 189 ILE ILE A . n 
C 3 129 LYS 129 190 190 LYS LYS A . n 
C 3 130 ALA 130 191 191 ALA ALA A . n 
C 3 131 ASP 131 192 192 ASP ASP A . n 
C 3 132 TYR 132 193 193 TYR TYR A . n 
# 
loop_
_pdbx_nonpoly_scheme.asym_id 
_pdbx_nonpoly_scheme.entity_id 
_pdbx_nonpoly_scheme.mon_id 
_pdbx_nonpoly_scheme.ndb_seq_num 
_pdbx_nonpoly_scheme.pdb_seq_num 
_pdbx_nonpoly_scheme.auth_seq_num 
_pdbx_nonpoly_scheme.pdb_mon_id 
_pdbx_nonpoly_scheme.auth_mon_id 
_pdbx_nonpoly_scheme.pdb_strand_id 
_pdbx_nonpoly_scheme.pdb_ins_code 
D 4 MG  1  201 1  MG  MG  A . 
E 4 MG  1  202 2  MG  MG  A . 
F 5 HOH 1  101 45 HOH HOH B . 
F 5 HOH 2  102 18 HOH HOH B . 
F 5 HOH 3  103 32 HOH HOH B . 
F 5 HOH 4  104 36 HOH HOH B . 
F 5 HOH 5  105 46 HOH HOH B . 
G 5 HOH 1  101 8  HOH HOH C . 
G 5 HOH 2  102 30 HOH HOH C . 
G 5 HOH 3  103 9  HOH HOH C . 
G 5 HOH 4  104 17 HOH HOH C . 
G 5 HOH 5  105 11 HOH HOH C . 
G 5 HOH 6  106 15 HOH HOH C . 
G 5 HOH 7  107 12 HOH HOH C . 
G 5 HOH 8  108 16 HOH HOH C . 
H 5 HOH 1  301 10 HOH HOH A . 
H 5 HOH 2  302 7  HOH HOH A . 
H 5 HOH 3  303 2  HOH HOH A . 
H 5 HOH 4  304 34 HOH HOH A . 
H 5 HOH 5  305 1  HOH HOH A . 
H 5 HOH 6  306 38 HOH HOH A . 
H 5 HOH 7  307 28 HOH HOH A . 
H 5 HOH 8  308 4  HOH HOH A . 
H 5 HOH 9  309 40 HOH HOH A . 
H 5 HOH 10 310 31 HOH HOH A . 
H 5 HOH 11 311 3  HOH HOH A . 
H 5 HOH 12 312 33 HOH HOH A . 
H 5 HOH 13 313 13 HOH HOH A . 
H 5 HOH 14 314 20 HOH HOH A . 
H 5 HOH 15 315 37 HOH HOH A . 
H 5 HOH 16 316 43 HOH HOH A . 
H 5 HOH 17 317 5  HOH HOH A . 
H 5 HOH 18 318 26 HOH HOH A . 
H 5 HOH 19 319 14 HOH HOH A . 
H 5 HOH 20 320 6  HOH HOH A . 
H 5 HOH 21 321 19 HOH HOH A . 
H 5 HOH 22 322 27 HOH HOH A . 
H 5 HOH 23 323 41 HOH HOH A . 
H 5 HOH 24 324 23 HOH HOH A . 
H 5 HOH 25 325 22 HOH HOH A . 
H 5 HOH 26 326 42 HOH HOH A . 
H 5 HOH 27 327 44 HOH HOH A . 
H 5 HOH 28 328 24 HOH HOH A . 
H 5 HOH 29 329 25 HOH HOH A . 
H 5 HOH 30 330 47 HOH HOH A . 
H 5 HOH 31 331 35 HOH HOH A . 
H 5 HOH 32 332 39 HOH HOH A . 
H 5 HOH 33 333 21 HOH HOH A . 
H 5 HOH 34 334 29 HOH HOH A . 
H 5 HOH 35 335 48 HOH HOH A . 
# 
_pdbx_struct_assembly.id                   1 
_pdbx_struct_assembly.details              author_and_software_defined_assembly 
_pdbx_struct_assembly.method_details       PISA 
_pdbx_struct_assembly.oligomeric_details   trimeric 
_pdbx_struct_assembly.oligomeric_count     3 
# 
_pdbx_struct_assembly_gen.assembly_id       1 
_pdbx_struct_assembly_gen.oper_expression   1 
_pdbx_struct_assembly_gen.asym_id_list      A,B,C,D,E,F,G,H 
# 
loop_
_pdbx_struct_assembly_prop.biol_id 
_pdbx_struct_assembly_prop.type 
_pdbx_struct_assembly_prop.value 
_pdbx_struct_assembly_prop.details 
1 'ABSA (A^2)' 1910 ? 
1 MORE         -21  ? 
1 'SSA (A^2)'  8610 ? 
# 
_pdbx_struct_oper_list.id                   1 
_pdbx_struct_oper_list.type                 'identity operation' 
_pdbx_struct_oper_list.name                 1_555 
_pdbx_struct_oper_list.symmetry_operation   x,y,z 
_pdbx_struct_oper_list.matrix[1][1]         1.0000000000 
_pdbx_struct_oper_list.matrix[1][2]         0.0000000000 
_pdbx_struct_oper_list.matrix[1][3]         0.0000000000 
_pdbx_struct_oper_list.vector[1]            0.0000000000 
_pdbx_struct_oper_list.matrix[2][1]         0.0000000000 
_pdbx_struct_oper_list.matrix[2][2]         1.0000000000 
_pdbx_struct_oper_list.matrix[2][3]         0.0000000000 
_pdbx_struct_oper_list.vector[2]            0.0000000000 
_pdbx_struct_oper_list.matrix[3][1]         0.0000000000 
_pdbx_struct_oper_list.matrix[3][2]         0.0000000000 
_pdbx_struct_oper_list.matrix[3][3]         1.0000000000 
_pdbx_struct_oper_list.vector[3]            0.0000000000 
# 
loop_
_pdbx_struct_conn_angle.id 
_pdbx_struct_conn_angle.ptnr1_label_atom_id 
_pdbx_struct_conn_angle.ptnr1_label_alt_id 
_pdbx_struct_conn_angle.ptnr1_label_asym_id 
_pdbx_struct_conn_angle.ptnr1_label_comp_id 
_pdbx_struct_conn_angle.ptnr1_label_seq_id 
_pdbx_struct_conn_angle.ptnr1_auth_atom_id 
_pdbx_struct_conn_angle.ptnr1_auth_asym_id 
_pdbx_struct_conn_angle.ptnr1_auth_comp_id 
_pdbx_struct_conn_angle.ptnr1_auth_seq_id 
_pdbx_struct_conn_angle.ptnr1_PDB_ins_code 
_pdbx_struct_conn_angle.ptnr1_symmetry 
_pdbx_struct_conn_angle.ptnr2_label_atom_id 
_pdbx_struct_conn_angle.ptnr2_label_alt_id 
_pdbx_struct_conn_angle.ptnr2_label_asym_id 
_pdbx_struct_conn_angle.ptnr2_label_comp_id 
_pdbx_struct_conn_angle.ptnr2_label_seq_id 
_pdbx_struct_conn_angle.ptnr2_auth_atom_id 
_pdbx_struct_conn_angle.ptnr2_auth_asym_id 
_pdbx_struct_conn_angle.ptnr2_auth_comp_id 
_pdbx_struct_conn_angle.ptnr2_auth_seq_id 
_pdbx_struct_conn_angle.ptnr2_PDB_ins_code 
_pdbx_struct_conn_angle.ptnr2_symmetry 
_pdbx_struct_conn_angle.ptnr3_label_atom_id 
_pdbx_struct_conn_angle.ptnr3_label_alt_id 
_pdbx_struct_conn_angle.ptnr3_label_asym_id 
_pdbx_struct_conn_angle.ptnr3_label_comp_id 
_pdbx_struct_conn_angle.ptnr3_label_seq_id 
_pdbx_struct_conn_angle.ptnr3_auth_atom_id 
_pdbx_struct_conn_angle.ptnr3_auth_asym_id 
_pdbx_struct_conn_angle.ptnr3_auth_comp_id 
_pdbx_struct_conn_angle.ptnr3_auth_seq_id 
_pdbx_struct_conn_angle.ptnr3_PDB_ins_code 
_pdbx_struct_conn_angle.ptnr3_symmetry 
_pdbx_struct_conn_angle.value 
_pdbx_struct_conn_angle.value_esd 
1  O   ? F HOH .   ? B HOH 104 ? 4_546 MG ? D MG . ? A MG 201 ? 1_555 OD2 ? C ASP 10  ? A ASP 71  ? 1_555 173.4 ? 
2  O   ? F HOH .   ? B HOH 104 ? 4_546 MG ? D MG . ? A MG 201 ? 1_555 OD1 ? C ASP 131 ? A ASP 192 ? 1_555 93.2  ? 
3  OD2 ? C ASP 10  ? A ASP 71  ? 1_555 MG ? D MG . ? A MG 201 ? 1_555 OD1 ? C ASP 131 ? A ASP 192 ? 1_555 93.4  ? 
4  O   ? F HOH .   ? B HOH 104 ? 4_546 MG ? D MG . ? A MG 201 ? 1_555 O   ? H HOH .   ? A HOH 303 ? 1_555 85.1  ? 
5  OD2 ? C ASP 10  ? A ASP 71  ? 1_555 MG ? D MG . ? A MG 201 ? 1_555 O   ? H HOH .   ? A HOH 303 ? 1_555 88.6  ? 
6  OD1 ? C ASP 131 ? A ASP 192 ? 1_555 MG ? D MG . ? A MG 201 ? 1_555 O   ? H HOH .   ? A HOH 303 ? 1_555 170.0 ? 
7  O   ? F HOH .   ? B HOH 104 ? 4_546 MG ? D MG . ? A MG 201 ? 1_555 O   ? H HOH .   ? A HOH 308 ? 1_555 85.1  ? 
8  OD2 ? C ASP 10  ? A ASP 71  ? 1_555 MG ? D MG . ? A MG 201 ? 1_555 O   ? H HOH .   ? A HOH 308 ? 1_555 93.6  ? 
9  OD1 ? C ASP 131 ? A ASP 192 ? 1_555 MG ? D MG . ? A MG 201 ? 1_555 O   ? H HOH .   ? A HOH 308 ? 1_555 96.6  ? 
10 O   ? H HOH .   ? A HOH 303 ? 1_555 MG ? D MG . ? A MG 201 ? 1_555 O   ? H HOH .   ? A HOH 308 ? 1_555 93.0  ? 
11 O   ? F HOH .   ? B HOH 104 ? 4_546 MG ? D MG . ? A MG 201 ? 1_555 O   ? H HOH .   ? A HOH 311 ? 1_555 97.6  ? 
12 OD2 ? C ASP 10  ? A ASP 71  ? 1_555 MG ? D MG . ? A MG 201 ? 1_555 O   ? H HOH .   ? A HOH 311 ? 1_555 82.8  ? 
13 OD1 ? C ASP 131 ? A ASP 192 ? 1_555 MG ? D MG . ? A MG 201 ? 1_555 O   ? H HOH .   ? A HOH 311 ? 1_555 91.8  ? 
14 O   ? H HOH .   ? A HOH 303 ? 1_555 MG ? D MG . ? A MG 201 ? 1_555 O   ? H HOH .   ? A HOH 311 ? 1_555 78.8  ? 
15 O   ? H HOH .   ? A HOH 308 ? 1_555 MG ? D MG . ? A MG 201 ? 1_555 O   ? H HOH .   ? A HOH 311 ? 1_555 171.0 ? 
16 OD1 ? C ASP 10  ? A ASP 71  ? 1_555 MG ? E MG . ? A MG 202 ? 1_555 OE1 ? C GLU 48  ? A GLU 109 ? 1_555 98.2  ? 
17 OD1 ? C ASP 10  ? A ASP 71  ? 1_555 MG ? E MG . ? A MG 202 ? 1_555 OE2 ? C GLU 48  ? A GLU 109 ? 1_555 101.1 ? 
18 OE1 ? C GLU 48  ? A GLU 109 ? 1_555 MG ? E MG . ? A MG 202 ? 1_555 OE2 ? C GLU 48  ? A GLU 109 ? 1_555 52.9  ? 
19 OD1 ? C ASP 10  ? A ASP 71  ? 1_555 MG ? E MG . ? A MG 202 ? 1_555 OD1 ? C ASN 71  ? A ASN 132 ? 1_555 139.8 ? 
20 OE1 ? C GLU 48  ? A GLU 109 ? 1_555 MG ? E MG . ? A MG 202 ? 1_555 OD1 ? C ASN 71  ? A ASN 132 ? 1_555 122.0 ? 
21 OE2 ? C GLU 48  ? A GLU 109 ? 1_555 MG ? E MG . ? A MG 202 ? 1_555 OD1 ? C ASN 71  ? A ASN 132 ? 1_555 102.7 ? 
22 OD1 ? C ASP 10  ? A ASP 71  ? 1_555 MG ? E MG . ? A MG 202 ? 1_555 O   ? H HOH .   ? A HOH 305 ? 1_555 103.5 ? 
23 OE1 ? C GLU 48  ? A GLU 109 ? 1_555 MG ? E MG . ? A MG 202 ? 1_555 O   ? H HOH .   ? A HOH 305 ? 1_555 78.2  ? 
24 OE2 ? C GLU 48  ? A GLU 109 ? 1_555 MG ? E MG . ? A MG 202 ? 1_555 O   ? H HOH .   ? A HOH 305 ? 1_555 127.6 ? 
25 OD1 ? C ASN 71  ? A ASN 132 ? 1_555 MG ? E MG . ? A MG 202 ? 1_555 O   ? H HOH .   ? A HOH 305 ? 1_555 86.8  ? 
# 
loop_
_pdbx_audit_revision_history.ordinal 
_pdbx_audit_revision_history.data_content_type 
_pdbx_audit_revision_history.major_revision 
_pdbx_audit_revision_history.minor_revision 
_pdbx_audit_revision_history.revision_date 
1 'Structure model' 1 0 2017-06-28 
2 'Structure model' 1 1 2023-10-04 
# 
_pdbx_audit_revision_details.ordinal             1 
_pdbx_audit_revision_details.revision_ordinal    1 
_pdbx_audit_revision_details.data_content_type   'Structure model' 
_pdbx_audit_revision_details.provider            repository 
_pdbx_audit_revision_details.type                'Initial release' 
_pdbx_audit_revision_details.description         ? 
_pdbx_audit_revision_details.details             ? 
# 
loop_
_pdbx_audit_revision_group.ordinal 
_pdbx_audit_revision_group.revision_ordinal 
_pdbx_audit_revision_group.data_content_type 
_pdbx_audit_revision_group.group 
1 2 'Structure model' 'Data collection'        
2 2 'Structure model' 'Database references'    
3 2 'Structure model' 'Derived calculations'   
4 2 'Structure model' 'Refinement description' 
# 
loop_
_pdbx_audit_revision_category.ordinal 
_pdbx_audit_revision_category.revision_ordinal 
_pdbx_audit_revision_category.data_content_type 
_pdbx_audit_revision_category.category 
1 2 'Structure model' chem_comp_atom                
2 2 'Structure model' chem_comp_bond                
3 2 'Structure model' database_2                    
4 2 'Structure model' pdbx_initial_refinement_model 
5 2 'Structure model' pdbx_struct_conn_angle        
6 2 'Structure model' refine_hist                   
7 2 'Structure model' struct_conn                   
# 
loop_
_pdbx_audit_revision_item.ordinal 
_pdbx_audit_revision_item.revision_ordinal 
_pdbx_audit_revision_item.data_content_type 
_pdbx_audit_revision_item.item 
1  2 'Structure model' '_database_2.pdbx_DOI'                        
2  2 'Structure model' '_database_2.pdbx_database_accession'         
3  2 'Structure model' '_pdbx_struct_conn_angle.ptnr1_auth_asym_id'  
4  2 'Structure model' '_pdbx_struct_conn_angle.ptnr1_auth_comp_id'  
5  2 'Structure model' '_pdbx_struct_conn_angle.ptnr1_auth_seq_id'   
6  2 'Structure model' '_pdbx_struct_conn_angle.ptnr1_label_asym_id' 
7  2 'Structure model' '_pdbx_struct_conn_angle.ptnr1_label_atom_id' 
8  2 'Structure model' '_pdbx_struct_conn_angle.ptnr1_label_comp_id' 
9  2 'Structure model' '_pdbx_struct_conn_angle.ptnr1_label_seq_id'  
10 2 'Structure model' '_pdbx_struct_conn_angle.ptnr1_symmetry'      
11 2 'Structure model' '_pdbx_struct_conn_angle.ptnr2_auth_seq_id'   
12 2 'Structure model' '_pdbx_struct_conn_angle.ptnr2_label_asym_id' 
13 2 'Structure model' '_pdbx_struct_conn_angle.ptnr3_auth_asym_id'  
14 2 'Structure model' '_pdbx_struct_conn_angle.ptnr3_auth_comp_id'  
15 2 'Structure model' '_pdbx_struct_conn_angle.ptnr3_auth_seq_id'   
16 2 'Structure model' '_pdbx_struct_conn_angle.ptnr3_label_asym_id' 
17 2 'Structure model' '_pdbx_struct_conn_angle.ptnr3_label_atom_id' 
18 2 'Structure model' '_pdbx_struct_conn_angle.ptnr3_label_comp_id' 
19 2 'Structure model' '_pdbx_struct_conn_angle.ptnr3_label_seq_id'  
20 2 'Structure model' '_pdbx_struct_conn_angle.ptnr3_symmetry'      
21 2 'Structure model' '_pdbx_struct_conn_angle.value'               
22 2 'Structure model' '_refine_hist.d_res_low'                      
23 2 'Structure model' '_struct_conn.pdbx_dist_value'                
24 2 'Structure model' '_struct_conn.ptnr1_auth_asym_id'             
25 2 'Structure model' '_struct_conn.ptnr1_auth_comp_id'             
26 2 'Structure model' '_struct_conn.ptnr1_auth_seq_id'              
27 2 'Structure model' '_struct_conn.ptnr1_label_asym_id'            
28 2 'Structure model' '_struct_conn.ptnr1_label_atom_id'            
29 2 'Structure model' '_struct_conn.ptnr1_label_comp_id'            
30 2 'Structure model' '_struct_conn.ptnr1_label_seq_id'             
31 2 'Structure model' '_struct_conn.ptnr1_symmetry'                 
32 2 'Structure model' '_struct_conn.ptnr2_auth_asym_id'             
33 2 'Structure model' '_struct_conn.ptnr2_auth_comp_id'             
34 2 'Structure model' '_struct_conn.ptnr2_auth_seq_id'              
35 2 'Structure model' '_struct_conn.ptnr2_label_asym_id'            
36 2 'Structure model' '_struct_conn.ptnr2_label_atom_id'            
37 2 'Structure model' '_struct_conn.ptnr2_label_comp_id'            
38 2 'Structure model' '_struct_conn.ptnr2_symmetry'                 
# 
loop_
_software.citation_id 
_software.classification 
_software.compiler_name 
_software.compiler_version 
_software.contact_author 
_software.contact_author_email 
_software.date 
_software.description 
_software.dependencies 
_software.hardware 
_software.language 
_software.location 
_software.mods 
_software.name 
_software.os 
_software.os_version 
_software.type 
_software.version 
_software.pdbx_ordinal 
? refinement       ? ? ? ? ? ? ? ? ? ? ? REFMAC   ? ? ? 5.8.0158 1 
? 'data reduction' ? ? ? ? ? ? ? ? ? ? ? HKL-2000 ? ? ? .        2 
? 'data scaling'   ? ? ? ? ? ? ? ? ? ? ? HKL-2000 ? ? ? .        3 
? phasing          ? ? ? ? ? ? ? ? ? ? ? PHASER   ? ? ? .        4 
# 
_pdbx_validate_close_contact.id               1 
_pdbx_validate_close_contact.PDB_model_num    1 
_pdbx_validate_close_contact.auth_atom_id_1   O 
_pdbx_validate_close_contact.auth_asym_id_1   C 
_pdbx_validate_close_contact.auth_comp_id_1   HOH 
_pdbx_validate_close_contact.auth_seq_id_1    103 
_pdbx_validate_close_contact.PDB_ins_code_1   ? 
_pdbx_validate_close_contact.label_alt_id_1   ? 
_pdbx_validate_close_contact.auth_atom_id_2   O 
_pdbx_validate_close_contact.auth_asym_id_2   C 
_pdbx_validate_close_contact.auth_comp_id_2   HOH 
_pdbx_validate_close_contact.auth_seq_id_2    106 
_pdbx_validate_close_contact.PDB_ins_code_2   ? 
_pdbx_validate_close_contact.label_alt_id_2   ? 
_pdbx_validate_close_contact.dist             2.18 
# 
loop_
_pdbx_validate_rmsd_bond.id 
_pdbx_validate_rmsd_bond.PDB_model_num 
_pdbx_validate_rmsd_bond.auth_atom_id_1 
_pdbx_validate_rmsd_bond.auth_asym_id_1 
_pdbx_validate_rmsd_bond.auth_comp_id_1 
_pdbx_validate_rmsd_bond.auth_seq_id_1 
_pdbx_validate_rmsd_bond.PDB_ins_code_1 
_pdbx_validate_rmsd_bond.label_alt_id_1 
_pdbx_validate_rmsd_bond.auth_atom_id_2 
_pdbx_validate_rmsd_bond.auth_asym_id_2 
_pdbx_validate_rmsd_bond.auth_comp_id_2 
_pdbx_validate_rmsd_bond.auth_seq_id_2 
_pdbx_validate_rmsd_bond.PDB_ins_code_2 
_pdbx_validate_rmsd_bond.label_alt_id_2 
_pdbx_validate_rmsd_bond.bond_value 
_pdbx_validate_rmsd_bond.bond_target_value 
_pdbx_validate_rmsd_bond.bond_deviation 
_pdbx_validate_rmsd_bond.bond_standard_deviation 
_pdbx_validate_rmsd_bond.linker_flag 
1 1 P     B A   6 ? ? "O5'" B A  6 ? ? 1.524 1.593 -0.069 0.010 N 
2 1 "O3'" C US3 2 ? ? P     C DG 3 ? ? 1.699 1.607 0.092  0.012 Y 
# 
loop_
_pdbx_validate_rmsd_angle.id 
_pdbx_validate_rmsd_angle.PDB_model_num 
_pdbx_validate_rmsd_angle.auth_atom_id_1 
_pdbx_validate_rmsd_angle.auth_asym_id_1 
_pdbx_validate_rmsd_angle.auth_comp_id_1 
_pdbx_validate_rmsd_angle.auth_seq_id_1 
_pdbx_validate_rmsd_angle.PDB_ins_code_1 
_pdbx_validate_rmsd_angle.label_alt_id_1 
_pdbx_validate_rmsd_angle.auth_atom_id_2 
_pdbx_validate_rmsd_angle.auth_asym_id_2 
_pdbx_validate_rmsd_angle.auth_comp_id_2 
_pdbx_validate_rmsd_angle.auth_seq_id_2 
_pdbx_validate_rmsd_angle.PDB_ins_code_2 
_pdbx_validate_rmsd_angle.label_alt_id_2 
_pdbx_validate_rmsd_angle.auth_atom_id_3 
_pdbx_validate_rmsd_angle.auth_asym_id_3 
_pdbx_validate_rmsd_angle.auth_comp_id_3 
_pdbx_validate_rmsd_angle.auth_seq_id_3 
_pdbx_validate_rmsd_angle.PDB_ins_code_3 
_pdbx_validate_rmsd_angle.label_alt_id_3 
_pdbx_validate_rmsd_angle.angle_value 
_pdbx_validate_rmsd_angle.angle_target_value 
_pdbx_validate_rmsd_angle.angle_deviation 
_pdbx_validate_rmsd_angle.angle_standard_deviation 
_pdbx_validate_rmsd_angle.linker_flag 
1 1 OP1   B A   6 ? ? P     B A   6 ? ? OP2   B A  6 ? ? 109.77 119.60 -9.83  1.50 N 
2 1 P     B A   6 ? ? "O5'" B A   6 ? ? "C5'" B A  6 ? ? 133.00 120.90 12.10  1.60 N 
3 1 "C2'" C DA  1 ? ? "C3'" C DA  1 ? ? "O3'" C DA 1 ? ? 92.42  109.40 -16.98 2.50 N 
4 1 "C3'" C US3 4 ? ? "O3'" C US3 4 ? ? P     C DC 5 ? ? 128.33 119.70 8.63   1.20 Y 
# 
loop_
_chem_comp_atom.comp_id 
_chem_comp_atom.atom_id 
_chem_comp_atom.type_symbol 
_chem_comp_atom.pdbx_aromatic_flag 
_chem_comp_atom.pdbx_stereo_config 
_chem_comp_atom.pdbx_ordinal 
A   OP3    O  N N 1   
A   P      P  N N 2   
A   OP1    O  N N 3   
A   OP2    O  N N 4   
A   "O5'"  O  N N 5   
A   "C5'"  C  N N 6   
A   "C4'"  C  N R 7   
A   "O4'"  O  N N 8   
A   "C3'"  C  N S 9   
A   "O3'"  O  N N 10  
A   "C2'"  C  N R 11  
A   "O2'"  O  N N 12  
A   "C1'"  C  N R 13  
A   N9     N  Y N 14  
A   C8     C  Y N 15  
A   N7     N  Y N 16  
A   C5     C  Y N 17  
A   C6     C  Y N 18  
A   N6     N  N N 19  
A   N1     N  Y N 20  
A   C2     C  Y N 21  
A   N3     N  Y N 22  
A   C4     C  Y N 23  
A   HOP3   H  N N 24  
A   HOP2   H  N N 25  
A   "H5'"  H  N N 26  
A   "H5''" H  N N 27  
A   "H4'"  H  N N 28  
A   "H3'"  H  N N 29  
A   "HO3'" H  N N 30  
A   "H2'"  H  N N 31  
A   "HO2'" H  N N 32  
A   "H1'"  H  N N 33  
A   H8     H  N N 34  
A   H61    H  N N 35  
A   H62    H  N N 36  
A   H2     H  N N 37  
ALA N      N  N N 38  
ALA CA     C  N S 39  
ALA C      C  N N 40  
ALA O      O  N N 41  
ALA CB     C  N N 42  
ALA OXT    O  N N 43  
ALA H      H  N N 44  
ALA H2     H  N N 45  
ALA HA     H  N N 46  
ALA HB1    H  N N 47  
ALA HB2    H  N N 48  
ALA HB3    H  N N 49  
ALA HXT    H  N N 50  
ARG N      N  N N 51  
ARG CA     C  N S 52  
ARG C      C  N N 53  
ARG O      O  N N 54  
ARG CB     C  N N 55  
ARG CG     C  N N 56  
ARG CD     C  N N 57  
ARG NE     N  N N 58  
ARG CZ     C  N N 59  
ARG NH1    N  N N 60  
ARG NH2    N  N N 61  
ARG OXT    O  N N 62  
ARG H      H  N N 63  
ARG H2     H  N N 64  
ARG HA     H  N N 65  
ARG HB2    H  N N 66  
ARG HB3    H  N N 67  
ARG HG2    H  N N 68  
ARG HG3    H  N N 69  
ARG HD2    H  N N 70  
ARG HD3    H  N N 71  
ARG HE     H  N N 72  
ARG HH11   H  N N 73  
ARG HH12   H  N N 74  
ARG HH21   H  N N 75  
ARG HH22   H  N N 76  
ARG HXT    H  N N 77  
ASN N      N  N N 78  
ASN CA     C  N S 79  
ASN C      C  N N 80  
ASN O      O  N N 81  
ASN CB     C  N N 82  
ASN CG     C  N N 83  
ASN OD1    O  N N 84  
ASN ND2    N  N N 85  
ASN OXT    O  N N 86  
ASN H      H  N N 87  
ASN H2     H  N N 88  
ASN HA     H  N N 89  
ASN HB2    H  N N 90  
ASN HB3    H  N N 91  
ASN HD21   H  N N 92  
ASN HD22   H  N N 93  
ASN HXT    H  N N 94  
ASP N      N  N N 95  
ASP CA     C  N S 96  
ASP C      C  N N 97  
ASP O      O  N N 98  
ASP CB     C  N N 99  
ASP CG     C  N N 100 
ASP OD1    O  N N 101 
ASP OD2    O  N N 102 
ASP OXT    O  N N 103 
ASP H      H  N N 104 
ASP H2     H  N N 105 
ASP HA     H  N N 106 
ASP HB2    H  N N 107 
ASP HB3    H  N N 108 
ASP HD2    H  N N 109 
ASP HXT    H  N N 110 
C   OP3    O  N N 111 
C   P      P  N N 112 
C   OP1    O  N N 113 
C   OP2    O  N N 114 
C   "O5'"  O  N N 115 
C   "C5'"  C  N N 116 
C   "C4'"  C  N R 117 
C   "O4'"  O  N N 118 
C   "C3'"  C  N S 119 
C   "O3'"  O  N N 120 
C   "C2'"  C  N R 121 
C   "O2'"  O  N N 122 
C   "C1'"  C  N R 123 
C   N1     N  N N 124 
C   C2     C  N N 125 
C   O2     O  N N 126 
C   N3     N  N N 127 
C   C4     C  N N 128 
C   N4     N  N N 129 
C   C5     C  N N 130 
C   C6     C  N N 131 
C   HOP3   H  N N 132 
C   HOP2   H  N N 133 
C   "H5'"  H  N N 134 
C   "H5''" H  N N 135 
C   "H4'"  H  N N 136 
C   "H3'"  H  N N 137 
C   "HO3'" H  N N 138 
C   "H2'"  H  N N 139 
C   "HO2'" H  N N 140 
C   "H1'"  H  N N 141 
C   H41    H  N N 142 
C   H42    H  N N 143 
C   H5     H  N N 144 
C   H6     H  N N 145 
DA  OP3    O  N N 146 
DA  P      P  N N 147 
DA  OP1    O  N N 148 
DA  OP2    O  N N 149 
DA  "O5'"  O  N N 150 
DA  "C5'"  C  N N 151 
DA  "C4'"  C  N R 152 
DA  "O4'"  O  N N 153 
DA  "C3'"  C  N S 154 
DA  "O3'"  O  N N 155 
DA  "C2'"  C  N N 156 
DA  "C1'"  C  N R 157 
DA  N9     N  Y N 158 
DA  C8     C  Y N 159 
DA  N7     N  Y N 160 
DA  C5     C  Y N 161 
DA  C6     C  Y N 162 
DA  N6     N  N N 163 
DA  N1     N  Y N 164 
DA  C2     C  Y N 165 
DA  N3     N  Y N 166 
DA  C4     C  Y N 167 
DA  HOP3   H  N N 168 
DA  HOP2   H  N N 169 
DA  "H5'"  H  N N 170 
DA  "H5''" H  N N 171 
DA  "H4'"  H  N N 172 
DA  "H3'"  H  N N 173 
DA  "HO3'" H  N N 174 
DA  "H2'"  H  N N 175 
DA  "H2''" H  N N 176 
DA  "H1'"  H  N N 177 
DA  H8     H  N N 178 
DA  H61    H  N N 179 
DA  H62    H  N N 180 
DA  H2     H  N N 181 
DC  OP3    O  N N 182 
DC  P      P  N N 183 
DC  OP1    O  N N 184 
DC  OP2    O  N N 185 
DC  "O5'"  O  N N 186 
DC  "C5'"  C  N N 187 
DC  "C4'"  C  N R 188 
DC  "O4'"  O  N N 189 
DC  "C3'"  C  N S 190 
DC  "O3'"  O  N N 191 
DC  "C2'"  C  N N 192 
DC  "C1'"  C  N R 193 
DC  N1     N  N N 194 
DC  C2     C  N N 195 
DC  O2     O  N N 196 
DC  N3     N  N N 197 
DC  C4     C  N N 198 
DC  N4     N  N N 199 
DC  C5     C  N N 200 
DC  C6     C  N N 201 
DC  HOP3   H  N N 202 
DC  HOP2   H  N N 203 
DC  "H5'"  H  N N 204 
DC  "H5''" H  N N 205 
DC  "H4'"  H  N N 206 
DC  "H3'"  H  N N 207 
DC  "HO3'" H  N N 208 
DC  "H2'"  H  N N 209 
DC  "H2''" H  N N 210 
DC  "H1'"  H  N N 211 
DC  H41    H  N N 212 
DC  H42    H  N N 213 
DC  H5     H  N N 214 
DC  H6     H  N N 215 
DG  OP3    O  N N 216 
DG  P      P  N N 217 
DG  OP1    O  N N 218 
DG  OP2    O  N N 219 
DG  "O5'"  O  N N 220 
DG  "C5'"  C  N N 221 
DG  "C4'"  C  N R 222 
DG  "O4'"  O  N N 223 
DG  "C3'"  C  N S 224 
DG  "O3'"  O  N N 225 
DG  "C2'"  C  N N 226 
DG  "C1'"  C  N R 227 
DG  N9     N  Y N 228 
DG  C8     C  Y N 229 
DG  N7     N  Y N 230 
DG  C5     C  Y N 231 
DG  C6     C  N N 232 
DG  O6     O  N N 233 
DG  N1     N  N N 234 
DG  C2     C  N N 235 
DG  N2     N  N N 236 
DG  N3     N  N N 237 
DG  C4     C  Y N 238 
DG  HOP3   H  N N 239 
DG  HOP2   H  N N 240 
DG  "H5'"  H  N N 241 
DG  "H5''" H  N N 242 
DG  "H4'"  H  N N 243 
DG  "H3'"  H  N N 244 
DG  "HO3'" H  N N 245 
DG  "H2'"  H  N N 246 
DG  "H2''" H  N N 247 
DG  "H1'"  H  N N 248 
DG  H8     H  N N 249 
DG  H1     H  N N 250 
DG  H21    H  N N 251 
DG  H22    H  N N 252 
G   OP3    O  N N 253 
G   P      P  N N 254 
G   OP1    O  N N 255 
G   OP2    O  N N 256 
G   "O5'"  O  N N 257 
G   "C5'"  C  N N 258 
G   "C4'"  C  N R 259 
G   "O4'"  O  N N 260 
G   "C3'"  C  N S 261 
G   "O3'"  O  N N 262 
G   "C2'"  C  N R 263 
G   "O2'"  O  N N 264 
G   "C1'"  C  N R 265 
G   N9     N  Y N 266 
G   C8     C  Y N 267 
G   N7     N  Y N 268 
G   C5     C  Y N 269 
G   C6     C  N N 270 
G   O6     O  N N 271 
G   N1     N  N N 272 
G   C2     C  N N 273 
G   N2     N  N N 274 
G   N3     N  N N 275 
G   C4     C  Y N 276 
G   HOP3   H  N N 277 
G   HOP2   H  N N 278 
G   "H5'"  H  N N 279 
G   "H5''" H  N N 280 
G   "H4'"  H  N N 281 
G   "H3'"  H  N N 282 
G   "HO3'" H  N N 283 
G   "H2'"  H  N N 284 
G   "HO2'" H  N N 285 
G   "H1'"  H  N N 286 
G   H8     H  N N 287 
G   H1     H  N N 288 
G   H21    H  N N 289 
G   H22    H  N N 290 
GLN N      N  N N 291 
GLN CA     C  N S 292 
GLN C      C  N N 293 
GLN O      O  N N 294 
GLN CB     C  N N 295 
GLN CG     C  N N 296 
GLN CD     C  N N 297 
GLN OE1    O  N N 298 
GLN NE2    N  N N 299 
GLN OXT    O  N N 300 
GLN H      H  N N 301 
GLN H2     H  N N 302 
GLN HA     H  N N 303 
GLN HB2    H  N N 304 
GLN HB3    H  N N 305 
GLN HG2    H  N N 306 
GLN HG3    H  N N 307 
GLN HE21   H  N N 308 
GLN HE22   H  N N 309 
GLN HXT    H  N N 310 
GLU N      N  N N 311 
GLU CA     C  N S 312 
GLU C      C  N N 313 
GLU O      O  N N 314 
GLU CB     C  N N 315 
GLU CG     C  N N 316 
GLU CD     C  N N 317 
GLU OE1    O  N N 318 
GLU OE2    O  N N 319 
GLU OXT    O  N N 320 
GLU H      H  N N 321 
GLU H2     H  N N 322 
GLU HA     H  N N 323 
GLU HB2    H  N N 324 
GLU HB3    H  N N 325 
GLU HG2    H  N N 326 
GLU HG3    H  N N 327 
GLU HE2    H  N N 328 
GLU HXT    H  N N 329 
GLY N      N  N N 330 
GLY CA     C  N N 331 
GLY C      C  N N 332 
GLY O      O  N N 333 
GLY OXT    O  N N 334 
GLY H      H  N N 335 
GLY H2     H  N N 336 
GLY HA2    H  N N 337 
GLY HA3    H  N N 338 
GLY HXT    H  N N 339 
HIS N      N  N N 340 
HIS CA     C  N S 341 
HIS C      C  N N 342 
HIS O      O  N N 343 
HIS CB     C  N N 344 
HIS CG     C  Y N 345 
HIS ND1    N  Y N 346 
HIS CD2    C  Y N 347 
HIS CE1    C  Y N 348 
HIS NE2    N  Y N 349 
HIS OXT    O  N N 350 
HIS H      H  N N 351 
HIS H2     H  N N 352 
HIS HA     H  N N 353 
HIS HB2    H  N N 354 
HIS HB3    H  N N 355 
HIS HD1    H  N N 356 
HIS HD2    H  N N 357 
HIS HE1    H  N N 358 
HIS HE2    H  N N 359 
HIS HXT    H  N N 360 
HOH O      O  N N 361 
HOH H1     H  N N 362 
HOH H2     H  N N 363 
ILE N      N  N N 364 
ILE CA     C  N S 365 
ILE C      C  N N 366 
ILE O      O  N N 367 
ILE CB     C  N S 368 
ILE CG1    C  N N 369 
ILE CG2    C  N N 370 
ILE CD1    C  N N 371 
ILE OXT    O  N N 372 
ILE H      H  N N 373 
ILE H2     H  N N 374 
ILE HA     H  N N 375 
ILE HB     H  N N 376 
ILE HG12   H  N N 377 
ILE HG13   H  N N 378 
ILE HG21   H  N N 379 
ILE HG22   H  N N 380 
ILE HG23   H  N N 381 
ILE HD11   H  N N 382 
ILE HD12   H  N N 383 
ILE HD13   H  N N 384 
ILE HXT    H  N N 385 
LEU N      N  N N 386 
LEU CA     C  N S 387 
LEU C      C  N N 388 
LEU O      O  N N 389 
LEU CB     C  N N 390 
LEU CG     C  N N 391 
LEU CD1    C  N N 392 
LEU CD2    C  N N 393 
LEU OXT    O  N N 394 
LEU H      H  N N 395 
LEU H2     H  N N 396 
LEU HA     H  N N 397 
LEU HB2    H  N N 398 
LEU HB3    H  N N 399 
LEU HG     H  N N 400 
LEU HD11   H  N N 401 
LEU HD12   H  N N 402 
LEU HD13   H  N N 403 
LEU HD21   H  N N 404 
LEU HD22   H  N N 405 
LEU HD23   H  N N 406 
LEU HXT    H  N N 407 
LYS N      N  N N 408 
LYS CA     C  N S 409 
LYS C      C  N N 410 
LYS O      O  N N 411 
LYS CB     C  N N 412 
LYS CG     C  N N 413 
LYS CD     C  N N 414 
LYS CE     C  N N 415 
LYS NZ     N  N N 416 
LYS OXT    O  N N 417 
LYS H      H  N N 418 
LYS H2     H  N N 419 
LYS HA     H  N N 420 
LYS HB2    H  N N 421 
LYS HB3    H  N N 422 
LYS HG2    H  N N 423 
LYS HG3    H  N N 424 
LYS HD2    H  N N 425 
LYS HD3    H  N N 426 
LYS HE2    H  N N 427 
LYS HE3    H  N N 428 
LYS HZ1    H  N N 429 
LYS HZ2    H  N N 430 
LYS HZ3    H  N N 431 
LYS HXT    H  N N 432 
MET N      N  N N 433 
MET CA     C  N S 434 
MET C      C  N N 435 
MET O      O  N N 436 
MET CB     C  N N 437 
MET CG     C  N N 438 
MET SD     S  N N 439 
MET CE     C  N N 440 
MET OXT    O  N N 441 
MET H      H  N N 442 
MET H2     H  N N 443 
MET HA     H  N N 444 
MET HB2    H  N N 445 
MET HB3    H  N N 446 
MET HG2    H  N N 447 
MET HG3    H  N N 448 
MET HE1    H  N N 449 
MET HE2    H  N N 450 
MET HE3    H  N N 451 
MET HXT    H  N N 452 
MG  MG     MG N N 453 
PHE N      N  N N 454 
PHE CA     C  N S 455 
PHE C      C  N N 456 
PHE O      O  N N 457 
PHE CB     C  N N 458 
PHE CG     C  Y N 459 
PHE CD1    C  Y N 460 
PHE CD2    C  Y N 461 
PHE CE1    C  Y N 462 
PHE CE2    C  Y N 463 
PHE CZ     C  Y N 464 
PHE OXT    O  N N 465 
PHE H      H  N N 466 
PHE H2     H  N N 467 
PHE HA     H  N N 468 
PHE HB2    H  N N 469 
PHE HB3    H  N N 470 
PHE HD1    H  N N 471 
PHE HD2    H  N N 472 
PHE HE1    H  N N 473 
PHE HE2    H  N N 474 
PHE HZ     H  N N 475 
PHE HXT    H  N N 476 
PRO N      N  N N 477 
PRO CA     C  N S 478 
PRO C      C  N N 479 
PRO O      O  N N 480 
PRO CB     C  N N 481 
PRO CG     C  N N 482 
PRO CD     C  N N 483 
PRO OXT    O  N N 484 
PRO H      H  N N 485 
PRO HA     H  N N 486 
PRO HB2    H  N N 487 
PRO HB3    H  N N 488 
PRO HG2    H  N N 489 
PRO HG3    H  N N 490 
PRO HD2    H  N N 491 
PRO HD3    H  N N 492 
PRO HXT    H  N N 493 
SER N      N  N N 494 
SER CA     C  N S 495 
SER C      C  N N 496 
SER O      O  N N 497 
SER CB     C  N N 498 
SER OG     O  N N 499 
SER OXT    O  N N 500 
SER H      H  N N 501 
SER H2     H  N N 502 
SER HA     H  N N 503 
SER HB2    H  N N 504 
SER HB3    H  N N 505 
SER HG     H  N N 506 
SER HXT    H  N N 507 
THR N      N  N N 508 
THR CA     C  N S 509 
THR C      C  N N 510 
THR O      O  N N 511 
THR CB     C  N R 512 
THR OG1    O  N N 513 
THR CG2    C  N N 514 
THR OXT    O  N N 515 
THR H      H  N N 516 
THR H2     H  N N 517 
THR HA     H  N N 518 
THR HB     H  N N 519 
THR HG1    H  N N 520 
THR HG21   H  N N 521 
THR HG22   H  N N 522 
THR HG23   H  N N 523 
THR HXT    H  N N 524 
TRP N      N  N N 525 
TRP CA     C  N S 526 
TRP C      C  N N 527 
TRP O      O  N N 528 
TRP CB     C  N N 529 
TRP CG     C  Y N 530 
TRP CD1    C  Y N 531 
TRP CD2    C  Y N 532 
TRP NE1    N  Y N 533 
TRP CE2    C  Y N 534 
TRP CE3    C  Y N 535 
TRP CZ2    C  Y N 536 
TRP CZ3    C  Y N 537 
TRP CH2    C  Y N 538 
TRP OXT    O  N N 539 
TRP H      H  N N 540 
TRP H2     H  N N 541 
TRP HA     H  N N 542 
TRP HB2    H  N N 543 
TRP HB3    H  N N 544 
TRP HD1    H  N N 545 
TRP HE1    H  N N 546 
TRP HE3    H  N N 547 
TRP HZ2    H  N N 548 
TRP HZ3    H  N N 549 
TRP HH2    H  N N 550 
TRP HXT    H  N N 551 
TYR N      N  N N 552 
TYR CA     C  N S 553 
TYR C      C  N N 554 
TYR O      O  N N 555 
TYR CB     C  N N 556 
TYR CG     C  Y N 557 
TYR CD1    C  Y N 558 
TYR CD2    C  Y N 559 
TYR CE1    C  Y N 560 
TYR CE2    C  Y N 561 
TYR CZ     C  Y N 562 
TYR OH     O  N N 563 
TYR OXT    O  N N 564 
TYR H      H  N N 565 
TYR H2     H  N N 566 
TYR HA     H  N N 567 
TYR HB2    H  N N 568 
TYR HB3    H  N N 569 
TYR HD1    H  N N 570 
TYR HD2    H  N N 571 
TYR HE1    H  N N 572 
TYR HE2    H  N N 573 
TYR HH     H  N N 574 
TYR HXT    H  N N 575 
U   OP3    O  N N 576 
U   P      P  N N 577 
U   OP1    O  N N 578 
U   OP2    O  N N 579 
U   "O5'"  O  N N 580 
U   "C5'"  C  N N 581 
U   "C4'"  C  N R 582 
U   "O4'"  O  N N 583 
U   "C3'"  C  N S 584 
U   "O3'"  O  N N 585 
U   "C2'"  C  N R 586 
U   "O2'"  O  N N 587 
U   "C1'"  C  N R 588 
U   N1     N  N N 589 
U   C2     C  N N 590 
U   O2     O  N N 591 
U   N3     N  N N 592 
U   C4     C  N N 593 
U   O4     O  N N 594 
U   C5     C  N N 595 
U   C6     C  N N 596 
U   HOP3   H  N N 597 
U   HOP2   H  N N 598 
U   "H5'"  H  N N 599 
U   "H5''" H  N N 600 
U   "H4'"  H  N N 601 
U   "H3'"  H  N N 602 
U   "HO3'" H  N N 603 
U   "H2'"  H  N N 604 
U   "HO2'" H  N N 605 
U   "H1'"  H  N N 606 
U   H3     H  N N 607 
U   H5     H  N N 608 
U   H6     H  N N 609 
US3 P      P  N N 610 
US3 N1     N  N N 611 
US3 C2     C  N N 612 
US3 SE2    SE N N 613 
US3 N3     N  N N 614 
US3 C4     C  N N 615 
US3 O4     O  N N 616 
US3 C5     C  N N 617 
US3 C6     C  N N 618 
US3 "C1'"  C  N R 619 
US3 OP3    O  N N 620 
US3 "C2'"  C  N N 621 
US3 OP2    O  N N 622 
US3 "C3'"  C  N S 623 
US3 "O3'"  O  N N 624 
US3 "C4'"  C  N R 625 
US3 "O4'"  O  N N 626 
US3 "C5'"  C  N N 627 
US3 "O5'"  O  N N 628 
US3 C5A    C  N N 629 
US3 H6     H  N N 630 
US3 "H1'"  H  N N 631 
US3 HOP3   H  N N 632 
US3 "H2'"  H  N N 633 
US3 "H2'A" H  N N 634 
US3 HOP2   H  N N 635 
US3 "H3'"  H  N N 636 
US3 "HO3'" H  N N 637 
US3 "H4'"  H  N N 638 
US3 "H5'"  H  N N 639 
US3 "H5'A" H  N N 640 
US3 H5A    H  N N 641 
US3 H5AA   H  N N 642 
US3 H5AB   H  N N 643 
US3 HSE2   H  N N 644 
US3 OP1    O  N N 645 
VAL N      N  N N 646 
VAL CA     C  N S 647 
VAL C      C  N N 648 
VAL O      O  N N 649 
VAL CB     C  N N 650 
VAL CG1    C  N N 651 
VAL CG2    C  N N 652 
VAL OXT    O  N N 653 
VAL H      H  N N 654 
VAL H2     H  N N 655 
VAL HA     H  N N 656 
VAL HB     H  N N 657 
VAL HG11   H  N N 658 
VAL HG12   H  N N 659 
VAL HG13   H  N N 660 
VAL HG21   H  N N 661 
VAL HG22   H  N N 662 
VAL HG23   H  N N 663 
VAL HXT    H  N N 664 
# 
loop_
_chem_comp_bond.comp_id 
_chem_comp_bond.atom_id_1 
_chem_comp_bond.atom_id_2 
_chem_comp_bond.value_order 
_chem_comp_bond.pdbx_aromatic_flag 
_chem_comp_bond.pdbx_stereo_config 
_chem_comp_bond.pdbx_ordinal 
A   OP3   P      sing N N 1   
A   OP3   HOP3   sing N N 2   
A   P     OP1    doub N N 3   
A   P     OP2    sing N N 4   
A   P     "O5'"  sing N N 5   
A   OP2   HOP2   sing N N 6   
A   "O5'" "C5'"  sing N N 7   
A   "C5'" "C4'"  sing N N 8   
A   "C5'" "H5'"  sing N N 9   
A   "C5'" "H5''" sing N N 10  
A   "C4'" "O4'"  sing N N 11  
A   "C4'" "C3'"  sing N N 12  
A   "C4'" "H4'"  sing N N 13  
A   "O4'" "C1'"  sing N N 14  
A   "C3'" "O3'"  sing N N 15  
A   "C3'" "C2'"  sing N N 16  
A   "C3'" "H3'"  sing N N 17  
A   "O3'" "HO3'" sing N N 18  
A   "C2'" "O2'"  sing N N 19  
A   "C2'" "C1'"  sing N N 20  
A   "C2'" "H2'"  sing N N 21  
A   "O2'" "HO2'" sing N N 22  
A   "C1'" N9     sing N N 23  
A   "C1'" "H1'"  sing N N 24  
A   N9    C8     sing Y N 25  
A   N9    C4     sing Y N 26  
A   C8    N7     doub Y N 27  
A   C8    H8     sing N N 28  
A   N7    C5     sing Y N 29  
A   C5    C6     sing Y N 30  
A   C5    C4     doub Y N 31  
A   C6    N6     sing N N 32  
A   C6    N1     doub Y N 33  
A   N6    H61    sing N N 34  
A   N6    H62    sing N N 35  
A   N1    C2     sing Y N 36  
A   C2    N3     doub Y N 37  
A   C2    H2     sing N N 38  
A   N3    C4     sing Y N 39  
ALA N     CA     sing N N 40  
ALA N     H      sing N N 41  
ALA N     H2     sing N N 42  
ALA CA    C      sing N N 43  
ALA CA    CB     sing N N 44  
ALA CA    HA     sing N N 45  
ALA C     O      doub N N 46  
ALA C     OXT    sing N N 47  
ALA CB    HB1    sing N N 48  
ALA CB    HB2    sing N N 49  
ALA CB    HB3    sing N N 50  
ALA OXT   HXT    sing N N 51  
ARG N     CA     sing N N 52  
ARG N     H      sing N N 53  
ARG N     H2     sing N N 54  
ARG CA    C      sing N N 55  
ARG CA    CB     sing N N 56  
ARG CA    HA     sing N N 57  
ARG C     O      doub N N 58  
ARG C     OXT    sing N N 59  
ARG CB    CG     sing N N 60  
ARG CB    HB2    sing N N 61  
ARG CB    HB3    sing N N 62  
ARG CG    CD     sing N N 63  
ARG CG    HG2    sing N N 64  
ARG CG    HG3    sing N N 65  
ARG CD    NE     sing N N 66  
ARG CD    HD2    sing N N 67  
ARG CD    HD3    sing N N 68  
ARG NE    CZ     sing N N 69  
ARG NE    HE     sing N N 70  
ARG CZ    NH1    sing N N 71  
ARG CZ    NH2    doub N N 72  
ARG NH1   HH11   sing N N 73  
ARG NH1   HH12   sing N N 74  
ARG NH2   HH21   sing N N 75  
ARG NH2   HH22   sing N N 76  
ARG OXT   HXT    sing N N 77  
ASN N     CA     sing N N 78  
ASN N     H      sing N N 79  
ASN N     H2     sing N N 80  
ASN CA    C      sing N N 81  
ASN CA    CB     sing N N 82  
ASN CA    HA     sing N N 83  
ASN C     O      doub N N 84  
ASN C     OXT    sing N N 85  
ASN CB    CG     sing N N 86  
ASN CB    HB2    sing N N 87  
ASN CB    HB3    sing N N 88  
ASN CG    OD1    doub N N 89  
ASN CG    ND2    sing N N 90  
ASN ND2   HD21   sing N N 91  
ASN ND2   HD22   sing N N 92  
ASN OXT   HXT    sing N N 93  
ASP N     CA     sing N N 94  
ASP N     H      sing N N 95  
ASP N     H2     sing N N 96  
ASP CA    C      sing N N 97  
ASP CA    CB     sing N N 98  
ASP CA    HA     sing N N 99  
ASP C     O      doub N N 100 
ASP C     OXT    sing N N 101 
ASP CB    CG     sing N N 102 
ASP CB    HB2    sing N N 103 
ASP CB    HB3    sing N N 104 
ASP CG    OD1    doub N N 105 
ASP CG    OD2    sing N N 106 
ASP OD2   HD2    sing N N 107 
ASP OXT   HXT    sing N N 108 
C   OP3   P      sing N N 109 
C   OP3   HOP3   sing N N 110 
C   P     OP1    doub N N 111 
C   P     OP2    sing N N 112 
C   P     "O5'"  sing N N 113 
C   OP2   HOP2   sing N N 114 
C   "O5'" "C5'"  sing N N 115 
C   "C5'" "C4'"  sing N N 116 
C   "C5'" "H5'"  sing N N 117 
C   "C5'" "H5''" sing N N 118 
C   "C4'" "O4'"  sing N N 119 
C   "C4'" "C3'"  sing N N 120 
C   "C4'" "H4'"  sing N N 121 
C   "O4'" "C1'"  sing N N 122 
C   "C3'" "O3'"  sing N N 123 
C   "C3'" "C2'"  sing N N 124 
C   "C3'" "H3'"  sing N N 125 
C   "O3'" "HO3'" sing N N 126 
C   "C2'" "O2'"  sing N N 127 
C   "C2'" "C1'"  sing N N 128 
C   "C2'" "H2'"  sing N N 129 
C   "O2'" "HO2'" sing N N 130 
C   "C1'" N1     sing N N 131 
C   "C1'" "H1'"  sing N N 132 
C   N1    C2     sing N N 133 
C   N1    C6     sing N N 134 
C   C2    O2     doub N N 135 
C   C2    N3     sing N N 136 
C   N3    C4     doub N N 137 
C   C4    N4     sing N N 138 
C   C4    C5     sing N N 139 
C   N4    H41    sing N N 140 
C   N4    H42    sing N N 141 
C   C5    C6     doub N N 142 
C   C5    H5     sing N N 143 
C   C6    H6     sing N N 144 
DA  OP3   P      sing N N 145 
DA  OP3   HOP3   sing N N 146 
DA  P     OP1    doub N N 147 
DA  P     OP2    sing N N 148 
DA  P     "O5'"  sing N N 149 
DA  OP2   HOP2   sing N N 150 
DA  "O5'" "C5'"  sing N N 151 
DA  "C5'" "C4'"  sing N N 152 
DA  "C5'" "H5'"  sing N N 153 
DA  "C5'" "H5''" sing N N 154 
DA  "C4'" "O4'"  sing N N 155 
DA  "C4'" "C3'"  sing N N 156 
DA  "C4'" "H4'"  sing N N 157 
DA  "O4'" "C1'"  sing N N 158 
DA  "C3'" "O3'"  sing N N 159 
DA  "C3'" "C2'"  sing N N 160 
DA  "C3'" "H3'"  sing N N 161 
DA  "O3'" "HO3'" sing N N 162 
DA  "C2'" "C1'"  sing N N 163 
DA  "C2'" "H2'"  sing N N 164 
DA  "C2'" "H2''" sing N N 165 
DA  "C1'" N9     sing N N 166 
DA  "C1'" "H1'"  sing N N 167 
DA  N9    C8     sing Y N 168 
DA  N9    C4     sing Y N 169 
DA  C8    N7     doub Y N 170 
DA  C8    H8     sing N N 171 
DA  N7    C5     sing Y N 172 
DA  C5    C6     sing Y N 173 
DA  C5    C4     doub Y N 174 
DA  C6    N6     sing N N 175 
DA  C6    N1     doub Y N 176 
DA  N6    H61    sing N N 177 
DA  N6    H62    sing N N 178 
DA  N1    C2     sing Y N 179 
DA  C2    N3     doub Y N 180 
DA  C2    H2     sing N N 181 
DA  N3    C4     sing Y N 182 
DC  OP3   P      sing N N 183 
DC  OP3   HOP3   sing N N 184 
DC  P     OP1    doub N N 185 
DC  P     OP2    sing N N 186 
DC  P     "O5'"  sing N N 187 
DC  OP2   HOP2   sing N N 188 
DC  "O5'" "C5'"  sing N N 189 
DC  "C5'" "C4'"  sing N N 190 
DC  "C5'" "H5'"  sing N N 191 
DC  "C5'" "H5''" sing N N 192 
DC  "C4'" "O4'"  sing N N 193 
DC  "C4'" "C3'"  sing N N 194 
DC  "C4'" "H4'"  sing N N 195 
DC  "O4'" "C1'"  sing N N 196 
DC  "C3'" "O3'"  sing N N 197 
DC  "C3'" "C2'"  sing N N 198 
DC  "C3'" "H3'"  sing N N 199 
DC  "O3'" "HO3'" sing N N 200 
DC  "C2'" "C1'"  sing N N 201 
DC  "C2'" "H2'"  sing N N 202 
DC  "C2'" "H2''" sing N N 203 
DC  "C1'" N1     sing N N 204 
DC  "C1'" "H1'"  sing N N 205 
DC  N1    C2     sing N N 206 
DC  N1    C6     sing N N 207 
DC  C2    O2     doub N N 208 
DC  C2    N3     sing N N 209 
DC  N3    C4     doub N N 210 
DC  C4    N4     sing N N 211 
DC  C4    C5     sing N N 212 
DC  N4    H41    sing N N 213 
DC  N4    H42    sing N N 214 
DC  C5    C6     doub N N 215 
DC  C5    H5     sing N N 216 
DC  C6    H6     sing N N 217 
DG  OP3   P      sing N N 218 
DG  OP3   HOP3   sing N N 219 
DG  P     OP1    doub N N 220 
DG  P     OP2    sing N N 221 
DG  P     "O5'"  sing N N 222 
DG  OP2   HOP2   sing N N 223 
DG  "O5'" "C5'"  sing N N 224 
DG  "C5'" "C4'"  sing N N 225 
DG  "C5'" "H5'"  sing N N 226 
DG  "C5'" "H5''" sing N N 227 
DG  "C4'" "O4'"  sing N N 228 
DG  "C4'" "C3'"  sing N N 229 
DG  "C4'" "H4'"  sing N N 230 
DG  "O4'" "C1'"  sing N N 231 
DG  "C3'" "O3'"  sing N N 232 
DG  "C3'" "C2'"  sing N N 233 
DG  "C3'" "H3'"  sing N N 234 
DG  "O3'" "HO3'" sing N N 235 
DG  "C2'" "C1'"  sing N N 236 
DG  "C2'" "H2'"  sing N N 237 
DG  "C2'" "H2''" sing N N 238 
DG  "C1'" N9     sing N N 239 
DG  "C1'" "H1'"  sing N N 240 
DG  N9    C8     sing Y N 241 
DG  N9    C4     sing Y N 242 
DG  C8    N7     doub Y N 243 
DG  C8    H8     sing N N 244 
DG  N7    C5     sing Y N 245 
DG  C5    C6     sing N N 246 
DG  C5    C4     doub Y N 247 
DG  C6    O6     doub N N 248 
DG  C6    N1     sing N N 249 
DG  N1    C2     sing N N 250 
DG  N1    H1     sing N N 251 
DG  C2    N2     sing N N 252 
DG  C2    N3     doub N N 253 
DG  N2    H21    sing N N 254 
DG  N2    H22    sing N N 255 
DG  N3    C4     sing N N 256 
G   OP3   P      sing N N 257 
G   OP3   HOP3   sing N N 258 
G   P     OP1    doub N N 259 
G   P     OP2    sing N N 260 
G   P     "O5'"  sing N N 261 
G   OP2   HOP2   sing N N 262 
G   "O5'" "C5'"  sing N N 263 
G   "C5'" "C4'"  sing N N 264 
G   "C5'" "H5'"  sing N N 265 
G   "C5'" "H5''" sing N N 266 
G   "C4'" "O4'"  sing N N 267 
G   "C4'" "C3'"  sing N N 268 
G   "C4'" "H4'"  sing N N 269 
G   "O4'" "C1'"  sing N N 270 
G   "C3'" "O3'"  sing N N 271 
G   "C3'" "C2'"  sing N N 272 
G   "C3'" "H3'"  sing N N 273 
G   "O3'" "HO3'" sing N N 274 
G   "C2'" "O2'"  sing N N 275 
G   "C2'" "C1'"  sing N N 276 
G   "C2'" "H2'"  sing N N 277 
G   "O2'" "HO2'" sing N N 278 
G   "C1'" N9     sing N N 279 
G   "C1'" "H1'"  sing N N 280 
G   N9    C8     sing Y N 281 
G   N9    C4     sing Y N 282 
G   C8    N7     doub Y N 283 
G   C8    H8     sing N N 284 
G   N7    C5     sing Y N 285 
G   C5    C6     sing N N 286 
G   C5    C4     doub Y N 287 
G   C6    O6     doub N N 288 
G   C6    N1     sing N N 289 
G   N1    C2     sing N N 290 
G   N1    H1     sing N N 291 
G   C2    N2     sing N N 292 
G   C2    N3     doub N N 293 
G   N2    H21    sing N N 294 
G   N2    H22    sing N N 295 
G   N3    C4     sing N N 296 
GLN N     CA     sing N N 297 
GLN N     H      sing N N 298 
GLN N     H2     sing N N 299 
GLN CA    C      sing N N 300 
GLN CA    CB     sing N N 301 
GLN CA    HA     sing N N 302 
GLN C     O      doub N N 303 
GLN C     OXT    sing N N 304 
GLN CB    CG     sing N N 305 
GLN CB    HB2    sing N N 306 
GLN CB    HB3    sing N N 307 
GLN CG    CD     sing N N 308 
GLN CG    HG2    sing N N 309 
GLN CG    HG3    sing N N 310 
GLN CD    OE1    doub N N 311 
GLN CD    NE2    sing N N 312 
GLN NE2   HE21   sing N N 313 
GLN NE2   HE22   sing N N 314 
GLN OXT   HXT    sing N N 315 
GLU N     CA     sing N N 316 
GLU N     H      sing N N 317 
GLU N     H2     sing N N 318 
GLU CA    C      sing N N 319 
GLU CA    CB     sing N N 320 
GLU CA    HA     sing N N 321 
GLU C     O      doub N N 322 
GLU C     OXT    sing N N 323 
GLU CB    CG     sing N N 324 
GLU CB    HB2    sing N N 325 
GLU CB    HB3    sing N N 326 
GLU CG    CD     sing N N 327 
GLU CG    HG2    sing N N 328 
GLU CG    HG3    sing N N 329 
GLU CD    OE1    doub N N 330 
GLU CD    OE2    sing N N 331 
GLU OE2   HE2    sing N N 332 
GLU OXT   HXT    sing N N 333 
GLY N     CA     sing N N 334 
GLY N     H      sing N N 335 
GLY N     H2     sing N N 336 
GLY CA    C      sing N N 337 
GLY CA    HA2    sing N N 338 
GLY CA    HA3    sing N N 339 
GLY C     O      doub N N 340 
GLY C     OXT    sing N N 341 
GLY OXT   HXT    sing N N 342 
HIS N     CA     sing N N 343 
HIS N     H      sing N N 344 
HIS N     H2     sing N N 345 
HIS CA    C      sing N N 346 
HIS CA    CB     sing N N 347 
HIS CA    HA     sing N N 348 
HIS C     O      doub N N 349 
HIS C     OXT    sing N N 350 
HIS CB    CG     sing N N 351 
HIS CB    HB2    sing N N 352 
HIS CB    HB3    sing N N 353 
HIS CG    ND1    sing Y N 354 
HIS CG    CD2    doub Y N 355 
HIS ND1   CE1    doub Y N 356 
HIS ND1   HD1    sing N N 357 
HIS CD2   NE2    sing Y N 358 
HIS CD2   HD2    sing N N 359 
HIS CE1   NE2    sing Y N 360 
HIS CE1   HE1    sing N N 361 
HIS NE2   HE2    sing N N 362 
HIS OXT   HXT    sing N N 363 
HOH O     H1     sing N N 364 
HOH O     H2     sing N N 365 
ILE N     CA     sing N N 366 
ILE N     H      sing N N 367 
ILE N     H2     sing N N 368 
ILE CA    C      sing N N 369 
ILE CA    CB     sing N N 370 
ILE CA    HA     sing N N 371 
ILE C     O      doub N N 372 
ILE C     OXT    sing N N 373 
ILE CB    CG1    sing N N 374 
ILE CB    CG2    sing N N 375 
ILE CB    HB     sing N N 376 
ILE CG1   CD1    sing N N 377 
ILE CG1   HG12   sing N N 378 
ILE CG1   HG13   sing N N 379 
ILE CG2   HG21   sing N N 380 
ILE CG2   HG22   sing N N 381 
ILE CG2   HG23   sing N N 382 
ILE CD1   HD11   sing N N 383 
ILE CD1   HD12   sing N N 384 
ILE CD1   HD13   sing N N 385 
ILE OXT   HXT    sing N N 386 
LEU N     CA     sing N N 387 
LEU N     H      sing N N 388 
LEU N     H2     sing N N 389 
LEU CA    C      sing N N 390 
LEU CA    CB     sing N N 391 
LEU CA    HA     sing N N 392 
LEU C     O      doub N N 393 
LEU C     OXT    sing N N 394 
LEU CB    CG     sing N N 395 
LEU CB    HB2    sing N N 396 
LEU CB    HB3    sing N N 397 
LEU CG    CD1    sing N N 398 
LEU CG    CD2    sing N N 399 
LEU CG    HG     sing N N 400 
LEU CD1   HD11   sing N N 401 
LEU CD1   HD12   sing N N 402 
LEU CD1   HD13   sing N N 403 
LEU CD2   HD21   sing N N 404 
LEU CD2   HD22   sing N N 405 
LEU CD2   HD23   sing N N 406 
LEU OXT   HXT    sing N N 407 
LYS N     CA     sing N N 408 
LYS N     H      sing N N 409 
LYS N     H2     sing N N 410 
LYS CA    C      sing N N 411 
LYS CA    CB     sing N N 412 
LYS CA    HA     sing N N 413 
LYS C     O      doub N N 414 
LYS C     OXT    sing N N 415 
LYS CB    CG     sing N N 416 
LYS CB    HB2    sing N N 417 
LYS CB    HB3    sing N N 418 
LYS CG    CD     sing N N 419 
LYS CG    HG2    sing N N 420 
LYS CG    HG3    sing N N 421 
LYS CD    CE     sing N N 422 
LYS CD    HD2    sing N N 423 
LYS CD    HD3    sing N N 424 
LYS CE    NZ     sing N N 425 
LYS CE    HE2    sing N N 426 
LYS CE    HE3    sing N N 427 
LYS NZ    HZ1    sing N N 428 
LYS NZ    HZ2    sing N N 429 
LYS NZ    HZ3    sing N N 430 
LYS OXT   HXT    sing N N 431 
MET N     CA     sing N N 432 
MET N     H      sing N N 433 
MET N     H2     sing N N 434 
MET CA    C      sing N N 435 
MET CA    CB     sing N N 436 
MET CA    HA     sing N N 437 
MET C     O      doub N N 438 
MET C     OXT    sing N N 439 
MET CB    CG     sing N N 440 
MET CB    HB2    sing N N 441 
MET CB    HB3    sing N N 442 
MET CG    SD     sing N N 443 
MET CG    HG2    sing N N 444 
MET CG    HG3    sing N N 445 
MET SD    CE     sing N N 446 
MET CE    HE1    sing N N 447 
MET CE    HE2    sing N N 448 
MET CE    HE3    sing N N 449 
MET OXT   HXT    sing N N 450 
PHE N     CA     sing N N 451 
PHE N     H      sing N N 452 
PHE N     H2     sing N N 453 
PHE CA    C      sing N N 454 
PHE CA    CB     sing N N 455 
PHE CA    HA     sing N N 456 
PHE C     O      doub N N 457 
PHE C     OXT    sing N N 458 
PHE CB    CG     sing N N 459 
PHE CB    HB2    sing N N 460 
PHE CB    HB3    sing N N 461 
PHE CG    CD1    doub Y N 462 
PHE CG    CD2    sing Y N 463 
PHE CD1   CE1    sing Y N 464 
PHE CD1   HD1    sing N N 465 
PHE CD2   CE2    doub Y N 466 
PHE CD2   HD2    sing N N 467 
PHE CE1   CZ     doub Y N 468 
PHE CE1   HE1    sing N N 469 
PHE CE2   CZ     sing Y N 470 
PHE CE2   HE2    sing N N 471 
PHE CZ    HZ     sing N N 472 
PHE OXT   HXT    sing N N 473 
PRO N     CA     sing N N 474 
PRO N     CD     sing N N 475 
PRO N     H      sing N N 476 
PRO CA    C      sing N N 477 
PRO CA    CB     sing N N 478 
PRO CA    HA     sing N N 479 
PRO C     O      doub N N 480 
PRO C     OXT    sing N N 481 
PRO CB    CG     sing N N 482 
PRO CB    HB2    sing N N 483 
PRO CB    HB3    sing N N 484 
PRO CG    CD     sing N N 485 
PRO CG    HG2    sing N N 486 
PRO CG    HG3    sing N N 487 
PRO CD    HD2    sing N N 488 
PRO CD    HD3    sing N N 489 
PRO OXT   HXT    sing N N 490 
SER N     CA     sing N N 491 
SER N     H      sing N N 492 
SER N     H2     sing N N 493 
SER CA    C      sing N N 494 
SER CA    CB     sing N N 495 
SER CA    HA     sing N N 496 
SER C     O      doub N N 497 
SER C     OXT    sing N N 498 
SER CB    OG     sing N N 499 
SER CB    HB2    sing N N 500 
SER CB    HB3    sing N N 501 
SER OG    HG     sing N N 502 
SER OXT   HXT    sing N N 503 
THR N     CA     sing N N 504 
THR N     H      sing N N 505 
THR N     H2     sing N N 506 
THR CA    C      sing N N 507 
THR CA    CB     sing N N 508 
THR CA    HA     sing N N 509 
THR C     O      doub N N 510 
THR C     OXT    sing N N 511 
THR CB    OG1    sing N N 512 
THR CB    CG2    sing N N 513 
THR CB    HB     sing N N 514 
THR OG1   HG1    sing N N 515 
THR CG2   HG21   sing N N 516 
THR CG2   HG22   sing N N 517 
THR CG2   HG23   sing N N 518 
THR OXT   HXT    sing N N 519 
TRP N     CA     sing N N 520 
TRP N     H      sing N N 521 
TRP N     H2     sing N N 522 
TRP CA    C      sing N N 523 
TRP CA    CB     sing N N 524 
TRP CA    HA     sing N N 525 
TRP C     O      doub N N 526 
TRP C     OXT    sing N N 527 
TRP CB    CG     sing N N 528 
TRP CB    HB2    sing N N 529 
TRP CB    HB3    sing N N 530 
TRP CG    CD1    doub Y N 531 
TRP CG    CD2    sing Y N 532 
TRP CD1   NE1    sing Y N 533 
TRP CD1   HD1    sing N N 534 
TRP CD2   CE2    doub Y N 535 
TRP CD2   CE3    sing Y N 536 
TRP NE1   CE2    sing Y N 537 
TRP NE1   HE1    sing N N 538 
TRP CE2   CZ2    sing Y N 539 
TRP CE3   CZ3    doub Y N 540 
TRP CE3   HE3    sing N N 541 
TRP CZ2   CH2    doub Y N 542 
TRP CZ2   HZ2    sing N N 543 
TRP CZ3   CH2    sing Y N 544 
TRP CZ3   HZ3    sing N N 545 
TRP CH2   HH2    sing N N 546 
TRP OXT   HXT    sing N N 547 
TYR N     CA     sing N N 548 
TYR N     H      sing N N 549 
TYR N     H2     sing N N 550 
TYR CA    C      sing N N 551 
TYR CA    CB     sing N N 552 
TYR CA    HA     sing N N 553 
TYR C     O      doub N N 554 
TYR C     OXT    sing N N 555 
TYR CB    CG     sing N N 556 
TYR CB    HB2    sing N N 557 
TYR CB    HB3    sing N N 558 
TYR CG    CD1    doub Y N 559 
TYR CG    CD2    sing Y N 560 
TYR CD1   CE1    sing Y N 561 
TYR CD1   HD1    sing N N 562 
TYR CD2   CE2    doub Y N 563 
TYR CD2   HD2    sing N N 564 
TYR CE1   CZ     doub Y N 565 
TYR CE1   HE1    sing N N 566 
TYR CE2   CZ     sing Y N 567 
TYR CE2   HE2    sing N N 568 
TYR CZ    OH     sing N N 569 
TYR OH    HH     sing N N 570 
TYR OXT   HXT    sing N N 571 
U   OP3   P      sing N N 572 
U   OP3   HOP3   sing N N 573 
U   P     OP1    doub N N 574 
U   P     OP2    sing N N 575 
U   P     "O5'"  sing N N 576 
U   OP2   HOP2   sing N N 577 
U   "O5'" "C5'"  sing N N 578 
U   "C5'" "C4'"  sing N N 579 
U   "C5'" "H5'"  sing N N 580 
U   "C5'" "H5''" sing N N 581 
U   "C4'" "O4'"  sing N N 582 
U   "C4'" "C3'"  sing N N 583 
U   "C4'" "H4'"  sing N N 584 
U   "O4'" "C1'"  sing N N 585 
U   "C3'" "O3'"  sing N N 586 
U   "C3'" "C2'"  sing N N 587 
U   "C3'" "H3'"  sing N N 588 
U   "O3'" "HO3'" sing N N 589 
U   "C2'" "O2'"  sing N N 590 
U   "C2'" "C1'"  sing N N 591 
U   "C2'" "H2'"  sing N N 592 
U   "O2'" "HO2'" sing N N 593 
U   "C1'" N1     sing N N 594 
U   "C1'" "H1'"  sing N N 595 
U   N1    C2     sing N N 596 
U   N1    C6     sing N N 597 
U   C2    O2     doub N N 598 
U   C2    N3     sing N N 599 
U   N3    C4     sing N N 600 
U   N3    H3     sing N N 601 
U   C4    O4     doub N N 602 
U   C4    C5     sing N N 603 
U   C5    C6     doub N N 604 
U   C5    H5     sing N N 605 
U   C6    H6     sing N N 606 
US3 P     OP2    sing N N 607 
US3 N1    "C1'"  sing N N 608 
US3 N1    C6     sing N N 609 
US3 C2    N1     sing N N 610 
US3 C2    N3     doub N N 611 
US3 SE2   C2     sing N N 612 
US3 SE2   HSE2   sing N N 613 
US3 N3    C4     sing N N 614 
US3 C4    O4     doub N N 615 
US3 C4    C5     sing N N 616 
US3 C5    C5A    sing N N 617 
US3 C6    C5     doub N N 618 
US3 C6    H6     sing N N 619 
US3 "C1'" "O4'"  sing N N 620 
US3 "C1'" "H1'"  sing N N 621 
US3 OP3   P      sing N N 622 
US3 OP3   HOP3   sing N N 623 
US3 "C2'" "C1'"  sing N N 624 
US3 "C2'" "C3'"  sing N N 625 
US3 "C2'" "H2'"  sing N N 626 
US3 "C2'" "H2'A" sing N N 627 
US3 OP2   HOP2   sing N N 628 
US3 "C3'" "C4'"  sing N N 629 
US3 "C3'" "H3'"  sing N N 630 
US3 "O3'" "C3'"  sing N N 631 
US3 "O3'" "HO3'" sing N N 632 
US3 "C4'" "O4'"  sing N N 633 
US3 "C4'" "C5'"  sing N N 634 
US3 "C4'" "H4'"  sing N N 635 
US3 "C5'" "O5'"  sing N N 636 
US3 "C5'" "H5'"  sing N N 637 
US3 "C5'" "H5'A" sing N N 638 
US3 "O5'" P      sing N N 639 
US3 C5A   H5A    sing N N 640 
US3 C5A   H5AA   sing N N 641 
US3 C5A   H5AB   sing N N 642 
US3 P     OP1    doub N N 643 
VAL N     CA     sing N N 644 
VAL N     H      sing N N 645 
VAL N     H2     sing N N 646 
VAL CA    C      sing N N 647 
VAL CA    CB     sing N N 648 
VAL CA    HA     sing N N 649 
VAL C     O      doub N N 650 
VAL C     OXT    sing N N 651 
VAL CB    CG1    sing N N 652 
VAL CB    CG2    sing N N 653 
VAL CB    HB     sing N N 654 
VAL CG1   HG11   sing N N 655 
VAL CG1   HG12   sing N N 656 
VAL CG1   HG13   sing N N 657 
VAL CG2   HG21   sing N N 658 
VAL CG2   HG22   sing N N 659 
VAL CG2   HG23   sing N N 660 
VAL OXT   HXT    sing N N 661 
# 
_ndb_struct_conf_na.entry_id   5W7N 
_ndb_struct_conf_na.feature    'double helix' 
# 
loop_
_ndb_struct_na_base_pair.model_number 
_ndb_struct_na_base_pair.i_label_asym_id 
_ndb_struct_na_base_pair.i_label_comp_id 
_ndb_struct_na_base_pair.i_label_seq_id 
_ndb_struct_na_base_pair.i_symmetry 
_ndb_struct_na_base_pair.j_label_asym_id 
_ndb_struct_na_base_pair.j_label_comp_id 
_ndb_struct_na_base_pair.j_label_seq_id 
_ndb_struct_na_base_pair.j_symmetry 
_ndb_struct_na_base_pair.shear 
_ndb_struct_na_base_pair.stretch 
_ndb_struct_na_base_pair.stagger 
_ndb_struct_na_base_pair.buckle 
_ndb_struct_na_base_pair.propeller 
_ndb_struct_na_base_pair.opening 
_ndb_struct_na_base_pair.pair_number 
_ndb_struct_na_base_pair.pair_name 
_ndb_struct_na_base_pair.i_auth_asym_id 
_ndb_struct_na_base_pair.i_auth_seq_id 
_ndb_struct_na_base_pair.i_PDB_ins_code 
_ndb_struct_na_base_pair.j_auth_asym_id 
_ndb_struct_na_base_pair.j_auth_seq_id 
_ndb_struct_na_base_pair.j_PDB_ins_code 
_ndb_struct_na_base_pair.hbond_type_28 
_ndb_struct_na_base_pair.hbond_type_12 
1 A C 2 1_555 B DG  6 1_555 0.008  -0.121 0.030  4.245   -11.493 -2.466 1 B_C2:DG6_C  B 2 ? C 6 ? 19 1 
1 A G 3 1_555 B DC  5 1_555 -0.269 -0.106 -0.439 -20.322 -11.869 -0.310 2 B_G3:DC5_C  B 3 ? C 5 ? 19 1 
1 A A 4 1_555 B US3 4 1_555 0.146  -0.071 -0.081 -9.506  -18.133 -0.097 3 B_A4:US34_C B 4 ? C 4 ? 20 1 
1 A C 5 1_555 B DG  3 1_555 0.234  -0.132 0.359  -11.809 -12.399 -1.110 4 B_C5:DG3_C  B 5 ? C 3 ? 19 1 
1 A A 6 1_555 B US3 2 1_555 0.068  -0.105 0.080  2.737   -5.719  -5.536 5 B_A6:US32_C B 6 ? C 2 ? 20 1 
# 
loop_
_ndb_struct_na_base_pair_step.model_number 
_ndb_struct_na_base_pair_step.i_label_asym_id_1 
_ndb_struct_na_base_pair_step.i_label_comp_id_1 
_ndb_struct_na_base_pair_step.i_label_seq_id_1 
_ndb_struct_na_base_pair_step.i_symmetry_1 
_ndb_struct_na_base_pair_step.j_label_asym_id_1 
_ndb_struct_na_base_pair_step.j_label_comp_id_1 
_ndb_struct_na_base_pair_step.j_label_seq_id_1 
_ndb_struct_na_base_pair_step.j_symmetry_1 
_ndb_struct_na_base_pair_step.i_label_asym_id_2 
_ndb_struct_na_base_pair_step.i_label_comp_id_2 
_ndb_struct_na_base_pair_step.i_label_seq_id_2 
_ndb_struct_na_base_pair_step.i_symmetry_2 
_ndb_struct_na_base_pair_step.j_label_asym_id_2 
_ndb_struct_na_base_pair_step.j_label_comp_id_2 
_ndb_struct_na_base_pair_step.j_label_seq_id_2 
_ndb_struct_na_base_pair_step.j_symmetry_2 
_ndb_struct_na_base_pair_step.shift 
_ndb_struct_na_base_pair_step.slide 
_ndb_struct_na_base_pair_step.rise 
_ndb_struct_na_base_pair_step.tilt 
_ndb_struct_na_base_pair_step.roll 
_ndb_struct_na_base_pair_step.twist 
_ndb_struct_na_base_pair_step.x_displacement 
_ndb_struct_na_base_pair_step.y_displacement 
_ndb_struct_na_base_pair_step.helical_rise 
_ndb_struct_na_base_pair_step.inclination 
_ndb_struct_na_base_pair_step.tip 
_ndb_struct_na_base_pair_step.helical_twist 
_ndb_struct_na_base_pair_step.step_number 
_ndb_struct_na_base_pair_step.step_name 
_ndb_struct_na_base_pair_step.i_auth_asym_id_1 
_ndb_struct_na_base_pair_step.i_auth_seq_id_1 
_ndb_struct_na_base_pair_step.i_PDB_ins_code_1 
_ndb_struct_na_base_pair_step.j_auth_asym_id_1 
_ndb_struct_na_base_pair_step.j_auth_seq_id_1 
_ndb_struct_na_base_pair_step.j_PDB_ins_code_1 
_ndb_struct_na_base_pair_step.i_auth_asym_id_2 
_ndb_struct_na_base_pair_step.i_auth_seq_id_2 
_ndb_struct_na_base_pair_step.i_PDB_ins_code_2 
_ndb_struct_na_base_pair_step.j_auth_asym_id_2 
_ndb_struct_na_base_pair_step.j_auth_seq_id_2 
_ndb_struct_na_base_pair_step.j_PDB_ins_code_2 
1 A C 2 1_555 B DG  6 1_555 A G 3 1_555 B DC  5 1_555 0.389  -1.137 3.896 7.236  6.388 36.612 -2.721 0.494  3.662 9.958  -11.279 
37.820 1 BB_C2G3:DC5DG6_CC  B 2 ? C 6 ? B 3 ? C 5 ? 
1 A G 3 1_555 B DC  5 1_555 A A 4 1_555 B US3 4 1_555 0.557  -0.935 3.109 -0.589 6.062 34.003 -2.442 -1.022 2.895 10.263 0.997   
34.528 2 BB_G3A4:US34DC5_CC B 3 ? C 5 ? B 4 ? C 4 ? 
1 A A 4 1_555 B US3 4 1_555 A C 5 1_555 B DG  3 1_555 -0.930 -1.152 3.321 -2.471 9.199 30.829 -3.676 1.246  2.929 16.808 4.514   
32.233 3 BB_A4C5:DG3US34_CC B 4 ? C 4 ? B 5 ? C 3 ? 
1 A C 5 1_555 B DG  3 1_555 A A 6 1_555 B US3 2 1_555 1.414  -1.265 3.043 5.411  4.608 19.607 -5.364 -1.713 2.951 12.992 -15.257 
20.844 4 BB_C5A6:US32DG3_CC B 5 ? C 3 ? B 6 ? C 2 ? 
# 
loop_
_pdbx_entity_nonpoly.entity_id 
_pdbx_entity_nonpoly.name 
_pdbx_entity_nonpoly.comp_id 
4 'MAGNESIUM ION' MG  
5 water           HOH 
# 
_pdbx_initial_refinement_model.id               1 
_pdbx_initial_refinement_model.entity_id_list   ? 
_pdbx_initial_refinement_model.type             'experimental model' 
_pdbx_initial_refinement_model.source_name      PDB 
_pdbx_initial_refinement_model.accession_code   2G8U 
_pdbx_initial_refinement_model.details          ? 
# 
_pdbx_struct_assembly_auth_evidence.id                     1 
_pdbx_struct_assembly_auth_evidence.assembly_id            1 
_pdbx_struct_assembly_auth_evidence.experimental_support   none 
_pdbx_struct_assembly_auth_evidence.details                ? 
# 
